data_8XKJ
#
_entry.id   8XKJ
#
_entity_poly.entity_id   1
_entity_poly.type   'polypeptide(L)'
_entity_poly.pdbx_seq_one_letter_code
;VAAPSVFIFPPSDEQLKSGTASVVCLLNNFYPREAKVQWKVDNALQSGNSQESVTEQDSKDSTYSLSSTLTLSKADYEKH
KVYACEVTHQGLSSPVTKSFNRGESENLYFQ
;
_entity_poly.pdbx_strand_id   A
#
# COMPACT_ATOMS: atom_id res chain seq x y z
N VAL A 1 1.25 -18.03 11.90
CA VAL A 1 1.40 -16.93 10.95
C VAL A 1 1.90 -15.67 11.65
N ALA A 2 2.72 -14.89 10.94
CA ALA A 2 3.28 -13.66 11.49
C ALA A 2 3.28 -12.55 10.44
N ALA A 3 2.41 -11.57 10.63
CA ALA A 3 2.31 -10.44 9.70
C ALA A 3 3.43 -9.44 9.94
N PRO A 4 4.28 -9.23 8.92
CA PRO A 4 5.40 -8.31 9.00
C PRO A 4 4.95 -6.85 9.04
N SER A 5 5.90 -5.93 8.89
CA SER A 5 5.60 -4.51 8.90
C SER A 5 4.99 -4.06 7.58
N VAL A 6 4.37 -2.88 7.58
CA VAL A 6 3.76 -2.34 6.37
C VAL A 6 4.04 -0.86 6.23
N PHE A 7 4.60 -0.46 5.09
CA PHE A 7 4.92 0.93 4.82
C PHE A 7 4.36 1.38 3.48
N ILE A 8 3.60 2.46 3.49
CA ILE A 8 3.00 2.99 2.27
C ILE A 8 3.49 4.41 1.99
N PHE A 9 3.64 4.74 0.71
CA PHE A 9 4.10 6.07 0.32
C PHE A 9 3.49 6.47 -1.02
N PRO A 10 3.10 7.76 -1.13
CA PRO A 10 2.49 8.30 -2.35
C PRO A 10 3.50 8.40 -3.50
N PRO A 11 2.99 8.69 -4.71
CA PRO A 11 3.83 8.82 -5.90
C PRO A 11 4.70 10.08 -5.86
N SER A 12 5.79 10.06 -6.63
CA SER A 12 6.70 11.19 -6.68
C SER A 12 5.96 12.49 -6.95
N ASP A 13 6.51 13.60 -6.49
CA ASP A 13 5.90 14.91 -6.67
C ASP A 13 5.57 15.15 -8.15
N GLU A 14 6.52 14.80 -9.02
CA GLU A 14 6.32 14.97 -10.45
C GLU A 14 5.51 13.83 -11.04
N GLN A 15 5.54 12.68 -10.38
CA GLN A 15 4.82 11.51 -10.84
C GLN A 15 3.34 11.84 -11.06
N LEU A 16 2.70 12.40 -10.04
CA LEU A 16 1.29 12.77 -10.13
C LEU A 16 1.07 13.77 -11.26
N LYS A 17 2.01 14.69 -11.42
CA LYS A 17 1.92 15.71 -12.46
C LYS A 17 1.79 15.07 -13.84
N SER A 18 2.21 13.81 -13.95
CA SER A 18 2.14 13.09 -15.20
C SER A 18 0.70 12.83 -15.62
N GLY A 19 -0.22 13.05 -14.67
CA GLY A 19 -1.63 12.83 -14.96
C GLY A 19 -2.15 11.52 -14.40
N THR A 20 -1.42 10.97 -13.43
CA THR A 20 -1.81 9.71 -12.82
C THR A 20 -1.04 9.48 -11.52
N ALA A 21 -1.77 9.15 -10.46
CA ALA A 21 -1.16 8.90 -9.16
C ALA A 21 -0.95 7.40 -8.92
N SER A 22 0.25 7.04 -8.50
CA SER A 22 0.59 5.65 -8.25
C SER A 22 1.13 5.46 -6.84
N VAL A 23 0.43 4.68 -6.03
CA VAL A 23 0.84 4.41 -4.66
C VAL A 23 1.68 3.14 -4.57
N VAL A 24 2.70 3.18 -3.73
CA VAL A 24 3.58 2.03 -3.55
C VAL A 24 3.67 1.63 -2.07
N CYS A 25 3.70 0.33 -1.82
CA CYS A 25 3.78 -0.18 -0.47
C CYS A 25 4.90 -1.21 -0.34
N LEU A 26 5.69 -1.09 0.73
CA LEU A 26 6.80 -2.00 0.97
C LEU A 26 6.41 -3.07 1.99
N LEU A 27 6.63 -4.33 1.62
CA LEU A 27 6.31 -5.45 2.49
C LEU A 27 7.57 -6.06 3.08
N ASN A 28 7.50 -6.48 4.34
CA ASN A 28 8.64 -7.09 5.01
C ASN A 28 8.52 -8.61 5.03
N ASN A 29 9.62 -9.29 5.31
CA ASN A 29 9.63 -10.75 5.36
C ASN A 29 8.36 -11.28 6.01
N PHE A 30 7.52 -11.93 5.21
CA PHE A 30 6.27 -12.50 5.70
C PHE A 30 6.42 -13.98 6.00
N TYR A 31 5.45 -14.53 6.72
CA TYR A 31 5.47 -15.95 7.08
C TYR A 31 4.82 -16.80 6.00
N PRO A 32 3.49 -16.64 5.85
CA PRO A 32 2.71 -17.38 4.86
C PRO A 32 3.02 -16.93 3.43
N ARG A 33 3.26 -17.89 2.54
CA ARG A 33 3.56 -17.60 1.15
C ARG A 33 2.39 -16.88 0.49
N GLU A 34 1.22 -16.94 1.11
CA GLU A 34 0.03 -16.29 0.58
C GLU A 34 -0.14 -14.90 1.16
N ALA A 35 0.97 -14.24 1.46
CA ALA A 35 0.95 -12.90 2.03
C ALA A 35 0.60 -11.87 0.97
N LYS A 36 -0.60 -11.29 1.08
CA LYS A 36 -1.05 -10.29 0.13
C LYS A 36 -1.36 -8.97 0.83
N VAL A 37 -0.82 -7.87 0.30
CA VAL A 37 -1.03 -6.55 0.87
C VAL A 37 -2.27 -5.89 0.28
N GLN A 38 -3.11 -5.34 1.14
CA GLN A 38 -4.32 -4.67 0.69
C GLN A 38 -4.10 -3.17 0.52
N TRP A 39 -4.86 -2.56 -0.37
CA TRP A 39 -4.73 -1.13 -0.62
C TRP A 39 -5.88 -0.35 0.03
N LYS A 40 -5.56 0.81 0.60
CA LYS A 40 -6.56 1.64 1.25
C LYS A 40 -6.21 3.12 1.10
N VAL A 41 -7.15 3.88 0.53
CA VAL A 41 -6.95 5.31 0.32
C VAL A 41 -8.17 6.11 0.78
N ASP A 42 -7.96 7.05 1.68
CA ASP A 42 -9.04 7.88 2.19
C ASP A 42 -10.23 7.03 2.61
N ASN A 43 -9.94 5.90 3.25
CA ASN A 43 -10.99 4.99 3.70
C ASN A 43 -11.66 4.29 2.52
N ALA A 44 -10.90 4.12 1.44
CA ALA A 44 -11.42 3.46 0.24
C ALA A 44 -10.44 2.41 -0.27
N LEU A 45 -10.88 1.15 -0.25
CA LEU A 45 -10.04 0.05 -0.72
C LEU A 45 -9.81 0.14 -2.23
N GLN A 46 -8.58 -0.12 -2.65
CA GLN A 46 -8.22 -0.07 -4.06
C GLN A 46 -8.13 -1.47 -4.64
N SER A 47 -9.24 -1.97 -5.18
CA SER A 47 -9.28 -3.31 -5.77
C SER A 47 -9.33 -3.22 -7.30
N GLY A 48 -8.45 -3.96 -7.95
CA GLY A 48 -8.41 -3.96 -9.41
C GLY A 48 -7.44 -2.93 -9.96
N ASN A 49 -7.19 -1.88 -9.19
CA ASN A 49 -6.28 -0.83 -9.61
C ASN A 49 -4.89 -1.04 -9.03
N SER A 50 -4.50 -2.30 -8.90
CA SER A 50 -3.19 -2.64 -8.35
C SER A 50 -2.65 -3.92 -8.98
N GLN A 51 -1.38 -3.89 -9.38
CA GLN A 51 -0.75 -5.04 -10.00
C GLN A 51 0.78 -4.98 -9.85
N GLU A 52 1.35 -5.96 -9.16
CA GLU A 52 2.79 -6.01 -8.96
C GLU A 52 3.32 -7.42 -9.15
N SER A 53 4.62 -7.54 -9.35
CA SER A 53 5.26 -8.84 -9.56
C SER A 53 5.82 -9.38 -8.24
N VAL A 54 6.17 -10.65 -8.24
CA VAL A 54 6.72 -11.29 -7.05
C VAL A 54 8.24 -11.20 -7.02
N THR A 55 8.80 -10.97 -5.84
CA THR A 55 10.25 -10.86 -5.69
C THR A 55 10.85 -12.16 -5.16
N GLU A 56 12.01 -12.53 -5.68
CA GLU A 56 12.68 -13.75 -5.25
C GLU A 56 13.30 -13.58 -3.87
N GLN A 57 13.30 -14.65 -3.10
CA GLN A 57 13.86 -14.62 -1.75
C GLN A 57 15.35 -14.33 -1.79
N ASP A 58 15.84 -13.58 -0.81
CA ASP A 58 17.25 -13.23 -0.73
C ASP A 58 18.12 -14.49 -0.69
N SER A 59 19.43 -14.29 -0.59
CA SER A 59 20.36 -15.41 -0.54
C SER A 59 21.24 -15.33 0.71
N LYS A 60 21.59 -14.11 1.10
CA LYS A 60 22.42 -13.89 2.28
C LYS A 60 21.78 -14.50 3.52
N ASP A 61 20.46 -14.42 3.60
CA ASP A 61 19.74 -14.96 4.73
C ASP A 61 18.47 -15.69 4.28
N SER A 62 18.35 -15.88 2.97
CA SER A 62 17.19 -16.56 2.40
C SER A 62 15.90 -15.92 2.89
N THR A 63 15.91 -14.60 3.02
CA THR A 63 14.73 -13.87 3.48
C THR A 63 13.71 -13.71 2.36
N TYR A 64 12.58 -13.08 2.69
CA TYR A 64 11.51 -12.88 1.71
C TYR A 64 11.05 -11.42 1.72
N SER A 65 10.47 -10.99 0.61
CA SER A 65 9.98 -9.63 0.48
C SER A 65 9.06 -9.48 -0.72
N LEU A 66 8.10 -8.55 -0.62
CA LEU A 66 7.15 -8.32 -1.70
C LEU A 66 6.76 -6.85 -1.78
N SER A 67 6.36 -6.41 -2.96
CA SER A 67 5.96 -5.02 -3.17
C SER A 67 4.71 -4.94 -4.04
N SER A 68 3.87 -3.95 -3.77
CA SER A 68 2.64 -3.76 -4.53
C SER A 68 2.65 -2.42 -5.27
N THR A 69 2.13 -2.42 -6.49
CA THR A 69 2.09 -1.22 -7.30
C THR A 69 0.66 -0.77 -7.55
N LEU A 70 0.27 0.35 -6.95
CA LEU A 70 -1.08 0.89 -7.12
C LEU A 70 -1.13 1.88 -8.27
N THR A 71 -2.10 1.69 -9.16
CA THR A 71 -2.26 2.58 -10.31
C THR A 71 -3.58 3.33 -10.23
N LEU A 72 -3.49 4.64 -10.00
CA LEU A 72 -4.68 5.47 -9.91
C LEU A 72 -4.56 6.70 -10.82
N SER A 73 -5.70 7.26 -11.20
CA SER A 73 -5.73 8.44 -12.07
C SER A 73 -5.48 9.71 -11.27
N LYS A 74 -4.99 10.74 -11.95
CA LYS A 74 -4.70 12.01 -11.31
C LYS A 74 -5.91 12.52 -10.53
N ALA A 75 -7.08 12.49 -11.17
CA ALA A 75 -8.31 12.94 -10.53
C ALA A 75 -8.73 11.98 -9.44
N ASP A 76 -8.50 10.69 -9.65
CA ASP A 76 -8.87 9.67 -8.67
C ASP A 76 -8.19 9.93 -7.33
N TYR A 77 -6.89 10.21 -7.37
CA TYR A 77 -6.13 10.47 -6.16
C TYR A 77 -6.45 11.87 -5.61
N GLU A 78 -6.81 12.77 -6.51
CA GLU A 78 -7.15 14.14 -6.11
C GLU A 78 -8.27 14.14 -5.08
N LYS A 79 -9.20 13.22 -5.22
CA LYS A 79 -10.33 13.11 -4.30
C LYS A 79 -9.90 12.51 -2.97
N HIS A 80 -8.75 11.83 -2.98
CA HIS A 80 -8.22 11.21 -1.78
C HIS A 80 -7.04 11.99 -1.23
N LYS A 81 -6.51 11.54 -0.09
CA LYS A 81 -5.38 12.20 0.54
C LYS A 81 -4.67 11.27 1.51
N VAL A 82 -5.42 10.35 2.09
CA VAL A 82 -4.87 9.39 3.04
C VAL A 82 -4.42 8.11 2.33
N TYR A 83 -3.28 7.58 2.74
CA TYR A 83 -2.74 6.36 2.14
C TYR A 83 -2.29 5.38 3.22
N ALA A 84 -2.82 4.16 3.16
CA ALA A 84 -2.48 3.13 4.12
C ALA A 84 -2.47 1.75 3.48
N CYS A 85 -1.58 0.88 3.95
CA CYS A 85 -1.47 -0.47 3.42
C CYS A 85 -1.24 -1.48 4.54
N GLU A 86 -1.97 -2.59 4.48
CA GLU A 86 -1.85 -3.63 5.50
C GLU A 86 -1.77 -5.02 4.84
N VAL A 87 -1.02 -5.92 5.46
CA VAL A 87 -0.88 -7.27 4.94
C VAL A 87 -1.99 -8.18 5.45
N THR A 88 -2.46 -9.07 4.58
CA THR A 88 -3.53 -9.99 4.93
C THR A 88 -3.15 -11.43 4.59
N HIS A 89 -3.71 -12.37 5.34
CA HIS A 89 -3.43 -13.79 5.12
C HIS A 89 -4.20 -14.66 6.11
N GLN A 90 -3.96 -15.97 6.05
CA GLN A 90 -4.63 -16.90 6.94
C GLN A 90 -4.49 -16.46 8.39
N GLY A 91 -3.38 -15.82 8.71
CA GLY A 91 -3.15 -15.36 10.07
C GLY A 91 -4.18 -14.34 10.52
N LEU A 92 -3.77 -13.08 10.59
CA LEU A 92 -4.66 -12.01 11.01
C LEU A 92 -4.89 -11.02 9.87
N SER A 93 -6.03 -10.32 9.93
CA SER A 93 -6.38 -9.34 8.90
C SER A 93 -5.23 -8.36 8.69
N SER A 94 -4.73 -7.80 9.78
CA SER A 94 -3.64 -6.84 9.71
C SER A 94 -2.99 -6.66 11.08
N PRO A 95 -1.65 -6.69 11.11
CA PRO A 95 -0.87 -6.53 12.34
C PRO A 95 -0.94 -5.12 12.89
N VAL A 96 -0.55 -4.14 12.07
CA VAL A 96 -0.57 -2.74 12.46
C VAL A 96 -1.04 -1.85 11.32
N THR A 97 -1.97 -0.95 11.62
CA THR A 97 -2.50 -0.04 10.62
C THR A 97 -1.63 1.20 10.48
N LYS A 98 -0.99 1.35 9.33
CA LYS A 98 -0.13 2.49 9.07
C LYS A 98 -0.67 3.34 7.93
N SER A 99 -1.10 4.56 8.26
CA SER A 99 -1.65 5.47 7.25
C SER A 99 -1.09 6.88 7.45
N PHE A 100 -1.22 7.71 6.41
CA PHE A 100 -0.74 9.07 6.46
C PHE A 100 -1.52 9.97 5.49
N ASN A 101 -1.74 11.21 5.90
CA ASN A 101 -2.47 12.16 5.07
C ASN A 101 -1.52 12.97 4.18
N ARG A 102 -1.96 13.27 2.96
CA ARG A 102 -1.14 14.03 2.02
C ARG A 102 -1.64 15.47 1.93
N GLY A 103 -2.96 15.65 2.04
CA GLY A 103 -3.53 16.98 1.96
C GLY A 103 -3.88 17.55 3.32
N GLU A 104 -4.83 16.91 4.01
CA GLU A 104 -5.26 17.35 5.32
C GLU A 104 -5.68 16.17 6.19
N SER A 105 -5.89 16.42 7.47
CA SER A 105 -6.29 15.38 8.41
C SER A 105 -7.73 14.94 8.13
N GLU A 106 -8.07 13.75 8.61
CA GLU A 106 -9.42 13.20 8.42
C GLU A 106 -10.28 13.44 9.67
N ASN A 107 -10.21 14.64 10.21
CA ASN A 107 -10.98 15.00 11.39
C ASN A 107 -11.73 16.31 11.18
N LEU A 108 -12.26 16.50 9.97
CA LEU A 108 -13.02 17.70 9.65
C LEU A 108 -14.36 17.35 9.03
N TYR A 109 -15.17 18.37 8.78
CA TYR A 109 -16.49 18.17 8.19
C TYR A 109 -16.39 17.86 6.70
N PHE A 110 -17.50 17.42 6.11
CA PHE A 110 -17.52 17.08 4.69
C PHE A 110 -16.98 18.23 3.85
N GLN A 111 -16.44 17.90 2.68
CA GLN A 111 -15.89 18.90 1.78
C GLN A 111 -16.49 18.77 0.39
N VAL A 1 1.59 -18.45 11.73
CA VAL A 1 1.71 -17.33 10.80
C VAL A 1 2.21 -16.08 11.52
N ALA A 2 2.99 -15.27 10.81
CA ALA A 2 3.54 -14.05 11.37
C ALA A 2 3.50 -12.92 10.36
N ALA A 3 2.63 -11.94 10.59
CA ALA A 3 2.50 -10.80 9.68
C ALA A 3 3.61 -9.78 9.93
N PRO A 4 4.43 -9.56 8.90
CA PRO A 4 5.55 -8.60 8.98
C PRO A 4 5.08 -7.15 9.05
N SER A 5 6.02 -6.22 8.90
CA SER A 5 5.69 -4.80 8.95
C SER A 5 5.07 -4.34 7.64
N VAL A 6 4.41 -3.19 7.68
CA VAL A 6 3.76 -2.63 6.50
C VAL A 6 4.00 -1.13 6.39
N PHE A 7 4.56 -0.70 5.26
CA PHE A 7 4.84 0.71 5.04
C PHE A 7 4.28 1.17 3.69
N ILE A 8 3.49 2.24 3.72
CA ILE A 8 2.88 2.78 2.52
C ILE A 8 3.35 4.21 2.26
N PHE A 9 3.51 4.56 0.99
CA PHE A 9 3.95 5.90 0.61
C PHE A 9 3.32 6.32 -0.71
N PRO A 10 2.89 7.60 -0.77
CA PRO A 10 2.25 8.15 -1.97
C PRO A 10 3.24 8.33 -3.12
N PRO A 11 2.71 8.63 -4.31
CA PRO A 11 3.54 8.83 -5.51
C PRO A 11 4.36 10.11 -5.44
N SER A 12 5.43 10.16 -6.24
CA SER A 12 6.30 11.33 -6.27
C SER A 12 5.50 12.61 -6.47
N ASP A 13 6.03 13.73 -5.98
CA ASP A 13 5.35 15.01 -6.11
C ASP A 13 4.99 15.29 -7.57
N GLU A 14 5.93 15.02 -8.47
CA GLU A 14 5.70 15.24 -9.90
C GLU A 14 4.91 14.09 -10.51
N GLN A 15 5.02 12.92 -9.89
CA GLN A 15 4.32 11.73 -10.37
C GLN A 15 2.83 12.02 -10.57
N LEU A 16 2.18 12.52 -9.53
CA LEU A 16 0.76 12.84 -9.59
C LEU A 16 0.48 13.88 -10.66
N LYS A 17 1.40 14.83 -10.81
CA LYS A 17 1.26 15.88 -11.80
C LYS A 17 1.15 15.30 -13.21
N SER A 18 1.61 14.06 -13.37
CA SER A 18 1.56 13.38 -14.66
C SER A 18 0.12 13.09 -15.07
N GLY A 19 -0.80 13.24 -14.12
CA GLY A 19 -2.20 12.97 -14.40
C GLY A 19 -2.66 11.64 -13.86
N THR A 20 -1.89 11.07 -12.93
CA THR A 20 -2.22 9.78 -12.34
C THR A 20 -1.42 9.53 -11.07
N ALA A 21 -2.11 9.16 -10.01
CA ALA A 21 -1.45 8.88 -8.73
C ALA A 21 -1.21 7.38 -8.55
N SER A 22 0.01 7.03 -8.16
CA SER A 22 0.37 5.63 -7.95
C SER A 22 0.94 5.42 -6.54
N VAL A 23 0.21 4.65 -5.73
CA VAL A 23 0.66 4.36 -4.37
C VAL A 23 1.50 3.09 -4.31
N VAL A 24 2.54 3.11 -3.49
CA VAL A 24 3.41 1.96 -3.34
C VAL A 24 3.53 1.53 -1.88
N CYS A 25 3.58 0.23 -1.65
CA CYS A 25 3.69 -0.30 -0.29
C CYS A 25 4.83 -1.30 -0.19
N LEU A 26 5.62 -1.19 0.86
CA LEU A 26 6.75 -2.09 1.08
C LEU A 26 6.40 -3.19 2.08
N LEU A 27 6.62 -4.44 1.68
CA LEU A 27 6.33 -5.58 2.53
C LEU A 27 7.61 -6.20 3.08
N ASN A 28 7.56 -6.64 4.33
CA ASN A 28 8.72 -7.25 4.97
C ASN A 28 8.61 -8.77 4.95
N ASN A 29 9.73 -9.45 5.21
CA ASN A 29 9.76 -10.91 5.22
C ASN A 29 8.50 -11.47 5.89
N PHE A 30 7.66 -12.11 5.10
CA PHE A 30 6.43 -12.70 5.61
C PHE A 30 6.60 -14.19 5.88
N TYR A 31 5.65 -14.77 6.60
CA TYR A 31 5.70 -16.20 6.92
C TYR A 31 5.04 -17.02 5.82
N PRO A 32 3.72 -16.89 5.68
CA PRO A 32 2.94 -17.62 4.67
C PRO A 32 3.25 -17.14 3.26
N ARG A 33 3.47 -18.08 2.35
CA ARG A 33 3.76 -17.76 0.96
C ARG A 33 2.59 -17.03 0.31
N GLU A 34 1.43 -17.11 0.96
CA GLU A 34 0.23 -16.46 0.44
C GLU A 34 0.06 -15.06 1.05
N ALA A 35 1.18 -14.42 1.33
CA ALA A 35 1.17 -13.08 1.92
C ALA A 35 0.74 -12.03 0.89
N LYS A 36 -0.45 -11.48 1.08
CA LYS A 36 -0.97 -10.47 0.16
C LYS A 36 -1.28 -9.17 0.91
N VAL A 37 -0.78 -8.06 0.37
CA VAL A 37 -1.00 -6.75 0.98
C VAL A 37 -2.26 -6.08 0.42
N GLN A 38 -3.08 -5.55 1.31
CA GLN A 38 -4.32 -4.88 0.90
C GLN A 38 -4.10 -3.38 0.74
N TRP A 39 -4.91 -2.76 -0.11
CA TRP A 39 -4.80 -1.32 -0.35
C TRP A 39 -5.94 -0.58 0.34
N LYS A 40 -5.62 0.57 0.92
CA LYS A 40 -6.60 1.40 1.61
C LYS A 40 -6.29 2.88 1.47
N VAL A 41 -7.24 3.63 0.94
CA VAL A 41 -7.06 5.07 0.76
C VAL A 41 -8.27 5.85 1.25
N ASP A 42 -8.05 6.77 2.18
CA ASP A 42 -9.13 7.59 2.72
C ASP A 42 -10.31 6.71 3.13
N ASN A 43 -10.01 5.57 3.74
CA ASN A 43 -11.05 4.64 4.19
C ASN A 43 -11.73 3.97 3.00
N ALA A 44 -10.98 3.82 1.91
CA ALA A 44 -11.50 3.19 0.70
C ALA A 44 -10.52 2.15 0.17
N LEU A 45 -10.96 0.89 0.15
CA LEU A 45 -10.12 -0.20 -0.35
C LEU A 45 -9.91 -0.09 -1.85
N GLN A 46 -8.68 -0.34 -2.30
CA GLN A 46 -8.36 -0.26 -3.72
C GLN A 46 -8.24 -1.67 -4.31
N SER A 47 -9.35 -2.17 -4.84
CA SER A 47 -9.38 -3.49 -5.45
C SER A 47 -9.46 -3.40 -6.97
N GLY A 48 -8.56 -4.12 -7.65
CA GLY A 48 -8.55 -4.09 -9.11
C GLY A 48 -7.61 -3.04 -9.65
N ASN A 49 -7.37 -1.98 -8.89
CA ASN A 49 -6.49 -0.91 -9.31
C ASN A 49 -5.09 -1.11 -8.75
N SER A 50 -4.66 -2.37 -8.65
CA SER A 50 -3.34 -2.69 -8.13
C SER A 50 -2.79 -3.95 -8.79
N GLN A 51 -1.53 -3.89 -9.21
CA GLN A 51 -0.88 -5.02 -9.86
C GLN A 51 0.64 -4.93 -9.73
N GLU A 52 1.24 -5.92 -9.09
CA GLU A 52 2.69 -5.94 -8.90
C GLU A 52 3.23 -7.35 -9.13
N SER A 53 4.54 -7.43 -9.36
CA SER A 53 5.20 -8.72 -9.60
C SER A 53 5.78 -9.28 -8.31
N VAL A 54 6.16 -10.55 -8.34
CA VAL A 54 6.74 -11.21 -7.18
C VAL A 54 8.26 -11.06 -7.16
N THR A 55 8.78 -10.59 -6.03
CA THR A 55 10.22 -10.39 -5.88
C THR A 55 10.91 -11.70 -5.49
N GLU A 56 12.07 -11.96 -6.10
CA GLU A 56 12.83 -13.17 -5.81
C GLU A 56 13.47 -13.09 -4.43
N GLN A 57 13.55 -14.24 -3.76
CA GLN A 57 14.15 -14.29 -2.43
C GLN A 57 15.53 -13.66 -2.43
N ASP A 58 15.86 -12.98 -1.33
CA ASP A 58 17.15 -12.32 -1.19
C ASP A 58 18.29 -13.33 -1.35
N SER A 59 19.52 -12.84 -1.21
CA SER A 59 20.70 -13.71 -1.34
C SER A 59 21.59 -13.59 -0.11
N LYS A 60 21.67 -12.38 0.44
CA LYS A 60 22.48 -12.14 1.62
C LYS A 60 22.02 -13.00 2.80
N ASP A 61 20.70 -13.18 2.92
CA ASP A 61 20.14 -13.98 3.99
C ASP A 61 19.00 -14.84 3.48
N SER A 62 18.85 -14.91 2.16
CA SER A 62 17.80 -15.70 1.54
C SER A 62 16.45 -15.37 2.14
N THR A 63 16.25 -14.10 2.50
CA THR A 63 15.01 -13.66 3.10
C THR A 63 13.92 -13.47 2.04
N TYR A 64 12.73 -13.10 2.48
CA TYR A 64 11.61 -12.90 1.57
C TYR A 64 11.15 -11.45 1.60
N SER A 65 10.55 -11.00 0.51
CA SER A 65 10.06 -9.63 0.39
C SER A 65 9.12 -9.48 -0.79
N LEU A 66 8.13 -8.61 -0.65
CA LEU A 66 7.15 -8.37 -1.71
C LEU A 66 6.75 -6.90 -1.76
N SER A 67 6.31 -6.45 -2.93
CA SER A 67 5.89 -5.07 -3.11
C SER A 67 4.63 -4.98 -3.96
N SER A 68 3.78 -4.00 -3.67
CA SER A 68 2.54 -3.81 -4.40
C SER A 68 2.53 -2.47 -5.12
N THR A 69 1.99 -2.44 -6.33
CA THR A 69 1.91 -1.22 -7.12
C THR A 69 0.47 -0.80 -7.35
N LEU A 70 0.08 0.31 -6.73
CA LEU A 70 -1.27 0.83 -6.85
C LEU A 70 -1.36 1.85 -7.99
N THR A 71 -2.36 1.68 -8.85
CA THR A 71 -2.55 2.58 -9.98
C THR A 71 -3.88 3.32 -9.87
N LEU A 72 -3.80 4.62 -9.60
CA LEU A 72 -4.99 5.45 -9.47
C LEU A 72 -4.92 6.67 -10.37
N SER A 73 -6.07 7.21 -10.74
CA SER A 73 -6.12 8.39 -11.60
C SER A 73 -5.91 9.66 -10.78
N LYS A 74 -5.47 10.72 -11.46
CA LYS A 74 -5.23 12.00 -10.81
C LYS A 74 -6.45 12.44 -10.02
N ALA A 75 -7.61 12.37 -10.64
CA ALA A 75 -8.85 12.77 -9.99
C ALA A 75 -9.20 11.82 -8.84
N ASP A 76 -8.94 10.53 -9.05
CA ASP A 76 -9.22 9.53 -8.04
C ASP A 76 -8.48 9.84 -6.74
N TYR A 77 -7.19 10.14 -6.85
CA TYR A 77 -6.38 10.46 -5.68
C TYR A 77 -6.73 11.83 -5.13
N GLU A 78 -7.18 12.72 -6.01
CA GLU A 78 -7.55 14.07 -5.61
C GLU A 78 -8.63 14.04 -4.53
N LYS A 79 -9.52 13.05 -4.63
CA LYS A 79 -10.61 12.91 -3.66
C LYS A 79 -10.11 12.24 -2.38
N HIS A 80 -8.94 11.63 -2.47
CA HIS A 80 -8.35 10.94 -1.31
C HIS A 80 -7.19 11.76 -0.74
N LYS A 81 -6.63 11.28 0.37
CA LYS A 81 -5.51 11.95 1.02
C LYS A 81 -4.78 11.00 1.97
N VAL A 82 -5.53 10.07 2.55
CA VAL A 82 -4.96 9.10 3.48
C VAL A 82 -4.51 7.85 2.75
N TYR A 83 -3.35 7.32 3.16
CA TYR A 83 -2.80 6.11 2.55
C TYR A 83 -2.37 5.11 3.60
N ALA A 84 -2.89 3.89 3.51
CA ALA A 84 -2.55 2.84 4.46
C ALA A 84 -2.53 1.47 3.78
N CYS A 85 -1.63 0.61 4.24
CA CYS A 85 -1.51 -0.73 3.67
C CYS A 85 -1.25 -1.76 4.77
N GLU A 86 -1.96 -2.89 4.69
CA GLU A 86 -1.81 -3.95 5.67
C GLU A 86 -1.70 -5.31 5.00
N VAL A 87 -0.91 -6.20 5.60
CA VAL A 87 -0.73 -7.54 5.05
C VAL A 87 -1.82 -8.49 5.53
N THR A 88 -2.25 -9.38 4.64
CA THR A 88 -3.30 -10.35 4.98
C THR A 88 -2.87 -11.76 4.59
N HIS A 89 -3.44 -12.75 5.28
CA HIS A 89 -3.12 -14.14 5.00
C HIS A 89 -3.92 -15.07 5.92
N GLN A 90 -3.69 -16.37 5.78
CA GLN A 90 -4.39 -17.36 6.60
C GLN A 90 -4.33 -17.00 8.08
N GLY A 91 -3.21 -16.37 8.48
CA GLY A 91 -3.05 -15.98 9.86
C GLY A 91 -4.09 -14.97 10.31
N LEU A 92 -3.67 -13.71 10.44
CA LEU A 92 -4.57 -12.65 10.87
C LEU A 92 -4.80 -11.65 9.75
N SER A 93 -5.94 -10.96 9.79
CA SER A 93 -6.27 -9.97 8.78
C SER A 93 -5.14 -8.96 8.62
N SER A 94 -4.68 -8.41 9.73
CA SER A 94 -3.60 -7.42 9.71
C SER A 94 -3.00 -7.24 11.09
N PRO A 95 -1.67 -7.23 11.16
CA PRO A 95 -0.94 -7.07 12.43
C PRO A 95 -1.07 -5.65 13.00
N VAL A 96 -0.68 -4.66 12.22
CA VAL A 96 -0.76 -3.27 12.65
C VAL A 96 -1.23 -2.37 11.50
N THR A 97 -2.08 -1.40 11.83
CA THR A 97 -2.60 -0.47 10.84
C THR A 97 -1.74 0.78 10.75
N LYS A 98 -1.08 0.96 9.61
CA LYS A 98 -0.22 2.13 9.39
C LYS A 98 -0.77 3.00 8.27
N SER A 99 -1.21 4.20 8.62
CA SER A 99 -1.76 5.14 7.64
C SER A 99 -1.20 6.54 7.86
N PHE A 100 -1.34 7.39 6.85
CA PHE A 100 -0.85 8.76 6.93
C PHE A 100 -1.64 9.68 6.00
N ASN A 101 -1.86 10.91 6.44
CA ASN A 101 -2.61 11.88 5.64
C ASN A 101 -1.66 12.73 4.80
N ARG A 102 -1.95 12.84 3.51
CA ARG A 102 -1.12 13.62 2.59
C ARG A 102 -1.58 15.08 2.56
N GLY A 103 -2.88 15.27 2.40
CA GLY A 103 -3.42 16.62 2.34
C GLY A 103 -3.62 17.21 3.73
N GLU A 104 -4.60 16.71 4.46
CA GLU A 104 -4.89 17.19 5.81
C GLU A 104 -5.53 16.10 6.66
N SER A 105 -5.83 16.43 7.91
CA SER A 105 -6.44 15.48 8.83
C SER A 105 -7.81 15.04 8.33
N GLU A 106 -8.30 13.92 8.86
CA GLU A 106 -9.60 13.40 8.47
C GLU A 106 -10.72 14.15 9.18
N ASN A 107 -10.77 15.46 8.99
CA ASN A 107 -11.79 16.29 9.62
C ASN A 107 -11.97 17.61 8.87
N LEU A 108 -11.85 17.55 7.55
CA LEU A 108 -11.98 18.74 6.71
C LEU A 108 -12.98 18.49 5.58
N TYR A 109 -13.35 19.56 4.89
CA TYR A 109 -14.29 19.46 3.78
C TYR A 109 -13.61 19.76 2.45
N PHE A 110 -14.31 19.47 1.35
CA PHE A 110 -13.77 19.72 0.02
C PHE A 110 -13.35 21.17 -0.14
N GLN A 111 -12.26 21.39 -0.87
CA GLN A 111 -11.75 22.74 -1.10
C GLN A 111 -11.86 23.11 -2.57
N VAL A 1 1.04 -18.80 11.49
CA VAL A 1 1.15 -17.66 10.60
C VAL A 1 1.63 -16.42 11.35
N ALA A 2 2.51 -15.66 10.71
CA ALA A 2 3.06 -14.45 11.33
C ALA A 2 3.10 -13.31 10.32
N ALA A 3 2.21 -12.33 10.49
CA ALA A 3 2.15 -11.19 9.59
C ALA A 3 3.20 -10.15 9.97
N PRO A 4 4.13 -9.88 9.03
CA PRO A 4 5.21 -8.91 9.23
C PRO A 4 4.69 -7.48 9.28
N SER A 5 5.61 -6.52 9.18
CA SER A 5 5.25 -5.11 9.22
C SER A 5 4.82 -4.62 7.84
N VAL A 6 4.26 -3.43 7.79
CA VAL A 6 3.81 -2.85 6.53
C VAL A 6 4.14 -1.35 6.45
N PHE A 7 4.40 -0.87 5.25
CA PHE A 7 4.73 0.53 5.04
C PHE A 7 4.19 1.04 3.71
N ILE A 8 3.42 2.12 3.75
CA ILE A 8 2.84 2.70 2.55
C ILE A 8 3.36 4.11 2.31
N PHE A 9 3.51 4.47 1.04
CA PHE A 9 4.00 5.79 0.67
C PHE A 9 3.37 6.28 -0.63
N PRO A 10 2.98 7.55 -0.67
CA PRO A 10 2.36 8.15 -1.85
C PRO A 10 3.35 8.32 -3.00
N PRO A 11 2.82 8.65 -4.19
CA PRO A 11 3.63 8.85 -5.39
C PRO A 11 4.50 10.10 -5.32
N SER A 12 5.57 10.12 -6.11
CA SER A 12 6.47 11.27 -6.12
C SER A 12 5.70 12.57 -6.34
N ASP A 13 6.25 13.67 -5.84
CA ASP A 13 5.63 14.98 -5.98
C ASP A 13 5.29 15.26 -7.44
N GLU A 14 6.22 14.95 -8.33
CA GLU A 14 6.02 15.18 -9.76
C GLU A 14 5.21 14.04 -10.38
N GLN A 15 5.27 12.87 -9.75
CA GLN A 15 4.54 11.71 -10.24
C GLN A 15 3.07 12.04 -10.45
N LEU A 16 2.43 12.55 -9.41
CA LEU A 16 1.01 12.90 -9.48
C LEU A 16 0.77 13.95 -10.56
N LYS A 17 1.72 14.87 -10.71
CA LYS A 17 1.60 15.93 -11.72
C LYS A 17 1.48 15.34 -13.12
N SER A 18 1.91 14.08 -13.26
CA SER A 18 1.85 13.40 -14.55
C SER A 18 0.40 13.15 -14.97
N GLY A 19 -0.52 13.32 -14.02
CA GLY A 19 -1.93 13.11 -14.31
C GLY A 19 -2.43 11.78 -13.80
N THR A 20 -1.70 11.19 -12.85
CA THR A 20 -2.07 9.90 -12.28
C THR A 20 -1.28 9.63 -11.01
N ALA A 21 -2.00 9.26 -9.94
CA ALA A 21 -1.37 8.97 -8.67
C ALA A 21 -1.13 7.47 -8.51
N SER A 22 0.07 7.11 -8.07
CA SER A 22 0.43 5.71 -7.88
C SER A 22 0.97 5.47 -6.48
N VAL A 23 0.27 4.63 -5.71
CA VAL A 23 0.69 4.33 -4.35
C VAL A 23 1.52 3.05 -4.31
N VAL A 24 2.55 3.05 -3.47
CA VAL A 24 3.43 1.89 -3.33
C VAL A 24 3.54 1.45 -1.87
N CYS A 25 3.51 0.15 -1.66
CA CYS A 25 3.61 -0.40 -0.30
C CYS A 25 4.74 -1.43 -0.21
N LEU A 26 5.48 -1.37 0.88
CA LEU A 26 6.60 -2.30 1.10
C LEU A 26 6.24 -3.36 2.12
N LEU A 27 6.46 -4.62 1.78
CA LEU A 27 6.17 -5.72 2.68
C LEU A 27 7.43 -6.25 3.33
N ASN A 28 7.32 -6.67 4.59
CA ASN A 28 8.45 -7.19 5.33
C ASN A 28 8.47 -8.72 5.30
N ASN A 29 9.63 -9.30 5.58
CA ASN A 29 9.77 -10.75 5.58
C ASN A 29 8.57 -11.42 6.23
N PHE A 30 7.78 -12.11 5.42
CA PHE A 30 6.59 -12.80 5.93
C PHE A 30 6.89 -14.27 6.22
N TYR A 31 6.00 -14.91 6.94
CA TYR A 31 6.16 -16.32 7.29
C TYR A 31 5.55 -17.22 6.23
N PRO A 32 4.21 -17.30 6.21
CA PRO A 32 3.48 -18.13 5.25
C PRO A 32 3.56 -17.57 3.84
N ARG A 33 3.76 -18.46 2.86
CA ARG A 33 3.86 -18.06 1.47
C ARG A 33 2.58 -17.36 1.02
N GLU A 34 1.50 -17.56 1.77
CA GLU A 34 0.22 -16.94 1.45
C GLU A 34 0.15 -15.51 1.99
N ALA A 35 1.20 -14.74 1.75
CA ALA A 35 1.26 -13.36 2.20
C ALA A 35 0.81 -12.40 1.11
N LYS A 36 -0.03 -11.44 1.47
CA LYS A 36 -0.53 -10.46 0.51
C LYS A 36 -0.84 -9.14 1.21
N VAL A 37 -0.64 -8.04 0.49
CA VAL A 37 -0.90 -6.71 1.04
C VAL A 37 -2.20 -6.13 0.48
N GLN A 38 -2.93 -5.42 1.33
CA GLN A 38 -4.19 -4.81 0.92
C GLN A 38 -4.04 -3.30 0.71
N TRP A 39 -4.88 -2.74 -0.14
CA TRP A 39 -4.83 -1.31 -0.42
C TRP A 39 -6.00 -0.58 0.24
N LYS A 40 -5.71 0.55 0.87
CA LYS A 40 -6.74 1.34 1.54
C LYS A 40 -6.43 2.83 1.44
N VAL A 41 -7.36 3.60 0.91
CA VAL A 41 -7.18 5.03 0.76
C VAL A 41 -8.43 5.79 1.23
N ASP A 42 -8.23 6.71 2.16
CA ASP A 42 -9.34 7.51 2.68
C ASP A 42 -10.51 6.61 3.08
N ASN A 43 -10.20 5.47 3.69
CA ASN A 43 -11.22 4.53 4.12
C ASN A 43 -11.88 3.85 2.92
N ALA A 44 -11.12 3.73 1.83
CA ALA A 44 -11.63 3.10 0.62
C ALA A 44 -10.64 2.08 0.07
N LEU A 45 -11.07 0.82 0.03
CA LEU A 45 -10.22 -0.25 -0.48
C LEU A 45 -9.99 -0.12 -1.97
N GLN A 46 -8.74 -0.31 -2.40
CA GLN A 46 -8.40 -0.20 -3.81
C GLN A 46 -8.29 -1.60 -4.45
N SER A 47 -9.40 -2.07 -5.00
CA SER A 47 -9.44 -3.39 -5.64
C SER A 47 -9.49 -3.25 -7.16
N GLY A 48 -8.61 -3.97 -7.84
CA GLY A 48 -8.57 -3.92 -9.29
C GLY A 48 -7.61 -2.88 -9.81
N ASN A 49 -7.37 -1.84 -9.01
CA ASN A 49 -6.45 -0.77 -9.40
C ASN A 49 -5.06 -1.00 -8.81
N SER A 50 -4.66 -2.27 -8.73
CA SER A 50 -3.36 -2.63 -8.19
C SER A 50 -2.83 -3.89 -8.85
N GLN A 51 -1.55 -3.85 -9.24
CA GLN A 51 -0.92 -5.00 -9.88
C GLN A 51 0.60 -4.93 -9.75
N GLU A 52 1.18 -5.94 -9.08
CA GLU A 52 2.62 -5.99 -8.88
C GLU A 52 3.14 -7.41 -9.09
N SER A 53 4.45 -7.53 -9.29
CA SER A 53 5.07 -8.82 -9.50
C SER A 53 5.64 -9.39 -8.20
N VAL A 54 5.99 -10.66 -8.22
CA VAL A 54 6.54 -11.32 -7.04
C VAL A 54 8.06 -11.20 -7.00
N THR A 55 8.57 -10.64 -5.91
CA THR A 55 10.02 -10.46 -5.74
C THR A 55 10.67 -11.75 -5.26
N GLU A 56 11.53 -12.32 -6.09
CA GLU A 56 12.23 -13.55 -5.75
C GLU A 56 13.03 -13.38 -4.47
N GLN A 57 13.10 -14.45 -3.67
CA GLN A 57 13.83 -14.42 -2.41
C GLN A 57 15.25 -13.90 -2.62
N ASP A 58 15.77 -13.19 -1.63
CA ASP A 58 17.11 -12.65 -1.70
C ASP A 58 18.14 -13.75 -1.98
N SER A 59 19.41 -13.36 -2.07
CA SER A 59 20.48 -14.31 -2.35
C SER A 59 21.56 -14.23 -1.27
N LYS A 60 21.76 -13.03 -0.74
CA LYS A 60 22.77 -12.82 0.30
C LYS A 60 22.33 -13.45 1.61
N ASP A 61 21.03 -13.44 1.88
CA ASP A 61 20.49 -14.02 3.10
C ASP A 61 19.23 -14.83 2.80
N SER A 62 18.91 -14.97 1.52
CA SER A 62 17.73 -15.72 1.11
C SER A 62 16.49 -15.23 1.84
N THR A 63 16.40 -13.91 2.03
CA THR A 63 15.26 -13.31 2.72
C THR A 63 14.05 -13.22 1.80
N TYR A 64 12.88 -12.98 2.39
CA TYR A 64 11.65 -12.88 1.63
C TYR A 64 11.07 -11.47 1.72
N SER A 65 10.44 -11.02 0.64
CA SER A 65 9.85 -9.69 0.59
C SER A 65 8.92 -9.55 -0.61
N LEU A 66 7.95 -8.63 -0.50
CA LEU A 66 6.99 -8.40 -1.57
C LEU A 66 6.62 -6.93 -1.65
N SER A 67 6.22 -6.50 -2.85
CA SER A 67 5.83 -5.10 -3.06
C SER A 67 4.59 -5.01 -3.94
N SER A 68 3.69 -4.09 -3.60
CA SER A 68 2.46 -3.90 -4.35
C SER A 68 2.45 -2.54 -5.04
N THR A 69 1.91 -2.51 -6.26
CA THR A 69 1.84 -1.27 -7.02
C THR A 69 0.39 -0.84 -7.23
N LEU A 70 0.06 0.35 -6.75
CA LEU A 70 -1.30 0.89 -6.87
C LEU A 70 -1.36 1.92 -8.00
N THR A 71 -2.34 1.75 -8.90
CA THR A 71 -2.51 2.67 -10.01
C THR A 71 -3.83 3.42 -9.88
N LEU A 72 -3.74 4.72 -9.60
CA LEU A 72 -4.92 5.56 -9.46
C LEU A 72 -4.81 6.81 -10.32
N SER A 73 -5.95 7.39 -10.68
CA SER A 73 -5.98 8.59 -11.50
C SER A 73 -5.74 9.84 -10.65
N LYS A 74 -5.24 10.89 -11.29
CA LYS A 74 -4.97 12.14 -10.59
C LYS A 74 -6.19 12.61 -9.81
N ALA A 75 -7.36 12.57 -10.47
CA ALA A 75 -8.60 12.98 -9.83
C ALA A 75 -9.03 11.99 -8.75
N ASP A 76 -8.77 10.71 -8.99
CA ASP A 76 -9.12 9.67 -8.04
C ASP A 76 -8.44 9.90 -6.69
N TYR A 77 -7.14 10.18 -6.73
CA TYR A 77 -6.37 10.42 -5.52
C TYR A 77 -6.69 11.79 -4.93
N GLU A 78 -7.06 12.72 -5.81
CA GLU A 78 -7.40 14.08 -5.39
C GLU A 78 -8.51 14.08 -4.35
N LYS A 79 -9.45 13.15 -4.51
CA LYS A 79 -10.57 13.03 -3.59
C LYS A 79 -10.13 12.36 -2.28
N HIS A 80 -8.98 11.70 -2.32
CA HIS A 80 -8.45 11.02 -1.13
C HIS A 80 -7.28 11.79 -0.55
N LYS A 81 -6.76 11.30 0.57
CA LYS A 81 -5.62 11.95 1.23
C LYS A 81 -4.92 10.97 2.17
N VAL A 82 -5.68 10.03 2.72
CA VAL A 82 -5.13 9.04 3.64
C VAL A 82 -4.67 7.79 2.89
N TYR A 83 -3.50 7.28 3.25
CA TYR A 83 -2.97 6.09 2.61
C TYR A 83 -2.48 5.08 3.64
N ALA A 84 -3.01 3.86 3.56
CA ALA A 84 -2.63 2.81 4.49
C ALA A 84 -2.62 1.44 3.80
N CYS A 85 -1.71 0.58 4.23
CA CYS A 85 -1.59 -0.75 3.65
C CYS A 85 -1.30 -1.79 4.74
N GLU A 86 -2.05 -2.88 4.72
CA GLU A 86 -1.88 -3.95 5.69
C GLU A 86 -1.94 -5.31 5.02
N VAL A 87 -1.16 -6.26 5.54
CA VAL A 87 -1.12 -7.61 5.00
C VAL A 87 -2.23 -8.46 5.58
N THR A 88 -2.75 -9.40 4.78
CA THR A 88 -3.81 -10.29 5.21
C THR A 88 -3.53 -11.72 4.80
N HIS A 89 -3.90 -12.67 5.66
CA HIS A 89 -3.69 -14.08 5.38
C HIS A 89 -4.40 -14.96 6.42
N GLN A 90 -4.17 -16.26 6.34
CA GLN A 90 -4.80 -17.20 7.27
C GLN A 90 -4.65 -16.71 8.70
N GLY A 91 -3.53 -16.07 9.01
CA GLY A 91 -3.30 -15.57 10.35
C GLY A 91 -4.35 -14.57 10.79
N LEU A 92 -4.06 -13.30 10.60
CA LEU A 92 -4.99 -12.23 10.99
C LEU A 92 -5.19 -11.25 9.84
N SER A 93 -6.33 -10.56 9.86
CA SER A 93 -6.65 -9.59 8.81
C SER A 93 -5.50 -8.61 8.61
N SER A 94 -4.94 -8.12 9.71
CA SER A 94 -3.84 -7.17 9.66
C SER A 94 -3.12 -7.09 11.01
N PRO A 95 -1.78 -7.18 10.97
CA PRO A 95 -0.96 -7.12 12.18
C PRO A 95 -0.95 -5.73 12.81
N VAL A 96 -0.58 -4.73 12.01
CA VAL A 96 -0.54 -3.35 12.49
C VAL A 96 -1.07 -2.38 11.44
N THR A 97 -1.93 -1.46 11.87
CA THR A 97 -2.51 -0.48 10.96
C THR A 97 -1.60 0.74 10.81
N LYS A 98 -1.06 0.92 9.61
CA LYS A 98 -0.18 2.05 9.33
C LYS A 98 -0.76 2.93 8.24
N SER A 99 -1.16 4.14 8.61
CA SER A 99 -1.73 5.09 7.66
C SER A 99 -1.19 6.49 7.88
N PHE A 100 -1.35 7.35 6.89
CA PHE A 100 -0.87 8.72 6.98
C PHE A 100 -1.68 9.65 6.06
N ASN A 101 -1.86 10.89 6.50
CA ASN A 101 -2.61 11.87 5.72
C ASN A 101 -1.67 12.74 4.90
N ARG A 102 -1.84 12.70 3.57
CA ARG A 102 -1.01 13.49 2.68
C ARG A 102 -1.55 14.90 2.53
N GLY A 103 -2.84 15.01 2.22
CA GLY A 103 -3.46 16.32 2.06
C GLY A 103 -3.69 17.02 3.38
N GLU A 104 -4.65 16.51 4.17
CA GLU A 104 -4.96 17.09 5.46
C GLU A 104 -5.54 16.04 6.41
N SER A 105 -5.69 16.42 7.67
CA SER A 105 -6.23 15.50 8.69
C SER A 105 -7.60 14.99 8.27
N GLU A 106 -8.15 14.08 9.06
CA GLU A 106 -9.46 13.49 8.78
C GLU A 106 -10.57 14.32 9.43
N ASN A 107 -10.52 15.63 9.21
CA ASN A 107 -11.53 16.53 9.77
C ASN A 107 -11.76 17.72 8.84
N LEU A 108 -11.72 17.47 7.54
CA LEU A 108 -11.93 18.51 6.55
C LEU A 108 -12.98 18.09 5.52
N TYR A 109 -13.43 19.05 4.73
CA TYR A 109 -14.44 18.77 3.70
C TYR A 109 -13.95 19.22 2.33
N PHE A 110 -14.65 18.78 1.29
CA PHE A 110 -14.29 19.14 -0.08
C PHE A 110 -14.16 20.64 -0.23
N GLN A 111 -15.30 21.34 -0.22
CA GLN A 111 -15.32 22.79 -0.36
C GLN A 111 -16.73 23.33 -0.20
N VAL A 1 0.87 -18.02 12.11
CA VAL A 1 1.04 -16.95 11.14
C VAL A 1 1.47 -15.65 11.82
N ALA A 2 2.36 -14.91 11.17
CA ALA A 2 2.85 -13.66 11.72
C ALA A 2 2.93 -12.58 10.64
N ALA A 3 2.08 -11.56 10.75
CA ALA A 3 2.05 -10.49 9.78
C ALA A 3 3.18 -9.49 10.04
N PRO A 4 4.05 -9.31 9.03
CA PRO A 4 5.19 -8.40 9.13
C PRO A 4 4.76 -6.94 9.15
N SER A 5 5.73 -6.03 9.02
CA SER A 5 5.45 -4.60 9.03
C SER A 5 4.92 -4.15 7.68
N VAL A 6 4.37 -2.94 7.64
CA VAL A 6 3.82 -2.38 6.40
C VAL A 6 4.19 -0.91 6.26
N PHE A 7 4.65 -0.54 5.06
CA PHE A 7 5.03 0.84 4.78
C PHE A 7 4.45 1.31 3.45
N ILE A 8 3.76 2.44 3.48
CA ILE A 8 3.16 3.00 2.28
C ILE A 8 3.70 4.40 1.99
N PHE A 9 3.85 4.71 0.71
CA PHE A 9 4.35 6.02 0.31
C PHE A 9 3.75 6.44 -1.04
N PRO A 10 3.41 7.74 -1.16
CA PRO A 10 2.82 8.29 -2.38
C PRO A 10 3.83 8.35 -3.53
N PRO A 11 3.32 8.65 -4.74
CA PRO A 11 4.17 8.76 -5.94
C PRO A 11 5.09 9.97 -5.90
N SER A 12 6.16 9.91 -6.67
CA SER A 12 7.13 11.00 -6.73
C SER A 12 6.42 12.34 -7.00
N ASP A 13 7.03 13.42 -6.54
CA ASP A 13 6.46 14.75 -6.73
C ASP A 13 6.14 15.00 -8.20
N GLU A 14 7.07 14.62 -9.08
CA GLU A 14 6.88 14.80 -10.51
C GLU A 14 6.01 13.68 -11.09
N GLN A 15 6.02 12.53 -10.42
CA GLN A 15 5.23 11.38 -10.87
C GLN A 15 3.77 11.77 -11.10
N LEU A 16 3.16 12.35 -10.07
CA LEU A 16 1.76 12.77 -10.15
C LEU A 16 1.57 13.78 -11.28
N LYS A 17 2.55 14.66 -11.46
CA LYS A 17 2.48 15.67 -12.50
C LYS A 17 2.33 15.03 -13.89
N SER A 18 2.70 13.76 -13.98
CA SER A 18 2.60 13.03 -15.23
C SER A 18 1.14 12.83 -15.64
N GLY A 19 0.24 13.09 -14.71
CA GLY A 19 -1.18 12.94 -14.98
C GLY A 19 -1.75 11.65 -14.41
N THR A 20 -1.04 11.07 -13.44
CA THR A 20 -1.48 9.83 -12.82
C THR A 20 -0.71 9.56 -11.52
N ALA A 21 -1.44 9.28 -10.45
CA ALA A 21 -0.83 9.01 -9.17
C ALA A 21 -0.68 7.51 -8.93
N SER A 22 0.51 7.10 -8.48
CA SER A 22 0.80 5.70 -8.23
C SER A 22 1.32 5.50 -6.81
N VAL A 23 0.61 4.69 -6.03
CA VAL A 23 1.01 4.42 -4.66
C VAL A 23 1.81 3.12 -4.57
N VAL A 24 2.84 3.13 -3.72
CA VAL A 24 3.69 1.96 -3.53
C VAL A 24 3.77 1.56 -2.07
N CYS A 25 3.72 0.25 -1.82
CA CYS A 25 3.78 -0.27 -0.46
C CYS A 25 4.88 -1.32 -0.33
N LEU A 26 5.67 -1.21 0.74
CA LEU A 26 6.76 -2.15 0.97
C LEU A 26 6.35 -3.20 2.00
N LEU A 27 6.54 -4.47 1.64
CA LEU A 27 6.18 -5.57 2.55
C LEU A 27 7.44 -6.20 3.14
N ASN A 28 7.35 -6.59 4.41
CA ASN A 28 8.47 -7.22 5.10
C ASN A 28 8.32 -8.74 5.13
N ASN A 29 9.42 -9.43 5.41
CA ASN A 29 9.41 -10.89 5.47
C ASN A 29 8.14 -11.39 6.16
N PHE A 30 7.28 -12.04 5.38
CA PHE A 30 6.03 -12.57 5.90
C PHE A 30 6.17 -14.06 6.24
N TYR A 31 5.20 -14.59 6.97
CA TYR A 31 5.22 -15.99 7.37
C TYR A 31 4.56 -16.86 6.30
N PRO A 32 3.23 -16.72 6.15
CA PRO A 32 2.46 -17.48 5.18
C PRO A 32 2.75 -17.05 3.74
N ARG A 33 2.96 -18.05 2.88
CA ARG A 33 3.26 -17.78 1.48
C ARG A 33 2.10 -17.07 0.80
N GLU A 34 0.94 -17.08 1.45
CA GLU A 34 -0.26 -16.45 0.91
C GLU A 34 -0.37 -15.00 1.40
N ALA A 35 0.78 -14.35 1.56
CA ALA A 35 0.81 -12.97 2.02
C ALA A 35 0.42 -12.02 0.90
N LYS A 36 -0.32 -10.96 1.25
CA LYS A 36 -0.76 -9.97 0.27
C LYS A 36 -0.93 -8.61 0.93
N VAL A 37 -0.67 -7.55 0.17
CA VAL A 37 -0.80 -6.19 0.67
C VAL A 37 -2.13 -5.58 0.26
N GLN A 38 -2.73 -4.80 1.16
CA GLN A 38 -4.01 -4.16 0.90
C GLN A 38 -3.82 -2.69 0.57
N TRP A 39 -4.75 -2.13 -0.19
CA TRP A 39 -4.68 -0.73 -0.58
C TRP A 39 -5.83 0.07 0.04
N LYS A 40 -5.50 1.21 0.64
CA LYS A 40 -6.50 2.06 1.27
C LYS A 40 -6.13 3.54 1.12
N VAL A 41 -7.04 4.30 0.53
CA VAL A 41 -6.81 5.73 0.34
C VAL A 41 -8.02 6.55 0.79
N ASP A 42 -7.78 7.49 1.70
CA ASP A 42 -8.85 8.34 2.22
C ASP A 42 -10.04 7.51 2.65
N ASN A 43 -9.78 6.37 3.28
CA ASN A 43 -10.84 5.48 3.75
C ASN A 43 -11.52 4.80 2.57
N ALA A 44 -10.78 4.60 1.50
CA ALA A 44 -11.31 3.95 0.30
C ALA A 44 -10.37 2.86 -0.20
N LEU A 45 -10.86 1.62 -0.21
CA LEU A 45 -10.05 0.49 -0.67
C LEU A 45 -9.83 0.56 -2.18
N GLN A 46 -8.60 0.30 -2.61
CA GLN A 46 -8.25 0.34 -4.02
C GLN A 46 -8.21 -1.08 -4.60
N SER A 47 -9.34 -1.53 -5.13
CA SER A 47 -9.43 -2.86 -5.72
C SER A 47 -9.50 -2.78 -7.24
N GLY A 48 -8.65 -3.57 -7.90
CA GLY A 48 -8.63 -3.57 -9.36
C GLY A 48 -7.62 -2.60 -9.92
N ASN A 49 -7.32 -1.55 -9.16
CA ASN A 49 -6.35 -0.54 -9.59
C ASN A 49 -4.98 -0.81 -9.00
N SER A 50 -4.64 -2.09 -8.85
CA SER A 50 -3.35 -2.48 -8.30
C SER A 50 -2.85 -3.76 -8.94
N GLN A 51 -1.54 -3.81 -9.20
CA GLN A 51 -0.93 -4.98 -9.82
C GLN A 51 0.59 -4.94 -9.67
N GLU A 52 1.14 -5.95 -9.01
CA GLU A 52 2.58 -6.04 -8.80
C GLU A 52 3.07 -7.47 -9.01
N SER A 53 4.38 -7.61 -9.20
CA SER A 53 4.99 -8.92 -9.42
C SER A 53 5.50 -9.50 -8.10
N VAL A 54 5.86 -10.78 -8.14
CA VAL A 54 6.37 -11.46 -6.95
C VAL A 54 7.88 -11.32 -6.83
N THR A 55 8.34 -10.75 -5.73
CA THR A 55 9.77 -10.54 -5.50
C THR A 55 10.43 -11.84 -5.06
N GLU A 56 11.51 -12.21 -5.74
CA GLU A 56 12.25 -13.42 -5.42
C GLU A 56 13.00 -13.27 -4.10
N GLN A 57 13.13 -14.38 -3.36
CA GLN A 57 13.82 -14.37 -2.08
C GLN A 57 15.25 -13.88 -2.24
N ASP A 58 15.83 -13.41 -1.14
CA ASP A 58 17.21 -12.90 -1.15
C ASP A 58 18.17 -13.99 -1.61
N SER A 59 19.46 -13.64 -1.68
CA SER A 59 20.47 -14.59 -2.11
C SER A 59 21.54 -14.76 -1.02
N LYS A 60 21.62 -13.78 -0.12
CA LYS A 60 22.60 -13.82 0.96
C LYS A 60 22.00 -14.48 2.20
N ASP A 61 20.67 -14.39 2.33
CA ASP A 61 19.98 -14.98 3.47
C ASP A 61 18.77 -15.78 3.01
N SER A 62 18.36 -15.56 1.76
CA SER A 62 17.20 -16.26 1.21
C SER A 62 15.92 -15.86 1.94
N THR A 63 15.83 -14.57 2.29
CA THR A 63 14.66 -14.06 2.99
C THR A 63 13.49 -13.87 2.03
N TYR A 64 12.33 -13.54 2.58
CA TYR A 64 11.13 -13.33 1.79
C TYR A 64 10.72 -11.86 1.80
N SER A 65 10.10 -11.41 0.70
CA SER A 65 9.66 -10.03 0.59
C SER A 65 8.71 -9.86 -0.60
N LEU A 66 7.83 -8.87 -0.51
CA LEU A 66 6.88 -8.60 -1.57
C LEU A 66 6.57 -7.11 -1.67
N SER A 67 6.14 -6.67 -2.85
CA SER A 67 5.82 -5.27 -3.08
C SER A 67 4.56 -5.13 -3.92
N SER A 68 3.73 -4.16 -3.57
CA SER A 68 2.48 -3.91 -4.29
C SER A 68 2.51 -2.57 -5.00
N THR A 69 1.96 -2.53 -6.20
CA THR A 69 1.93 -1.31 -6.99
C THR A 69 0.50 -0.84 -7.23
N LEU A 70 0.23 0.43 -6.92
CA LEU A 70 -1.10 0.99 -7.09
C LEU A 70 -1.12 1.99 -8.25
N THR A 71 -2.09 1.83 -9.14
CA THR A 71 -2.22 2.71 -10.30
C THR A 71 -3.50 3.53 -10.22
N LEU A 72 -3.35 4.82 -9.97
CA LEU A 72 -4.50 5.73 -9.87
C LEU A 72 -4.33 6.93 -10.78
N SER A 73 -5.44 7.55 -11.15
CA SER A 73 -5.40 8.72 -12.02
C SER A 73 -5.09 9.98 -11.24
N LYS A 74 -4.61 11.01 -11.92
CA LYS A 74 -4.26 12.27 -11.29
C LYS A 74 -5.46 12.82 -10.51
N ALA A 75 -6.63 12.82 -11.14
CA ALA A 75 -7.84 13.32 -10.52
C ALA A 75 -8.30 12.39 -9.39
N ASP A 76 -8.11 11.09 -9.59
CA ASP A 76 -8.50 10.10 -8.59
C ASP A 76 -7.80 10.36 -7.27
N TYR A 77 -6.49 10.57 -7.31
CA TYR A 77 -5.71 10.82 -6.12
C TYR A 77 -5.95 12.24 -5.60
N GLU A 78 -6.28 13.15 -6.51
CA GLU A 78 -6.54 14.54 -6.15
C GLU A 78 -7.66 14.63 -5.11
N LYS A 79 -8.64 13.74 -5.24
CA LYS A 79 -9.77 13.72 -4.32
C LYS A 79 -9.38 13.09 -2.99
N HIS A 80 -8.26 12.35 -2.99
CA HIS A 80 -7.78 11.69 -1.78
C HIS A 80 -6.57 12.44 -1.22
N LYS A 81 -6.07 11.95 -0.08
CA LYS A 81 -4.93 12.56 0.57
C LYS A 81 -4.26 11.59 1.54
N VAL A 82 -5.06 10.70 2.12
CA VAL A 82 -4.55 9.71 3.05
C VAL A 82 -4.15 8.42 2.34
N TYR A 83 -3.03 7.85 2.75
CA TYR A 83 -2.54 6.61 2.15
C TYR A 83 -2.12 5.61 3.21
N ALA A 84 -2.70 4.42 3.16
CA ALA A 84 -2.39 3.37 4.12
C ALA A 84 -2.40 1.99 3.47
N CYS A 85 -1.56 1.09 3.97
CA CYS A 85 -1.48 -0.26 3.41
C CYS A 85 -1.28 -1.27 4.54
N GLU A 86 -2.07 -2.35 4.50
CA GLU A 86 -1.98 -3.39 5.51
C GLU A 86 -2.04 -4.78 4.86
N VAL A 87 -1.30 -5.72 5.44
CA VAL A 87 -1.26 -7.08 4.92
C VAL A 87 -2.40 -7.92 5.48
N THR A 88 -2.90 -8.85 4.68
CA THR A 88 -4.00 -9.71 5.10
C THR A 88 -3.74 -11.17 4.70
N HIS A 89 -3.72 -12.06 5.69
CA HIS A 89 -3.50 -13.48 5.44
C HIS A 89 -4.26 -14.33 6.44
N GLN A 90 -4.04 -15.64 6.38
CA GLN A 90 -4.71 -16.57 7.27
C GLN A 90 -4.62 -16.10 8.73
N GLY A 91 -3.50 -15.47 9.07
CA GLY A 91 -3.31 -14.97 10.42
C GLY A 91 -4.39 -14.00 10.84
N LEU A 92 -4.16 -12.72 10.58
CA LEU A 92 -5.11 -11.68 10.94
C LEU A 92 -5.33 -10.71 9.77
N SER A 93 -6.48 -10.04 9.76
CA SER A 93 -6.80 -9.09 8.71
C SER A 93 -5.68 -8.08 8.53
N SER A 94 -5.18 -7.55 9.64
CA SER A 94 -4.10 -6.57 9.61
C SER A 94 -3.45 -6.42 10.99
N PRO A 95 -2.12 -6.50 11.03
CA PRO A 95 -1.36 -6.38 12.27
C PRO A 95 -1.38 -4.97 12.83
N VAL A 96 -0.94 -4.01 12.02
CA VAL A 96 -0.91 -2.61 12.42
C VAL A 96 -1.35 -1.70 11.30
N THR A 97 -2.14 -0.68 11.63
CA THR A 97 -2.63 0.27 10.63
C THR A 97 -1.70 1.46 10.51
N LYS A 98 -1.05 1.58 9.35
CA LYS A 98 -0.13 2.69 9.09
C LYS A 98 -0.62 3.55 7.95
N SER A 99 -1.00 4.79 8.26
CA SER A 99 -1.49 5.71 7.24
C SER A 99 -0.89 7.10 7.43
N PHE A 100 -0.98 7.92 6.40
CA PHE A 100 -0.43 9.27 6.45
C PHE A 100 -1.18 10.20 5.49
N ASN A 101 -1.36 11.45 5.90
CA ASN A 101 -2.06 12.43 5.08
C ASN A 101 -1.08 13.20 4.20
N ARG A 102 -1.50 13.51 2.98
CA ARG A 102 -0.67 14.26 2.04
C ARG A 102 -1.34 15.54 1.59
N GLY A 103 -2.13 16.13 2.49
CA GLY A 103 -2.83 17.36 2.17
C GLY A 103 -3.73 17.82 3.30
N GLU A 104 -4.92 17.24 3.38
CA GLU A 104 -5.88 17.60 4.42
C GLU A 104 -5.72 16.70 5.65
N SER A 105 -6.58 16.91 6.65
CA SER A 105 -6.53 16.13 7.87
C SER A 105 -7.79 15.27 8.01
N GLU A 106 -7.69 14.25 8.85
CA GLU A 106 -8.82 13.35 9.09
C GLU A 106 -9.66 13.83 10.27
N ASN A 107 -9.91 15.13 10.32
CA ASN A 107 -10.71 15.71 11.40
C ASN A 107 -11.80 16.62 10.84
N LEU A 108 -12.37 16.23 9.70
CA LEU A 108 -13.42 17.01 9.07
C LEU A 108 -14.59 16.11 8.68
N TYR A 109 -15.65 16.72 8.14
CA TYR A 109 -16.83 15.97 7.73
C TYR A 109 -16.51 15.04 6.57
N PHE A 110 -17.43 14.12 6.28
CA PHE A 110 -17.24 13.16 5.19
C PHE A 110 -16.89 13.88 3.89
N GLN A 111 -17.84 14.67 3.40
CA GLN A 111 -17.63 15.41 2.15
C GLN A 111 -17.48 16.91 2.43
N VAL A 1 0.56 -17.53 12.24
CA VAL A 1 0.74 -16.46 11.27
C VAL A 1 1.24 -15.18 11.94
N ALA A 2 2.10 -14.45 11.25
CA ALA A 2 2.65 -13.20 11.78
C ALA A 2 2.68 -12.12 10.71
N ALA A 3 1.81 -11.13 10.86
CA ALA A 3 1.74 -10.03 9.90
C ALA A 3 2.86 -9.02 10.15
N PRO A 4 3.74 -8.84 9.14
CA PRO A 4 4.87 -7.91 9.23
C PRO A 4 4.42 -6.45 9.21
N SER A 5 5.38 -5.54 9.09
CA SER A 5 5.08 -4.12 9.07
C SER A 5 4.53 -3.70 7.70
N VAL A 6 4.01 -2.48 7.63
CA VAL A 6 3.46 -1.95 6.39
C VAL A 6 3.86 -0.50 6.19
N PHE A 7 4.41 -0.20 5.01
CA PHE A 7 4.82 1.16 4.69
C PHE A 7 4.30 1.58 3.32
N ILE A 8 3.62 2.72 3.27
CA ILE A 8 3.07 3.24 2.03
C ILE A 8 3.63 4.61 1.71
N PHE A 9 3.84 4.88 0.41
CA PHE A 9 4.37 6.17 -0.02
C PHE A 9 3.81 6.54 -1.39
N PRO A 10 3.45 7.82 -1.55
CA PRO A 10 2.90 8.34 -2.81
C PRO A 10 3.94 8.39 -3.91
N PRO A 11 3.48 8.64 -5.15
CA PRO A 11 4.36 8.72 -6.32
C PRO A 11 5.24 9.96 -6.30
N SER A 12 6.33 9.92 -7.05
CA SER A 12 7.26 11.04 -7.12
C SER A 12 6.52 12.34 -7.46
N ASP A 13 7.09 13.45 -7.02
CA ASP A 13 6.49 14.77 -7.28
C ASP A 13 6.19 14.94 -8.77
N GLU A 14 7.16 14.58 -9.60
CA GLU A 14 7.00 14.69 -11.05
C GLU A 14 6.20 13.53 -11.61
N GLN A 15 6.22 12.40 -10.90
CA GLN A 15 5.50 11.21 -11.34
C GLN A 15 4.05 11.54 -11.62
N LEU A 16 3.36 12.14 -10.65
CA LEU A 16 1.97 12.50 -10.81
C LEU A 16 1.78 13.47 -11.97
N LYS A 17 2.73 14.37 -12.14
CA LYS A 17 2.68 15.36 -13.22
C LYS A 17 2.62 14.68 -14.58
N SER A 18 3.04 13.41 -14.62
CA SER A 18 3.03 12.65 -15.86
C SER A 18 1.59 12.37 -16.33
N GLY A 19 0.64 12.63 -15.44
CA GLY A 19 -0.75 12.41 -15.78
C GLY A 19 -1.30 11.13 -15.18
N THR A 20 -0.61 10.61 -14.18
CA THR A 20 -1.03 9.37 -13.52
C THR A 20 -0.29 9.17 -12.20
N ALA A 21 -1.05 8.90 -11.14
CA ALA A 21 -0.46 8.69 -9.83
C ALA A 21 -0.28 7.20 -9.54
N SER A 22 0.89 6.84 -9.01
CA SER A 22 1.20 5.45 -8.70
C SER A 22 1.65 5.31 -7.26
N VAL A 23 0.91 4.53 -6.47
CA VAL A 23 1.23 4.31 -5.07
C VAL A 23 2.04 3.02 -4.90
N VAL A 24 3.02 3.07 -4.01
CA VAL A 24 3.86 1.90 -3.73
C VAL A 24 3.88 1.58 -2.25
N CYS A 25 3.84 0.29 -1.93
CA CYS A 25 3.85 -0.17 -0.55
C CYS A 25 4.96 -1.19 -0.32
N LEU A 26 5.68 -1.03 0.78
CA LEU A 26 6.77 -1.94 1.12
C LEU A 26 6.32 -2.98 2.13
N LEU A 27 6.52 -4.25 1.81
CA LEU A 27 6.14 -5.34 2.70
C LEU A 27 7.36 -5.97 3.36
N ASN A 28 7.22 -6.33 4.63
CA ASN A 28 8.32 -6.94 5.37
C ASN A 28 8.16 -8.46 5.44
N ASN A 29 9.22 -9.15 5.82
CA ASN A 29 9.21 -10.59 5.92
C ASN A 29 7.88 -11.08 6.52
N PHE A 30 7.08 -11.75 5.69
CA PHE A 30 5.79 -12.26 6.12
C PHE A 30 5.87 -13.75 6.45
N TYR A 31 4.85 -14.27 7.12
CA TYR A 31 4.81 -15.68 7.49
C TYR A 31 4.18 -16.51 6.38
N PRO A 32 2.88 -16.32 6.16
CA PRO A 32 2.12 -17.04 5.13
C PRO A 32 2.52 -16.62 3.72
N ARG A 33 2.78 -17.60 2.86
CA ARG A 33 3.16 -17.33 1.49
C ARG A 33 2.08 -16.54 0.76
N GLU A 34 0.87 -16.55 1.32
CA GLU A 34 -0.25 -15.84 0.72
C GLU A 34 -0.36 -14.42 1.27
N ALA A 35 0.80 -13.79 1.47
CA ALA A 35 0.84 -12.42 2.00
C ALA A 35 0.59 -11.41 0.89
N LYS A 36 -0.58 -10.79 0.92
CA LYS A 36 -0.94 -9.79 -0.08
C LYS A 36 -1.04 -8.40 0.55
N VAL A 37 -0.69 -7.38 -0.22
CA VAL A 37 -0.75 -6.00 0.25
C VAL A 37 -2.10 -5.37 -0.06
N GLN A 38 -2.66 -4.68 0.93
CA GLN A 38 -3.95 -4.02 0.76
C GLN A 38 -3.78 -2.57 0.35
N TRP A 39 -4.65 -2.09 -0.54
CA TRP A 39 -4.59 -0.72 -1.01
C TRP A 39 -5.77 0.10 -0.49
N LYS A 40 -5.48 1.27 0.07
CA LYS A 40 -6.51 2.14 0.61
C LYS A 40 -6.15 3.60 0.40
N VAL A 41 -7.03 4.34 -0.26
CA VAL A 41 -6.80 5.76 -0.52
C VAL A 41 -8.03 6.59 -0.16
N ASP A 42 -7.83 7.58 0.71
CA ASP A 42 -8.92 8.44 1.14
C ASP A 42 -10.13 7.62 1.56
N ASN A 43 -9.88 6.52 2.27
CA ASN A 43 -10.95 5.66 2.73
C ASN A 43 -11.59 4.90 1.57
N ALA A 44 -10.80 4.66 0.53
CA ALA A 44 -11.29 3.95 -0.64
C ALA A 44 -10.31 2.86 -1.07
N LEU A 45 -10.77 1.61 -0.99
CA LEU A 45 -9.93 0.47 -1.37
C LEU A 45 -9.65 0.47 -2.87
N GLN A 46 -8.40 0.20 -3.24
CA GLN A 46 -8.00 0.17 -4.64
C GLN A 46 -7.95 -1.26 -5.15
N SER A 47 -9.06 -1.73 -5.70
CA SER A 47 -9.13 -3.09 -6.23
C SER A 47 -9.13 -3.08 -7.75
N GLY A 48 -8.25 -3.89 -8.35
CA GLY A 48 -8.17 -3.96 -9.79
C GLY A 48 -7.14 -2.99 -10.37
N ASN A 49 -6.89 -1.90 -9.64
CA ASN A 49 -5.92 -0.91 -10.08
C ASN A 49 -4.56 -1.13 -9.43
N SER A 50 -4.23 -2.40 -9.21
CA SER A 50 -2.96 -2.76 -8.58
C SER A 50 -2.44 -4.08 -9.13
N GLN A 51 -1.12 -4.17 -9.31
CA GLN A 51 -0.50 -5.38 -9.83
C GLN A 51 1.01 -5.33 -9.66
N GLU A 52 1.55 -6.28 -8.91
CA GLU A 52 2.99 -6.34 -8.66
C GLU A 52 3.50 -7.78 -8.76
N SER A 53 4.81 -7.93 -8.96
CA SER A 53 5.42 -9.24 -9.08
C SER A 53 5.96 -9.72 -7.73
N VAL A 54 6.29 -11.01 -7.66
CA VAL A 54 6.82 -11.58 -6.43
C VAL A 54 8.34 -11.51 -6.40
N THR A 55 8.89 -11.23 -5.22
CA THR A 55 10.35 -11.13 -5.06
C THR A 55 10.92 -12.42 -4.47
N GLU A 56 11.95 -12.95 -5.12
CA GLU A 56 12.59 -14.17 -4.66
C GLU A 56 13.20 -13.98 -3.27
N GLN A 57 13.15 -15.03 -2.47
CA GLN A 57 13.69 -14.98 -1.11
C GLN A 57 15.17 -14.59 -1.14
N ASP A 58 15.58 -13.77 -0.16
CA ASP A 58 16.95 -13.33 -0.07
C ASP A 58 17.90 -14.52 0.04
N SER A 59 19.19 -14.22 0.18
CA SER A 59 20.21 -15.26 0.29
C SER A 59 21.06 -15.08 1.53
N LYS A 60 21.43 -13.83 1.80
CA LYS A 60 22.24 -13.50 2.97
C LYS A 60 21.61 -14.05 4.24
N ASP A 61 20.29 -13.97 4.32
CA ASP A 61 19.55 -14.46 5.49
C ASP A 61 18.32 -15.27 5.06
N SER A 62 18.23 -15.53 3.77
CA SER A 62 17.09 -16.28 3.22
C SER A 62 15.77 -15.70 3.71
N THR A 63 15.73 -14.38 3.85
CA THR A 63 14.53 -13.70 4.31
C THR A 63 13.50 -13.57 3.18
N TYR A 64 12.35 -13.01 3.50
CA TYR A 64 11.29 -12.83 2.52
C TYR A 64 10.85 -11.37 2.44
N SER A 65 10.34 -10.97 1.28
CA SER A 65 9.89 -9.60 1.08
C SER A 65 9.03 -9.49 -0.18
N LEU A 66 8.08 -8.56 -0.16
CA LEU A 66 7.19 -8.35 -1.30
C LEU A 66 6.84 -6.87 -1.45
N SER A 67 6.45 -6.49 -2.65
CA SER A 67 6.09 -5.10 -2.93
C SER A 67 4.84 -5.03 -3.81
N SER A 68 4.02 -4.01 -3.59
CA SER A 68 2.79 -3.83 -4.35
C SER A 68 2.86 -2.55 -5.19
N THR A 69 2.34 -2.62 -6.41
CA THR A 69 2.33 -1.47 -7.31
C THR A 69 0.90 -1.02 -7.61
N LEU A 70 0.58 0.22 -7.24
CA LEU A 70 -0.74 0.77 -7.47
C LEU A 70 -0.73 1.72 -8.67
N THR A 71 -1.68 1.52 -9.58
CA THR A 71 -1.78 2.35 -10.77
C THR A 71 -3.07 3.16 -10.77
N LEU A 72 -2.95 4.46 -10.57
CA LEU A 72 -4.11 5.35 -10.53
C LEU A 72 -3.93 6.51 -11.51
N SER A 73 -5.05 7.07 -11.97
CA SER A 73 -5.01 8.18 -12.90
C SER A 73 -4.78 9.50 -12.17
N LYS A 74 -4.25 10.49 -12.90
CA LYS A 74 -3.99 11.80 -12.31
C LYS A 74 -5.23 12.36 -11.62
N ALA A 75 -6.36 12.29 -12.31
CA ALA A 75 -7.63 12.78 -11.76
C ALA A 75 -8.06 11.94 -10.56
N ASP A 76 -7.84 10.64 -10.65
CA ASP A 76 -8.21 9.72 -9.58
C ASP A 76 -7.52 10.11 -8.27
N TYR A 77 -6.22 10.34 -8.33
CA TYR A 77 -5.45 10.72 -7.16
C TYR A 77 -5.75 12.16 -6.75
N GLU A 78 -6.10 12.98 -7.74
CA GLU A 78 -6.40 14.39 -7.47
C GLU A 78 -7.53 14.52 -6.46
N LYS A 79 -8.48 13.59 -6.53
CA LYS A 79 -9.62 13.60 -5.61
C LYS A 79 -9.25 12.96 -4.27
N HIS A 80 -8.12 12.28 -4.25
CA HIS A 80 -7.65 11.64 -3.02
C HIS A 80 -6.48 12.40 -2.41
N LYS A 81 -6.03 11.96 -1.25
CA LYS A 81 -4.91 12.60 -0.56
C LYS A 81 -4.30 11.68 0.49
N VAL A 82 -5.14 10.80 1.06
CA VAL A 82 -4.69 9.87 2.07
C VAL A 82 -4.24 8.55 1.44
N TYR A 83 -3.15 8.00 1.95
CA TYR A 83 -2.62 6.74 1.45
C TYR A 83 -2.26 5.79 2.59
N ALA A 84 -2.83 4.59 2.55
CA ALA A 84 -2.57 3.58 3.57
C ALA A 84 -2.51 2.19 2.98
N CYS A 85 -1.70 1.33 3.58
CA CYS A 85 -1.55 -0.04 3.11
C CYS A 85 -1.36 -1.00 4.29
N GLU A 86 -2.09 -2.13 4.23
CA GLU A 86 -2.01 -3.13 5.29
C GLU A 86 -1.89 -4.54 4.70
N VAL A 87 -1.17 -5.41 5.39
CA VAL A 87 -0.99 -6.79 4.94
C VAL A 87 -2.15 -7.66 5.39
N THR A 88 -2.53 -8.61 4.54
CA THR A 88 -3.62 -9.52 4.85
C THR A 88 -3.22 -10.98 4.59
N HIS A 89 -3.84 -11.90 5.33
CA HIS A 89 -3.54 -13.32 5.18
C HIS A 89 -4.38 -14.15 6.14
N GLN A 90 -4.15 -15.46 6.14
CA GLN A 90 -4.89 -16.37 7.00
C GLN A 90 -4.94 -15.84 8.43
N GLY A 91 -3.85 -15.21 8.87
CA GLY A 91 -3.79 -14.67 10.21
C GLY A 91 -4.88 -13.67 10.49
N LEU A 92 -4.57 -12.39 10.29
CA LEU A 92 -5.54 -11.33 10.52
C LEU A 92 -5.65 -10.40 9.31
N SER A 93 -6.79 -9.75 9.15
CA SER A 93 -7.01 -8.85 8.04
C SER A 93 -5.88 -7.84 7.92
N SER A 94 -5.54 -7.20 9.05
CA SER A 94 -4.47 -6.21 9.08
C SER A 94 -3.95 -6.01 10.49
N PRO A 95 -2.62 -6.03 10.65
CA PRO A 95 -1.96 -5.86 11.94
C PRO A 95 -2.11 -4.43 12.47
N VAL A 96 -1.63 -3.47 11.69
CA VAL A 96 -1.69 -2.07 12.08
C VAL A 96 -2.05 -1.18 10.89
N THR A 97 -2.90 -0.20 11.12
CA THR A 97 -3.32 0.73 10.07
C THR A 97 -2.41 1.94 10.00
N LYS A 98 -1.67 2.06 8.90
CA LYS A 98 -0.76 3.18 8.72
C LYS A 98 -1.14 3.99 7.49
N SER A 99 -1.59 5.22 7.71
CA SER A 99 -1.99 6.10 6.61
C SER A 99 -1.40 7.50 6.80
N PHE A 100 -1.39 8.28 5.72
CA PHE A 100 -0.86 9.63 5.76
C PHE A 100 -1.51 10.50 4.69
N ASN A 101 -1.73 11.77 5.02
CA ASN A 101 -2.35 12.71 4.08
C ASN A 101 -1.29 13.44 3.27
N ARG A 102 -1.54 13.58 1.97
CA ARG A 102 -0.60 14.27 1.09
C ARG A 102 -1.01 15.72 0.89
N GLY A 103 -2.30 15.98 0.87
CA GLY A 103 -2.80 17.33 0.68
C GLY A 103 -3.25 17.96 1.99
N GLU A 104 -4.37 17.48 2.52
CA GLU A 104 -4.91 18.00 3.76
C GLU A 104 -5.53 16.88 4.60
N SER A 105 -6.00 17.24 5.80
CA SER A 105 -6.61 16.27 6.69
C SER A 105 -8.13 16.40 6.69
N GLU A 106 -8.82 15.27 6.58
CA GLU A 106 -10.27 15.26 6.56
C GLU A 106 -10.82 14.03 7.29
N ASN A 107 -12.13 13.81 7.15
CA ASN A 107 -12.77 12.67 7.80
C ASN A 107 -12.46 12.65 9.29
N LEU A 108 -12.35 13.83 9.90
CA LEU A 108 -12.05 13.93 11.32
C LEU A 108 -13.33 13.91 12.14
N TYR A 109 -13.17 14.03 13.47
CA TYR A 109 -14.32 14.03 14.36
C TYR A 109 -15.36 15.05 13.93
N PHE A 110 -16.44 14.56 13.32
CA PHE A 110 -17.51 15.44 12.85
C PHE A 110 -18.75 15.31 13.74
N GLN A 111 -19.85 15.90 13.30
CA GLN A 111 -21.09 15.86 14.06
C GLN A 111 -21.46 14.42 14.42
N VAL A 1 2.37 -18.39 11.75
CA VAL A 1 2.24 -17.26 10.84
C VAL A 1 2.44 -15.94 11.57
N ALA A 2 3.25 -15.06 10.98
CA ALA A 2 3.53 -13.76 11.58
C ALA A 2 3.56 -12.67 10.51
N ALA A 3 2.66 -11.69 10.64
CA ALA A 3 2.58 -10.59 9.69
C ALA A 3 3.67 -9.56 9.97
N PRO A 4 4.54 -9.33 8.96
CA PRO A 4 5.63 -8.37 9.07
C PRO A 4 5.14 -6.92 9.10
N SER A 5 6.08 -5.98 9.02
CA SER A 5 5.74 -4.57 9.04
C SER A 5 5.11 -4.13 7.72
N VAL A 6 4.45 -2.98 7.74
CA VAL A 6 3.81 -2.45 6.54
C VAL A 6 4.02 -0.95 6.41
N PHE A 7 4.57 -0.54 5.27
CA PHE A 7 4.84 0.88 5.02
C PHE A 7 4.21 1.32 3.71
N ILE A 8 3.40 2.37 3.77
CA ILE A 8 2.74 2.89 2.59
C ILE A 8 3.14 4.35 2.33
N PHE A 9 3.25 4.70 1.05
CA PHE A 9 3.63 6.05 0.67
C PHE A 9 3.00 6.44 -0.67
N PRO A 10 2.55 7.71 -0.76
CA PRO A 10 1.91 8.23 -1.97
C PRO A 10 2.89 8.38 -3.13
N PRO A 11 2.37 8.67 -4.33
CA PRO A 11 3.17 8.83 -5.53
C PRO A 11 4.01 10.11 -5.49
N SER A 12 5.08 10.14 -6.29
CA SER A 12 5.96 11.30 -6.34
C SER A 12 5.16 12.59 -6.55
N ASP A 13 5.70 13.70 -6.08
CA ASP A 13 5.04 14.99 -6.21
C ASP A 13 4.65 15.26 -7.66
N GLU A 14 5.57 14.98 -8.58
CA GLU A 14 5.33 15.19 -10.00
C GLU A 14 4.55 14.03 -10.59
N GLN A 15 4.65 12.87 -9.96
CA GLN A 15 3.94 11.68 -10.43
C GLN A 15 2.47 11.96 -10.62
N LEU A 16 1.82 12.47 -9.58
CA LEU A 16 0.39 12.80 -9.63
C LEU A 16 0.12 13.83 -10.72
N LYS A 17 1.02 14.80 -10.86
CA LYS A 17 0.87 15.84 -11.87
C LYS A 17 0.75 15.25 -13.26
N SER A 18 1.22 14.02 -13.42
CA SER A 18 1.17 13.33 -14.70
C SER A 18 -0.27 13.03 -15.10
N GLY A 19 -1.18 13.19 -14.14
CA GLY A 19 -2.59 12.92 -14.41
C GLY A 19 -3.04 11.58 -13.86
N THR A 20 -2.27 11.03 -12.93
CA THR A 20 -2.59 9.74 -12.34
C THR A 20 -1.78 9.51 -11.07
N ALA A 21 -2.46 9.13 -9.99
CA ALA A 21 -1.80 8.87 -8.71
C ALA A 21 -1.59 7.38 -8.51
N SER A 22 -0.38 7.01 -8.12
CA SER A 22 -0.05 5.61 -7.88
C SER A 22 0.55 5.40 -6.50
N VAL A 23 -0.16 4.65 -5.66
CA VAL A 23 0.30 4.39 -4.30
C VAL A 23 1.21 3.17 -4.26
N VAL A 24 2.25 3.24 -3.42
CA VAL A 24 3.20 2.15 -3.28
C VAL A 24 3.33 1.72 -1.82
N CYS A 25 3.40 0.41 -1.61
CA CYS A 25 3.52 -0.14 -0.26
C CYS A 25 4.67 -1.15 -0.19
N LEU A 26 5.48 -1.04 0.85
CA LEU A 26 6.62 -1.94 1.03
C LEU A 26 6.29 -3.03 2.04
N LEU A 27 6.63 -4.27 1.70
CA LEU A 27 6.37 -5.40 2.58
C LEU A 27 7.66 -5.96 3.16
N ASN A 28 7.62 -6.37 4.43
CA ASN A 28 8.80 -6.93 5.08
C ASN A 28 8.75 -8.44 5.09
N ASN A 29 9.88 -9.07 5.37
CA ASN A 29 9.97 -10.53 5.41
C ASN A 29 8.73 -11.13 6.06
N PHE A 30 7.90 -11.77 5.25
CA PHE A 30 6.68 -12.38 5.75
C PHE A 30 6.89 -13.88 5.98
N TYR A 31 5.94 -14.50 6.68
CA TYR A 31 6.02 -15.92 6.99
C TYR A 31 5.40 -16.75 5.87
N PRO A 32 4.08 -16.65 5.71
CA PRO A 32 3.34 -17.39 4.67
C PRO A 32 3.64 -16.86 3.27
N ARG A 33 3.97 -17.77 2.36
CA ARG A 33 4.28 -17.40 0.99
C ARG A 33 3.09 -16.70 0.34
N GLU A 34 1.91 -16.87 0.92
CA GLU A 34 0.70 -16.26 0.40
C GLU A 34 0.43 -14.91 1.07
N ALA A 35 1.50 -14.13 1.23
CA ALA A 35 1.38 -12.82 1.86
C ALA A 35 1.04 -11.75 0.82
N LYS A 36 -0.20 -11.28 0.84
CA LYS A 36 -0.65 -10.25 -0.10
C LYS A 36 -0.82 -8.91 0.61
N VAL A 37 -0.56 -7.83 -0.12
CA VAL A 37 -0.69 -6.48 0.44
C VAL A 37 -2.09 -5.94 0.22
N GLN A 38 -2.60 -5.21 1.22
CA GLN A 38 -3.93 -4.63 1.13
C GLN A 38 -3.85 -3.14 0.81
N TRP A 39 -4.86 -2.65 0.08
CA TRP A 39 -4.90 -1.24 -0.30
C TRP A 39 -6.10 -0.54 0.33
N LYS A 40 -5.85 0.60 0.96
CA LYS A 40 -6.91 1.38 1.60
C LYS A 40 -6.64 2.88 1.48
N VAL A 41 -7.59 3.60 0.91
CA VAL A 41 -7.47 5.04 0.73
C VAL A 41 -8.70 5.77 1.25
N ASP A 42 -8.49 6.67 2.19
CA ASP A 42 -9.59 7.45 2.77
C ASP A 42 -10.74 6.53 3.18
N ASN A 43 -10.39 5.39 3.78
CA ASN A 43 -11.40 4.43 4.22
C ASN A 43 -12.05 3.74 3.03
N ALA A 44 -11.31 3.63 1.94
CA ALA A 44 -11.82 2.99 0.73
C ALA A 44 -10.81 1.99 0.17
N LEU A 45 -11.17 0.70 0.22
CA LEU A 45 -10.30 -0.35 -0.28
C LEU A 45 -10.11 -0.23 -1.79
N GLN A 46 -8.87 -0.41 -2.24
CA GLN A 46 -8.55 -0.32 -3.66
C GLN A 46 -8.43 -1.71 -4.28
N SER A 47 -9.55 -2.22 -4.80
CA SER A 47 -9.57 -3.54 -5.43
C SER A 47 -9.66 -3.43 -6.94
N GLY A 48 -8.76 -4.14 -7.63
CA GLY A 48 -8.75 -4.10 -9.08
C GLY A 48 -7.82 -3.05 -9.63
N ASN A 49 -7.58 -2.00 -8.84
CA ASN A 49 -6.70 -0.92 -9.26
C ASN A 49 -5.29 -1.12 -8.69
N SER A 50 -4.87 -2.37 -8.58
CA SER A 50 -3.55 -2.69 -8.06
C SER A 50 -2.98 -3.93 -8.73
N GLN A 51 -1.68 -3.93 -8.97
CA GLN A 51 -1.01 -5.07 -9.60
C GLN A 51 0.51 -4.95 -9.47
N GLU A 52 1.11 -5.93 -8.81
CA GLU A 52 2.56 -5.94 -8.62
C GLU A 52 3.13 -7.34 -8.85
N SER A 53 4.43 -7.41 -9.09
CA SER A 53 5.10 -8.68 -9.32
C SER A 53 5.72 -9.21 -8.04
N VAL A 54 6.11 -10.49 -8.06
CA VAL A 54 6.72 -11.12 -6.89
C VAL A 54 8.23 -10.98 -6.92
N THR A 55 8.82 -10.72 -5.75
CA THR A 55 10.26 -10.55 -5.63
C THR A 55 10.91 -11.83 -5.12
N GLU A 56 12.07 -12.16 -5.70
CA GLU A 56 12.79 -13.36 -5.31
C GLU A 56 13.46 -13.18 -3.95
N GLN A 57 13.52 -14.26 -3.17
CA GLN A 57 14.12 -14.21 -1.85
C GLN A 57 15.60 -13.86 -1.93
N ASP A 58 16.08 -13.12 -0.95
CA ASP A 58 17.48 -12.72 -0.91
C ASP A 58 18.40 -13.93 -0.95
N SER A 59 19.71 -13.67 -0.89
CA SER A 59 20.69 -14.75 -0.93
C SER A 59 21.63 -14.68 0.28
N LYS A 60 21.91 -13.46 0.72
CA LYS A 60 22.79 -13.25 1.87
C LYS A 60 22.20 -13.88 3.13
N ASP A 61 20.87 -13.82 3.24
CA ASP A 61 20.18 -14.39 4.40
C ASP A 61 18.95 -15.17 3.96
N SER A 62 18.80 -15.36 2.66
CA SER A 62 17.66 -16.09 2.11
C SER A 62 16.35 -15.52 2.65
N THR A 63 16.32 -14.20 2.83
CA THR A 63 15.12 -13.54 3.34
C THR A 63 14.08 -13.38 2.25
N TYR A 64 12.90 -12.88 2.63
CA TYR A 64 11.81 -12.68 1.68
C TYR A 64 11.32 -11.24 1.72
N SER A 65 10.67 -10.82 0.63
CA SER A 65 10.16 -9.46 0.53
C SER A 65 9.19 -9.33 -0.64
N LEU A 66 8.23 -8.41 -0.51
CA LEU A 66 7.24 -8.20 -1.56
C LEU A 66 6.84 -6.72 -1.62
N SER A 67 6.32 -6.31 -2.77
CA SER A 67 5.89 -4.92 -2.96
C SER A 67 4.59 -4.86 -3.75
N SER A 68 3.76 -3.88 -3.42
CA SER A 68 2.47 -3.71 -4.09
C SER A 68 2.43 -2.39 -4.86
N THR A 69 1.81 -2.42 -6.03
CA THR A 69 1.69 -1.24 -6.88
C THR A 69 0.24 -0.85 -7.09
N LEU A 70 -0.12 0.36 -6.64
CA LEU A 70 -1.48 0.84 -6.79
C LEU A 70 -1.58 1.85 -7.92
N THR A 71 -2.56 1.67 -8.80
CA THR A 71 -2.77 2.57 -9.93
C THR A 71 -4.11 3.29 -9.82
N LEU A 72 -4.06 4.58 -9.55
CA LEU A 72 -5.28 5.38 -9.43
C LEU A 72 -5.22 6.60 -10.33
N SER A 73 -6.39 7.13 -10.69
CA SER A 73 -6.47 8.29 -11.56
C SER A 73 -6.27 9.58 -10.77
N LYS A 74 -5.84 10.63 -11.46
CA LYS A 74 -5.61 11.92 -10.82
C LYS A 74 -6.84 12.36 -10.02
N ALA A 75 -8.00 12.27 -10.65
CA ALA A 75 -9.25 12.66 -10.01
C ALA A 75 -9.58 11.73 -8.85
N ASP A 76 -9.29 10.45 -9.02
CA ASP A 76 -9.57 9.46 -7.99
C ASP A 76 -8.82 9.81 -6.70
N TYR A 77 -7.54 10.10 -6.82
CA TYR A 77 -6.72 10.45 -5.67
C TYR A 77 -7.09 11.84 -5.14
N GLU A 78 -7.55 12.71 -6.03
CA GLU A 78 -7.94 14.06 -5.65
C GLU A 78 -9.01 14.04 -4.58
N LYS A 79 -9.90 13.06 -4.65
CA LYS A 79 -10.97 12.92 -3.67
C LYS A 79 -10.48 12.23 -2.41
N HIS A 80 -9.29 11.62 -2.49
CA HIS A 80 -8.71 10.93 -1.34
C HIS A 80 -7.56 11.74 -0.76
N LYS A 81 -7.01 11.26 0.35
CA LYS A 81 -5.90 11.93 1.02
C LYS A 81 -5.17 10.97 1.96
N VAL A 82 -5.92 10.03 2.52
CA VAL A 82 -5.34 9.06 3.45
C VAL A 82 -4.89 7.80 2.71
N TYR A 83 -3.75 7.26 3.12
CA TYR A 83 -3.21 6.06 2.49
C TYR A 83 -2.75 5.06 3.55
N ALA A 84 -3.26 3.83 3.46
CA ALA A 84 -2.90 2.79 4.40
C ALA A 84 -2.79 1.44 3.70
N CYS A 85 -1.93 0.57 4.24
CA CYS A 85 -1.73 -0.75 3.66
C CYS A 85 -1.43 -1.78 4.75
N GLU A 86 -2.07 -2.94 4.65
CA GLU A 86 -1.88 -4.01 5.64
C GLU A 86 -1.70 -5.35 4.94
N VAL A 87 -0.88 -6.21 5.55
CA VAL A 87 -0.61 -7.53 4.99
C VAL A 87 -1.67 -8.53 5.44
N THR A 88 -2.05 -9.43 4.53
CA THR A 88 -3.06 -10.44 4.82
C THR A 88 -2.59 -11.83 4.39
N HIS A 89 -3.06 -12.86 5.08
CA HIS A 89 -2.69 -14.23 4.76
C HIS A 89 -3.50 -15.21 5.61
N GLN A 90 -3.22 -16.50 5.43
CA GLN A 90 -3.91 -17.54 6.17
C GLN A 90 -3.92 -17.24 7.66
N GLY A 91 -2.86 -16.58 8.13
CA GLY A 91 -2.76 -16.24 9.54
C GLY A 91 -3.90 -15.35 10.00
N LEU A 92 -3.62 -14.05 10.07
CA LEU A 92 -4.63 -13.08 10.51
C LEU A 92 -5.00 -12.14 9.36
N SER A 93 -6.21 -11.60 9.42
CA SER A 93 -6.69 -10.68 8.39
C SER A 93 -5.69 -9.55 8.16
N SER A 94 -5.24 -8.94 9.25
CA SER A 94 -4.28 -7.84 9.17
C SER A 94 -3.62 -7.59 10.53
N PRO A 95 -2.31 -7.34 10.51
CA PRO A 95 -1.54 -7.08 11.73
C PRO A 95 -1.89 -5.74 12.36
N VAL A 96 -1.21 -4.68 11.91
CA VAL A 96 -1.46 -3.34 12.44
C VAL A 96 -1.87 -2.38 11.32
N THR A 97 -2.81 -1.50 11.63
CA THR A 97 -3.31 -0.52 10.66
C THR A 97 -2.43 0.72 10.64
N LYS A 98 -1.73 0.93 9.52
CA LYS A 98 -0.86 2.08 9.37
C LYS A 98 -1.33 2.97 8.22
N SER A 99 -1.81 4.16 8.55
CA SER A 99 -2.29 5.10 7.56
C SER A 99 -1.75 6.50 7.83
N PHE A 100 -1.82 7.37 6.81
CA PHE A 100 -1.33 8.73 6.94
C PHE A 100 -2.06 9.65 5.97
N ASN A 101 -2.33 10.89 6.42
CA ASN A 101 -3.02 11.87 5.60
C ASN A 101 -2.04 12.69 4.78
N ARG A 102 -2.34 12.85 3.49
CA ARG A 102 -1.47 13.61 2.60
C ARG A 102 -1.91 15.08 2.54
N GLY A 103 -3.22 15.30 2.54
CA GLY A 103 -3.74 16.65 2.48
C GLY A 103 -3.98 17.23 3.86
N GLU A 104 -4.99 16.71 4.55
CA GLU A 104 -5.33 17.19 5.89
C GLU A 104 -6.02 16.09 6.70
N SER A 105 -6.45 16.45 7.90
CA SER A 105 -7.11 15.49 8.78
C SER A 105 -8.38 14.93 8.13
N GLU A 106 -8.82 13.77 8.61
CA GLU A 106 -10.01 13.13 8.07
C GLU A 106 -11.25 13.99 8.33
N ASN A 107 -12.30 13.75 7.55
CA ASN A 107 -13.55 14.48 7.70
C ASN A 107 -13.33 15.97 7.43
N LEU A 108 -12.64 16.27 6.33
CA LEU A 108 -12.36 17.66 5.97
C LEU A 108 -12.45 17.85 4.46
N TYR A 109 -12.27 19.08 4.00
CA TYR A 109 -12.33 19.40 2.58
C TYR A 109 -11.10 20.20 2.15
N PHE A 110 -9.97 19.51 2.03
CA PHE A 110 -8.73 20.16 1.62
C PHE A 110 -7.94 19.26 0.67
N GLN A 111 -6.79 19.76 0.22
CA GLN A 111 -5.94 19.01 -0.69
C GLN A 111 -5.66 17.62 -0.16
N VAL A 1 1.26 -18.51 11.50
CA VAL A 1 1.15 -17.38 10.59
C VAL A 1 1.35 -16.06 11.33
N ALA A 2 2.26 -15.23 10.81
CA ALA A 2 2.54 -13.93 11.41
C ALA A 2 2.73 -12.86 10.35
N ALA A 3 1.87 -11.84 10.38
CA ALA A 3 1.95 -10.75 9.41
C ALA A 3 3.06 -9.76 9.78
N PRO A 4 3.99 -9.54 8.84
CA PRO A 4 5.12 -8.63 9.05
C PRO A 4 4.68 -7.17 9.10
N SER A 5 5.65 -6.26 9.07
CA SER A 5 5.36 -4.84 9.12
C SER A 5 4.81 -4.34 7.78
N VAL A 6 4.37 -3.09 7.75
CA VAL A 6 3.82 -2.50 6.53
C VAL A 6 4.29 -1.06 6.37
N PHE A 7 4.47 -0.63 5.12
CA PHE A 7 4.91 0.72 4.83
C PHE A 7 4.33 1.21 3.51
N ILE A 8 3.63 2.34 3.55
CA ILE A 8 3.02 2.90 2.35
C ILE A 8 3.55 4.31 2.08
N PHE A 9 3.66 4.66 0.80
CA PHE A 9 4.16 5.97 0.41
C PHE A 9 3.53 6.42 -0.91
N PRO A 10 3.19 7.71 -1.01
CA PRO A 10 2.59 8.28 -2.21
C PRO A 10 3.59 8.36 -3.37
N PRO A 11 3.06 8.64 -4.58
CA PRO A 11 3.88 8.75 -5.79
C PRO A 11 4.77 9.98 -5.77
N SER A 12 5.84 9.96 -6.56
CA SER A 12 6.77 11.07 -6.63
C SER A 12 6.03 12.38 -6.90
N ASP A 13 6.62 13.49 -6.45
CA ASP A 13 6.01 14.80 -6.64
C ASP A 13 5.66 15.03 -8.10
N GLU A 14 6.58 14.69 -8.99
CA GLU A 14 6.36 14.86 -10.43
C GLU A 14 5.53 13.71 -10.99
N GLN A 15 5.58 12.57 -10.32
CA GLN A 15 4.83 11.38 -10.75
C GLN A 15 3.36 11.73 -10.97
N LEU A 16 2.73 12.30 -9.95
CA LEU A 16 1.32 12.68 -10.04
C LEU A 16 1.09 13.69 -11.15
N LYS A 17 2.05 14.61 -11.32
CA LYS A 17 1.95 15.63 -12.35
C LYS A 17 1.81 14.99 -13.73
N SER A 18 2.22 13.73 -13.84
CA SER A 18 2.15 13.01 -15.11
C SER A 18 0.69 12.77 -15.51
N GLY A 19 -0.22 12.98 -14.57
CA GLY A 19 -1.63 12.78 -14.84
C GLY A 19 -2.15 11.47 -14.28
N THR A 20 -1.42 10.91 -13.32
CA THR A 20 -1.82 9.65 -12.71
C THR A 20 -1.03 9.40 -11.42
N ALA A 21 -1.74 9.08 -10.35
CA ALA A 21 -1.11 8.81 -9.06
C ALA A 21 -0.89 7.31 -8.86
N SER A 22 0.30 6.95 -8.40
CA SER A 22 0.64 5.56 -8.17
C SER A 22 1.17 5.35 -6.75
N VAL A 23 0.45 4.55 -5.97
CA VAL A 23 0.85 4.28 -4.60
C VAL A 23 1.70 3.01 -4.51
N VAL A 24 2.71 3.04 -3.65
CA VAL A 24 3.60 1.90 -3.48
C VAL A 24 3.67 1.49 -2.01
N CYS A 25 3.67 0.18 -1.76
CA CYS A 25 3.75 -0.34 -0.41
C CYS A 25 4.86 -1.38 -0.28
N LEU A 26 5.63 -1.28 0.79
CA LEU A 26 6.73 -2.21 1.04
C LEU A 26 6.32 -3.29 2.04
N LEU A 27 6.56 -4.54 1.67
CA LEU A 27 6.23 -5.67 2.53
C LEU A 27 7.48 -6.27 3.17
N ASN A 28 7.37 -6.64 4.44
CA ASN A 28 8.49 -7.22 5.16
C ASN A 28 8.40 -8.75 5.17
N ASN A 29 9.51 -9.41 5.51
CA ASN A 29 9.56 -10.86 5.56
C ASN A 29 8.28 -11.42 6.16
N PHE A 30 7.44 -12.00 5.31
CA PHE A 30 6.17 -12.59 5.76
C PHE A 30 6.32 -14.09 6.02
N TYR A 31 5.34 -14.67 6.69
CA TYR A 31 5.37 -16.10 7.01
C TYR A 31 4.75 -16.91 5.89
N PRO A 32 3.43 -16.77 5.70
CA PRO A 32 2.69 -17.49 4.67
C PRO A 32 3.02 -16.99 3.26
N ARG A 33 3.23 -17.92 2.34
CA ARG A 33 3.55 -17.57 0.97
C ARG A 33 2.41 -16.82 0.31
N GLU A 34 1.23 -16.88 0.92
CA GLU A 34 0.05 -16.21 0.40
C GLU A 34 -0.09 -14.81 0.98
N ALA A 35 1.06 -14.17 1.23
CA ALA A 35 1.06 -12.82 1.78
C ALA A 35 0.71 -11.78 0.73
N LYS A 36 -0.39 -11.06 0.95
CA LYS A 36 -0.84 -10.05 0.02
C LYS A 36 -1.00 -8.69 0.72
N VAL A 37 -0.65 -7.63 0.02
CA VAL A 37 -0.76 -6.27 0.57
C VAL A 37 -2.13 -5.67 0.29
N GLN A 38 -2.73 -5.08 1.32
CA GLN A 38 -4.04 -4.47 1.18
C GLN A 38 -3.92 -2.98 0.87
N TRP A 39 -4.70 -2.52 -0.10
CA TRP A 39 -4.67 -1.11 -0.49
C TRP A 39 -5.85 -0.34 0.12
N LYS A 40 -5.55 0.78 0.74
CA LYS A 40 -6.58 1.61 1.36
C LYS A 40 -6.25 3.09 1.23
N VAL A 41 -7.18 3.85 0.64
CA VAL A 41 -6.99 5.28 0.45
C VAL A 41 -8.21 6.06 0.90
N ASP A 42 -8.01 7.00 1.82
CA ASP A 42 -9.10 7.82 2.33
C ASP A 42 -10.29 6.96 2.74
N ASN A 43 -10.00 5.82 3.39
CA ASN A 43 -11.04 4.91 3.83
C ASN A 43 -11.70 4.22 2.63
N ALA A 44 -10.93 4.05 1.56
CA ALA A 44 -11.44 3.40 0.36
C ALA A 44 -10.46 2.34 -0.16
N LEU A 45 -10.90 1.09 -0.15
CA LEU A 45 -10.05 -0.01 -0.60
C LEU A 45 -9.83 0.07 -2.11
N GLN A 46 -8.59 -0.15 -2.53
CA GLN A 46 -8.23 -0.11 -3.95
C GLN A 46 -8.17 -1.51 -4.54
N SER A 47 -9.29 -1.98 -5.07
CA SER A 47 -9.36 -3.31 -5.66
C SER A 47 -9.42 -3.23 -7.19
N GLY A 48 -8.55 -3.98 -7.85
CA GLY A 48 -8.52 -3.96 -9.31
C GLY A 48 -7.53 -2.96 -9.86
N ASN A 49 -7.26 -1.91 -9.10
CA ASN A 49 -6.33 -0.87 -9.52
C ASN A 49 -4.95 -1.10 -8.92
N SER A 50 -4.58 -2.37 -8.78
CA SER A 50 -3.28 -2.74 -8.22
C SER A 50 -2.76 -4.03 -8.83
N GLN A 51 -1.46 -4.09 -9.06
CA GLN A 51 -0.83 -5.27 -9.63
C GLN A 51 0.69 -5.20 -9.51
N GLU A 52 1.26 -6.18 -8.82
CA GLU A 52 2.71 -6.23 -8.63
C GLU A 52 3.23 -7.66 -8.81
N SER A 53 4.53 -7.77 -9.05
CA SER A 53 5.16 -9.07 -9.24
C SER A 53 5.75 -9.60 -7.93
N VAL A 54 6.10 -10.88 -7.92
CA VAL A 54 6.69 -11.50 -6.74
C VAL A 54 8.21 -11.41 -6.77
N THR A 55 8.80 -11.19 -5.59
CA THR A 55 10.25 -11.08 -5.48
C THR A 55 10.85 -12.36 -4.92
N GLU A 56 11.90 -12.85 -5.57
CA GLU A 56 12.57 -14.07 -5.13
C GLU A 56 13.34 -13.83 -3.83
N GLN A 57 13.46 -14.88 -3.02
CA GLN A 57 14.17 -14.79 -1.76
C GLN A 57 15.56 -14.20 -1.94
N ASP A 58 16.07 -13.56 -0.91
CA ASP A 58 17.39 -12.94 -0.96
C ASP A 58 18.46 -13.98 -1.28
N SER A 59 19.71 -13.54 -1.36
CA SER A 59 20.82 -14.44 -1.68
C SER A 59 21.86 -14.42 -0.55
N LYS A 60 21.84 -13.35 0.25
CA LYS A 60 22.78 -13.21 1.36
C LYS A 60 22.18 -13.77 2.64
N ASP A 61 20.86 -13.72 2.75
CA ASP A 61 20.16 -14.23 3.93
C ASP A 61 18.96 -15.07 3.53
N SER A 62 18.76 -15.24 2.23
CA SER A 62 17.64 -16.02 1.72
C SER A 62 16.34 -15.60 2.39
N THR A 63 16.22 -14.30 2.67
CA THR A 63 15.02 -13.78 3.32
C THR A 63 13.88 -13.64 2.31
N TYR A 64 12.72 -13.20 2.80
CA TYR A 64 11.56 -13.02 1.94
C TYR A 64 11.08 -11.57 1.95
N SER A 65 10.52 -11.14 0.84
CA SER A 65 10.03 -9.76 0.72
C SER A 65 9.13 -9.61 -0.51
N LEU A 66 8.18 -8.70 -0.43
CA LEU A 66 7.24 -8.46 -1.53
C LEU A 66 6.86 -6.99 -1.60
N SER A 67 6.42 -6.56 -2.79
CA SER A 67 6.02 -5.17 -2.98
C SER A 67 4.73 -5.09 -3.80
N SER A 68 3.92 -4.09 -3.51
CA SER A 68 2.65 -3.89 -4.21
C SER A 68 2.65 -2.58 -4.99
N THR A 69 2.07 -2.61 -6.18
CA THR A 69 2.00 -1.43 -7.02
C THR A 69 0.55 -0.99 -7.25
N LEU A 70 0.26 0.25 -6.88
CA LEU A 70 -1.10 0.79 -7.04
C LEU A 70 -1.15 1.78 -8.20
N THR A 71 -2.12 1.60 -9.09
CA THR A 71 -2.28 2.47 -10.24
C THR A 71 -3.59 3.25 -10.16
N LEU A 72 -3.49 4.55 -9.89
CA LEU A 72 -4.67 5.41 -9.80
C LEU A 72 -4.54 6.63 -10.70
N SER A 73 -5.68 7.20 -11.07
CA SER A 73 -5.69 8.38 -11.94
C SER A 73 -5.41 9.64 -11.14
N LYS A 74 -4.98 10.69 -11.83
CA LYS A 74 -4.69 11.97 -11.19
C LYS A 74 -5.89 12.48 -10.40
N ALA A 75 -7.06 12.43 -11.03
CA ALA A 75 -8.30 12.87 -10.39
C ALA A 75 -8.72 11.92 -9.29
N ASP A 76 -8.49 10.63 -9.51
CA ASP A 76 -8.85 9.61 -8.52
C ASP A 76 -8.16 9.87 -7.19
N TYR A 77 -6.87 10.13 -7.24
CA TYR A 77 -6.10 10.40 -6.02
C TYR A 77 -6.39 11.80 -5.49
N GLU A 78 -6.75 12.71 -6.39
CA GLU A 78 -7.06 14.08 -6.00
C GLU A 78 -8.19 14.11 -4.96
N LYS A 79 -9.15 13.19 -5.11
CA LYS A 79 -10.27 13.11 -4.19
C LYS A 79 -9.84 12.49 -2.86
N HIS A 80 -8.71 11.81 -2.87
CA HIS A 80 -8.19 11.17 -1.66
C HIS A 80 -7.01 11.95 -1.09
N LYS A 81 -6.49 11.49 0.04
CA LYS A 81 -5.36 12.16 0.69
C LYS A 81 -4.66 11.21 1.65
N VAL A 82 -5.42 10.30 2.24
CA VAL A 82 -4.87 9.33 3.18
C VAL A 82 -4.44 8.05 2.47
N TYR A 83 -3.29 7.52 2.88
CA TYR A 83 -2.75 6.30 2.28
C TYR A 83 -2.29 5.32 3.35
N ALA A 84 -2.81 4.10 3.30
CA ALA A 84 -2.45 3.07 4.26
C ALA A 84 -2.42 1.70 3.61
N CYS A 85 -1.55 0.82 4.12
CA CYS A 85 -1.43 -0.53 3.58
C CYS A 85 -1.15 -1.53 4.70
N GLU A 86 -1.87 -2.65 4.68
CA GLU A 86 -1.71 -3.68 5.69
C GLU A 86 -1.66 -5.07 5.05
N VAL A 87 -0.95 -5.98 5.68
CA VAL A 87 -0.82 -7.35 5.18
C VAL A 87 -2.01 -8.20 5.61
N THR A 88 -2.54 -8.99 4.68
CA THR A 88 -3.68 -9.86 4.97
C THR A 88 -3.41 -11.28 4.50
N HIS A 89 -4.00 -12.25 5.19
CA HIS A 89 -3.84 -13.66 4.85
C HIS A 89 -4.61 -14.55 5.82
N GLN A 90 -4.44 -15.86 5.67
CA GLN A 90 -5.12 -16.82 6.53
C GLN A 90 -4.96 -16.44 8.00
N GLY A 91 -3.85 -15.81 8.32
CA GLY A 91 -3.60 -15.41 9.70
C GLY A 91 -4.57 -14.36 10.18
N LEU A 92 -4.10 -13.14 10.34
CA LEU A 92 -4.95 -12.04 10.80
C LEU A 92 -5.18 -11.03 9.69
N SER A 93 -6.28 -10.30 9.77
CA SER A 93 -6.63 -9.30 8.78
C SER A 93 -5.47 -8.33 8.56
N SER A 94 -4.95 -7.78 9.64
CA SER A 94 -3.84 -6.84 9.57
C SER A 94 -3.13 -6.74 10.92
N PRO A 95 -1.80 -6.86 10.89
CA PRO A 95 -0.97 -6.79 12.10
C PRO A 95 -0.92 -5.37 12.68
N VAL A 96 -0.55 -4.41 11.85
CA VAL A 96 -0.46 -3.01 12.28
C VAL A 96 -1.00 -2.07 11.21
N THR A 97 -1.81 -1.11 11.64
CA THR A 97 -2.39 -0.15 10.71
C THR A 97 -1.52 1.10 10.60
N LYS A 98 -0.95 1.31 9.42
CA LYS A 98 -0.09 2.47 9.18
C LYS A 98 -0.63 3.32 8.04
N SER A 99 -1.08 4.53 8.37
CA SER A 99 -1.62 5.44 7.37
C SER A 99 -1.06 6.85 7.55
N PHE A 100 -1.20 7.67 6.52
CA PHE A 100 -0.71 9.04 6.57
C PHE A 100 -1.49 9.93 5.61
N ASN A 101 -1.71 11.18 6.02
CA ASN A 101 -2.45 12.13 5.20
C ASN A 101 -1.51 12.94 4.31
N ARG A 102 -1.93 13.22 3.09
CA ARG A 102 -1.12 13.98 2.15
C ARG A 102 -1.61 15.42 2.05
N GLY A 103 -2.92 15.61 2.18
CA GLY A 103 -3.49 16.94 2.11
C GLY A 103 -3.85 17.50 3.48
N GLU A 104 -4.84 16.87 4.13
CA GLU A 104 -5.28 17.31 5.45
C GLU A 104 -5.68 16.11 6.31
N SER A 105 -5.88 16.37 7.60
CA SER A 105 -6.27 15.31 8.53
C SER A 105 -7.67 14.79 8.20
N GLU A 106 -8.01 13.65 8.79
CA GLU A 106 -9.32 13.04 8.56
C GLU A 106 -10.29 13.42 9.67
N ASN A 107 -10.30 14.70 10.03
CA ASN A 107 -11.18 15.20 11.08
C ASN A 107 -11.84 16.50 10.66
N LEU A 108 -12.21 16.60 9.38
CA LEU A 108 -12.85 17.79 8.86
C LEU A 108 -14.13 17.44 8.09
N TYR A 109 -14.87 18.46 7.68
CA TYR A 109 -16.10 18.26 6.93
C TYR A 109 -15.84 18.22 5.43
N PHE A 110 -16.84 17.78 4.68
CA PHE A 110 -16.72 17.70 3.22
C PHE A 110 -16.25 19.04 2.64
N GLN A 111 -17.17 20.01 2.60
CA GLN A 111 -16.85 21.33 2.07
C GLN A 111 -17.65 22.41 2.80
N VAL A 1 1.77 -18.45 12.04
CA VAL A 1 1.78 -17.33 11.11
C VAL A 1 2.13 -16.02 11.81
N ALA A 2 2.92 -15.19 11.14
CA ALA A 2 3.33 -13.91 11.71
C ALA A 2 3.31 -12.81 10.65
N ALA A 3 2.38 -11.88 10.78
CA ALA A 3 2.26 -10.78 9.83
C ALA A 3 3.30 -9.70 10.10
N PRO A 4 4.18 -9.45 9.11
CA PRO A 4 5.23 -8.45 9.22
C PRO A 4 4.69 -7.03 9.23
N SER A 5 5.60 -6.05 9.22
CA SER A 5 5.20 -4.65 9.24
C SER A 5 4.63 -4.23 7.88
N VAL A 6 4.04 -3.04 7.84
CA VAL A 6 3.45 -2.52 6.60
C VAL A 6 3.78 -1.04 6.42
N PHE A 7 4.40 -0.71 5.30
CA PHE A 7 4.77 0.67 5.00
C PHE A 7 4.18 1.11 3.67
N ILE A 8 3.47 2.23 3.69
CA ILE A 8 2.85 2.76 2.48
C ILE A 8 3.31 4.19 2.21
N PHE A 9 3.47 4.52 0.93
CA PHE A 9 3.92 5.85 0.53
C PHE A 9 3.28 6.26 -0.79
N PRO A 10 2.80 7.50 -0.86
CA PRO A 10 2.17 8.05 -2.07
C PRO A 10 3.17 8.27 -3.20
N PRO A 11 2.64 8.55 -4.40
CA PRO A 11 3.47 8.79 -5.58
C PRO A 11 4.24 10.11 -5.50
N SER A 12 5.33 10.21 -6.26
CA SER A 12 6.15 11.41 -6.27
C SER A 12 5.30 12.65 -6.53
N ASP A 13 5.76 13.80 -6.04
CA ASP A 13 5.04 15.04 -6.22
C ASP A 13 4.73 15.29 -7.69
N GLU A 14 5.70 15.03 -8.55
CA GLU A 14 5.52 15.22 -9.99
C GLU A 14 4.81 14.02 -10.61
N GLN A 15 4.94 12.87 -9.97
CA GLN A 15 4.31 11.65 -10.45
C GLN A 15 2.82 11.87 -10.71
N LEU A 16 2.11 12.36 -9.70
CA LEU A 16 0.68 12.61 -9.81
C LEU A 16 0.40 13.62 -10.93
N LYS A 17 1.29 14.60 -11.07
CA LYS A 17 1.14 15.62 -12.10
C LYS A 17 1.10 15.00 -13.49
N SER A 18 1.61 13.78 -13.59
CA SER A 18 1.64 13.07 -14.87
C SER A 18 0.24 12.71 -15.33
N GLY A 19 -0.74 12.85 -14.42
CA GLY A 19 -2.10 12.54 -14.75
C GLY A 19 -2.55 11.20 -14.20
N THR A 20 -1.79 10.68 -13.24
CA THR A 20 -2.11 9.40 -12.63
C THR A 20 -1.34 9.20 -11.33
N ALA A 21 -2.05 8.82 -10.28
CA ALA A 21 -1.43 8.59 -8.97
C ALA A 21 -1.13 7.12 -8.76
N SER A 22 0.05 6.82 -8.25
CA SER A 22 0.46 5.44 -7.99
C SER A 22 0.95 5.28 -6.55
N VAL A 23 0.39 4.28 -5.87
CA VAL A 23 0.77 4.00 -4.48
C VAL A 23 1.63 2.75 -4.38
N VAL A 24 2.64 2.81 -3.52
CA VAL A 24 3.55 1.68 -3.33
C VAL A 24 3.61 1.27 -1.87
N CYS A 25 3.63 -0.03 -1.61
CA CYS A 25 3.69 -0.54 -0.25
C CYS A 25 4.85 -1.53 -0.10
N LEU A 26 5.60 -1.38 1.00
CA LEU A 26 6.74 -2.26 1.26
C LEU A 26 6.37 -3.34 2.26
N LEU A 27 6.62 -4.60 1.88
CA LEU A 27 6.31 -5.73 2.75
C LEU A 27 7.58 -6.29 3.38
N ASN A 28 7.48 -6.68 4.65
CA ASN A 28 8.62 -7.23 5.37
C ASN A 28 8.53 -8.76 5.44
N ASN A 29 9.65 -9.39 5.81
CA ASN A 29 9.71 -10.84 5.91
C ASN A 29 8.40 -11.40 6.45
N PHE A 30 7.68 -12.13 5.60
CA PHE A 30 6.41 -12.72 6.00
C PHE A 30 6.56 -14.21 6.28
N TYR A 31 5.56 -14.80 6.93
CA TYR A 31 5.59 -16.21 7.26
C TYR A 31 5.01 -17.05 6.13
N PRO A 32 3.70 -16.92 5.91
CA PRO A 32 2.99 -17.66 4.85
C PRO A 32 3.36 -17.16 3.46
N ARG A 33 3.62 -18.11 2.55
CA ARG A 33 3.99 -17.77 1.18
C ARG A 33 2.85 -17.03 0.48
N GLU A 34 1.66 -17.10 1.06
CA GLU A 34 0.49 -16.44 0.48
C GLU A 34 0.31 -15.04 1.07
N ALA A 35 1.43 -14.37 1.33
CA ALA A 35 1.39 -13.03 1.90
C ALA A 35 1.08 -11.98 0.83
N LYS A 36 -0.13 -11.44 0.87
CA LYS A 36 -0.56 -10.44 -0.10
C LYS A 36 -0.75 -9.08 0.57
N VAL A 37 -0.41 -8.01 -0.15
CA VAL A 37 -0.55 -6.66 0.38
C VAL A 37 -1.93 -6.08 0.04
N GLN A 38 -2.58 -5.50 1.03
CA GLN A 38 -3.89 -4.90 0.84
C GLN A 38 -3.77 -3.41 0.53
N TRP A 39 -4.75 -2.88 -0.20
CA TRP A 39 -4.75 -1.47 -0.55
C TRP A 39 -5.96 -0.76 0.05
N LYS A 40 -5.72 0.41 0.64
CA LYS A 40 -6.78 1.19 1.25
C LYS A 40 -6.51 2.68 1.11
N VAL A 41 -7.47 3.39 0.51
CA VAL A 41 -7.33 4.83 0.31
C VAL A 41 -8.59 5.57 0.76
N ASP A 42 -8.42 6.51 1.68
CA ASP A 42 -9.55 7.28 2.19
C ASP A 42 -10.70 6.38 2.58
N ASN A 43 -10.38 5.26 3.22
CA ASN A 43 -11.39 4.31 3.65
C ASN A 43 -12.00 3.58 2.45
N ALA A 44 -11.22 3.44 1.39
CA ALA A 44 -11.68 2.76 0.18
C ALA A 44 -10.66 1.75 -0.32
N LEU A 45 -11.04 0.48 -0.30
CA LEU A 45 -10.16 -0.59 -0.75
C LEU A 45 -9.91 -0.51 -2.24
N GLN A 46 -8.65 -0.69 -2.64
CA GLN A 46 -8.29 -0.64 -4.05
C GLN A 46 -8.13 -2.04 -4.63
N SER A 47 -9.21 -2.56 -5.19
CA SER A 47 -9.19 -3.90 -5.77
C SER A 47 -9.22 -3.84 -7.29
N GLY A 48 -8.30 -4.54 -7.94
CA GLY A 48 -8.23 -4.55 -9.39
C GLY A 48 -7.29 -3.49 -9.93
N ASN A 49 -7.09 -2.43 -9.16
CA ASN A 49 -6.21 -1.35 -9.57
C ASN A 49 -4.82 -1.51 -8.95
N SER A 50 -4.38 -2.76 -8.83
CA SER A 50 -3.07 -3.05 -8.26
C SER A 50 -2.47 -4.30 -8.90
N GLN A 51 -1.19 -4.23 -9.26
CA GLN A 51 -0.51 -5.35 -9.87
C GLN A 51 1.00 -5.24 -9.68
N GLU A 52 1.59 -6.22 -9.00
CA GLU A 52 3.02 -6.22 -8.76
C GLU A 52 3.60 -7.63 -8.94
N SER A 53 4.92 -7.70 -9.10
CA SER A 53 5.59 -8.97 -9.28
C SER A 53 6.09 -9.53 -7.96
N VAL A 54 6.51 -10.80 -7.98
CA VAL A 54 7.01 -11.45 -6.77
C VAL A 54 8.51 -11.22 -6.60
N THR A 55 8.87 -10.51 -5.54
CA THR A 55 10.28 -10.22 -5.27
C THR A 55 11.03 -11.48 -4.89
N GLU A 56 11.94 -11.92 -5.77
CA GLU A 56 12.72 -13.11 -5.52
C GLU A 56 13.48 -13.01 -4.20
N GLN A 57 13.63 -14.14 -3.51
CA GLN A 57 14.33 -14.17 -2.23
C GLN A 57 15.69 -13.51 -2.35
N ASP A 58 16.10 -12.83 -1.28
CA ASP A 58 17.40 -12.16 -1.27
C ASP A 58 18.53 -13.13 -1.56
N SER A 59 19.76 -12.64 -1.53
CA SER A 59 20.93 -13.46 -1.79
C SER A 59 21.94 -13.36 -0.65
N LYS A 60 22.03 -12.16 -0.07
CA LYS A 60 22.97 -11.92 1.03
C LYS A 60 22.55 -12.71 2.27
N ASP A 61 21.25 -12.83 2.48
CA ASP A 61 20.72 -13.56 3.64
C ASP A 61 19.54 -14.43 3.23
N SER A 62 19.27 -14.51 1.93
CA SER A 62 18.16 -15.29 1.41
C SER A 62 16.88 -14.98 2.17
N THR A 63 16.66 -13.69 2.46
CA THR A 63 15.47 -13.26 3.17
C THR A 63 14.26 -13.22 2.25
N TYR A 64 13.08 -13.00 2.84
CA TYR A 64 11.85 -12.94 2.06
C TYR A 64 11.24 -11.54 2.12
N SER A 65 10.70 -11.09 0.99
CA SER A 65 10.10 -9.77 0.90
C SER A 65 9.18 -9.67 -0.31
N LEU A 66 8.24 -8.74 -0.26
CA LEU A 66 7.29 -8.53 -1.35
C LEU A 66 6.90 -7.06 -1.47
N SER A 67 6.45 -6.67 -2.65
CA SER A 67 6.03 -5.29 -2.89
C SER A 67 4.78 -5.24 -3.77
N SER A 68 3.93 -4.25 -3.51
CA SER A 68 2.69 -4.09 -4.27
C SER A 68 2.66 -2.74 -4.98
N THR A 69 2.14 -2.74 -6.20
CA THR A 69 2.04 -1.52 -6.99
C THR A 69 0.59 -1.13 -7.24
N LEU A 70 0.22 0.07 -6.81
CA LEU A 70 -1.14 0.56 -7.00
C LEU A 70 -1.21 1.57 -8.13
N THR A 71 -2.14 1.36 -9.05
CA THR A 71 -2.32 2.25 -10.19
C THR A 71 -3.66 2.96 -10.13
N LEU A 72 -3.62 4.27 -9.87
CA LEU A 72 -4.84 5.07 -9.79
C LEU A 72 -4.75 6.28 -10.71
N SER A 73 -5.91 6.78 -11.14
CA SER A 73 -5.97 7.94 -12.02
C SER A 73 -5.83 9.23 -11.24
N LYS A 74 -5.38 10.28 -11.91
CA LYS A 74 -5.19 11.58 -11.28
C LYS A 74 -6.45 12.01 -10.53
N ALA A 75 -7.59 11.89 -11.21
CA ALA A 75 -8.87 12.27 -10.61
C ALA A 75 -9.23 11.34 -9.47
N ASP A 76 -8.93 10.05 -9.64
CA ASP A 76 -9.22 9.06 -8.61
C ASP A 76 -8.55 9.42 -7.29
N TYR A 77 -7.26 9.75 -7.36
CA TYR A 77 -6.49 10.11 -6.17
C TYR A 77 -6.90 11.50 -5.66
N GLU A 78 -7.33 12.35 -6.59
CA GLU A 78 -7.75 13.71 -6.23
C GLU A 78 -8.87 13.68 -5.20
N LYS A 79 -9.74 12.69 -5.32
CA LYS A 79 -10.86 12.55 -4.39
C LYS A 79 -10.41 11.91 -3.08
N HIS A 80 -9.23 11.32 -3.10
CA HIS A 80 -8.67 10.68 -1.91
C HIS A 80 -7.53 11.51 -1.31
N LYS A 81 -6.97 11.04 -0.20
CA LYS A 81 -5.88 11.75 0.44
C LYS A 81 -5.17 10.83 1.44
N VAL A 82 -5.92 9.90 2.02
CA VAL A 82 -5.37 8.96 2.99
C VAL A 82 -4.85 7.69 2.30
N TYR A 83 -3.71 7.20 2.75
CA TYR A 83 -3.12 6.00 2.18
C TYR A 83 -2.72 5.02 3.28
N ALA A 84 -3.19 3.78 3.17
CA ALA A 84 -2.87 2.75 4.14
C ALA A 84 -2.76 1.37 3.48
N CYS A 85 -1.85 0.54 3.99
CA CYS A 85 -1.65 -0.79 3.45
C CYS A 85 -1.43 -1.80 4.57
N GLU A 86 -2.09 -2.96 4.45
CA GLU A 86 -1.96 -4.01 5.47
C GLU A 86 -1.78 -5.37 4.81
N VAL A 87 -1.03 -6.24 5.46
CA VAL A 87 -0.78 -7.58 4.94
C VAL A 87 -1.90 -8.54 5.32
N THR A 88 -2.28 -9.40 4.38
CA THR A 88 -3.35 -10.37 4.62
C THR A 88 -2.90 -11.78 4.24
N HIS A 89 -3.42 -12.77 4.97
CA HIS A 89 -3.08 -14.16 4.72
C HIS A 89 -3.87 -15.09 5.63
N GLN A 90 -3.58 -16.39 5.55
CA GLN A 90 -4.26 -17.37 6.37
C GLN A 90 -4.25 -16.97 7.84
N GLY A 91 -3.20 -16.27 8.24
CA GLY A 91 -3.07 -15.82 9.62
C GLY A 91 -4.17 -14.87 10.02
N LEU A 92 -3.82 -13.60 10.17
CA LEU A 92 -4.80 -12.58 10.56
C LEU A 92 -4.99 -11.56 9.44
N SER A 93 -6.16 -10.92 9.42
CA SER A 93 -6.47 -9.93 8.40
C SER A 93 -5.37 -8.88 8.30
N SER A 94 -4.98 -8.33 9.44
CA SER A 94 -3.93 -7.31 9.48
C SER A 94 -3.39 -7.14 10.90
N PRO A 95 -2.05 -7.14 11.03
CA PRO A 95 -1.38 -6.99 12.33
C PRO A 95 -1.53 -5.58 12.89
N VAL A 96 -1.13 -4.59 12.10
CA VAL A 96 -1.22 -3.20 12.52
C VAL A 96 -1.66 -2.30 11.35
N THR A 97 -2.62 -1.43 11.63
CA THR A 97 -3.14 -0.52 10.62
C THR A 97 -2.30 0.75 10.54
N LYS A 98 -1.62 0.94 9.41
CA LYS A 98 -0.79 2.12 9.22
C LYS A 98 -1.31 2.96 8.05
N SER A 99 -1.79 4.16 8.37
CA SER A 99 -2.31 5.06 7.35
C SER A 99 -1.83 6.49 7.58
N PHE A 100 -1.94 7.32 6.55
CA PHE A 100 -1.50 8.71 6.64
C PHE A 100 -2.21 9.56 5.59
N ASN A 101 -2.48 10.81 5.94
CA ASN A 101 -3.15 11.74 5.04
C ASN A 101 -2.13 12.51 4.19
N ARG A 102 -2.52 12.85 2.97
CA ARG A 102 -1.65 13.60 2.07
C ARG A 102 -2.13 15.03 1.90
N GLY A 103 -3.44 15.21 1.91
CA GLY A 103 -4.01 16.54 1.76
C GLY A 103 -4.48 17.13 3.08
N GLU A 104 -5.49 16.52 3.68
CA GLU A 104 -6.02 17.00 4.95
C GLU A 104 -6.42 15.83 5.85
N SER A 105 -6.73 16.13 7.11
CA SER A 105 -7.12 15.10 8.06
C SER A 105 -8.54 14.63 7.80
N GLU A 106 -8.89 13.48 8.38
CA GLU A 106 -10.23 12.92 8.21
C GLU A 106 -11.27 13.75 8.94
N ASN A 107 -12.48 13.78 8.41
CA ASN A 107 -13.57 14.55 9.01
C ASN A 107 -13.15 16.00 9.24
N LEU A 108 -12.74 16.67 8.17
CA LEU A 108 -12.30 18.06 8.25
C LEU A 108 -13.02 18.91 7.21
N TYR A 109 -12.72 20.21 7.20
CA TYR A 109 -13.33 21.14 6.25
C TYR A 109 -12.27 22.03 5.62
N PHE A 110 -12.67 22.73 4.55
CA PHE A 110 -11.76 23.63 3.85
C PHE A 110 -11.82 25.03 4.44
N GLN A 111 -10.80 25.84 4.13
CA GLN A 111 -10.75 27.20 4.63
C GLN A 111 -10.40 28.18 3.51
N VAL A 1 1.02 -17.81 12.11
CA VAL A 1 1.17 -16.73 11.15
C VAL A 1 1.52 -15.41 11.85
N ALA A 2 2.40 -14.64 11.22
CA ALA A 2 2.81 -13.36 11.78
C ALA A 2 2.93 -12.30 10.68
N ALA A 3 2.07 -11.28 10.75
CA ALA A 3 2.08 -10.20 9.77
C ALA A 3 3.22 -9.21 10.05
N PRO A 4 4.12 -9.06 9.07
CA PRO A 4 5.26 -8.15 9.18
C PRO A 4 4.85 -6.69 9.16
N SER A 5 5.83 -5.80 9.04
CA SER A 5 5.56 -4.36 9.03
C SER A 5 4.94 -3.95 7.69
N VAL A 6 4.35 -2.76 7.67
CA VAL A 6 3.72 -2.24 6.46
C VAL A 6 4.04 -0.76 6.27
N PHE A 7 4.65 -0.43 5.15
CA PHE A 7 5.01 0.96 4.85
C PHE A 7 4.45 1.38 3.49
N ILE A 8 3.72 2.49 3.48
CA ILE A 8 3.13 3.00 2.24
C ILE A 8 3.63 4.41 1.94
N PHE A 9 3.80 4.71 0.66
CA PHE A 9 4.27 6.02 0.23
C PHE A 9 3.68 6.39 -1.13
N PRO A 10 3.30 7.67 -1.28
CA PRO A 10 2.73 8.17 -2.52
C PRO A 10 3.75 8.26 -3.65
N PRO A 11 3.27 8.52 -4.87
CA PRO A 11 4.13 8.62 -6.05
C PRO A 11 4.99 9.87 -6.02
N SER A 12 6.09 9.85 -6.78
CA SER A 12 7.00 10.99 -6.84
C SER A 12 6.25 12.28 -7.13
N ASP A 13 6.81 13.40 -6.69
CA ASP A 13 6.18 14.70 -6.90
C ASP A 13 5.87 14.92 -8.38
N GLU A 14 6.83 14.57 -9.24
CA GLU A 14 6.64 14.73 -10.67
C GLU A 14 5.84 13.57 -11.25
N GLN A 15 5.89 12.43 -10.57
CA GLN A 15 5.17 11.24 -11.02
C GLN A 15 3.70 11.56 -11.28
N LEU A 16 3.04 12.13 -10.28
CA LEU A 16 1.63 12.49 -10.42
C LEU A 16 1.41 13.48 -11.55
N LYS A 17 2.37 14.40 -11.71
CA LYS A 17 2.29 15.41 -12.76
C LYS A 17 2.21 14.75 -14.13
N SER A 18 2.63 13.50 -14.21
CA SER A 18 2.61 12.76 -15.47
C SER A 18 1.17 12.49 -15.92
N GLY A 19 0.22 12.72 -15.01
CA GLY A 19 -1.17 12.50 -15.33
C GLY A 19 -1.70 11.21 -14.75
N THR A 20 -0.98 10.67 -13.77
CA THR A 20 -1.39 9.43 -13.12
C THR A 20 -0.61 9.20 -11.82
N ALA A 21 -1.34 8.90 -10.75
CA ALA A 21 -0.72 8.66 -9.46
C ALA A 21 -0.55 7.17 -9.19
N SER A 22 0.63 6.79 -8.72
CA SER A 22 0.92 5.39 -8.43
C SER A 22 1.43 5.23 -7.00
N VAL A 23 0.69 4.49 -6.18
CA VAL A 23 1.07 4.26 -4.80
C VAL A 23 1.90 2.98 -4.67
N VAL A 24 2.91 3.04 -3.81
CA VAL A 24 3.78 1.89 -3.58
C VAL A 24 3.85 1.52 -2.11
N CYS A 25 3.84 0.23 -1.82
CA CYS A 25 3.90 -0.26 -0.45
C CYS A 25 5.02 -1.28 -0.27
N LEU A 26 5.78 -1.13 0.80
CA LEU A 26 6.89 -2.05 1.08
C LEU A 26 6.48 -3.10 2.09
N LEU A 27 6.71 -4.37 1.75
CA LEU A 27 6.36 -5.48 2.63
C LEU A 27 7.61 -6.08 3.26
N ASN A 28 7.51 -6.47 4.53
CA ASN A 28 8.64 -7.06 5.24
C ASN A 28 8.49 -8.58 5.30
N ASN A 29 9.59 -9.26 5.64
CA ASN A 29 9.58 -10.71 5.74
C ASN A 29 8.29 -11.22 6.37
N PHE A 30 7.46 -11.86 5.55
CA PHE A 30 6.19 -12.40 6.02
C PHE A 30 6.31 -13.88 6.33
N TYR A 31 5.31 -14.41 7.03
CA TYR A 31 5.31 -15.83 7.40
C TYR A 31 4.68 -16.67 6.30
N PRO A 32 3.36 -16.51 6.10
CA PRO A 32 2.61 -17.25 5.08
C PRO A 32 2.97 -16.82 3.67
N ARG A 33 3.24 -17.79 2.80
CA ARG A 33 3.61 -17.52 1.42
C ARG A 33 2.50 -16.75 0.71
N GLU A 34 1.29 -16.80 1.27
CA GLU A 34 0.15 -16.11 0.68
C GLU A 34 0.00 -14.71 1.28
N ALA A 35 1.13 -14.03 1.45
CA ALA A 35 1.13 -12.68 2.01
C ALA A 35 0.83 -11.64 0.93
N LYS A 36 -0.36 -11.06 0.99
CA LYS A 36 -0.78 -10.05 0.02
C LYS A 36 -0.90 -8.68 0.67
N VAL A 37 -0.60 -7.64 -0.10
CA VAL A 37 -0.68 -6.27 0.41
C VAL A 37 -2.02 -5.64 0.06
N GLN A 38 -2.63 -4.99 1.06
CA GLN A 38 -3.93 -4.34 0.86
C GLN A 38 -3.74 -2.86 0.52
N TRP A 39 -4.64 -2.35 -0.31
CA TRP A 39 -4.58 -0.94 -0.73
C TRP A 39 -5.75 -0.15 -0.14
N LYS A 40 -5.44 1.00 0.44
CA LYS A 40 -6.46 1.86 1.02
C LYS A 40 -6.11 3.34 0.84
N VAL A 41 -7.03 4.08 0.22
CA VAL A 41 -6.81 5.50 -0.03
C VAL A 41 -8.02 6.31 0.41
N ASP A 42 -7.81 7.27 1.31
CA ASP A 42 -8.89 8.12 1.79
C ASP A 42 -10.09 7.28 2.23
N ASN A 43 -9.81 6.16 2.89
CA ASN A 43 -10.87 5.27 3.35
C ASN A 43 -11.53 4.55 2.18
N ALA A 44 -10.76 4.34 1.12
CA ALA A 44 -11.28 3.66 -0.07
C ALA A 44 -10.32 2.58 -0.54
N LEU A 45 -10.75 1.33 -0.48
CA LEU A 45 -9.93 0.21 -0.90
C LEU A 45 -9.69 0.25 -2.41
N GLN A 46 -8.45 -0.01 -2.81
CA GLN A 46 -8.09 0.00 -4.23
C GLN A 46 -8.02 -1.42 -4.77
N SER A 47 -9.14 -1.89 -5.31
CA SER A 47 -9.22 -3.24 -5.87
C SER A 47 -9.26 -3.19 -7.40
N GLY A 48 -8.38 -3.97 -8.03
CA GLY A 48 -8.34 -4.01 -9.47
C GLY A 48 -7.33 -3.03 -10.05
N ASN A 49 -7.06 -1.95 -9.31
CA ASN A 49 -6.11 -0.94 -9.75
C ASN A 49 -4.74 -1.17 -9.12
N SER A 50 -4.39 -2.45 -8.93
CA SER A 50 -3.10 -2.80 -8.34
C SER A 50 -2.58 -4.11 -8.93
N GLN A 51 -1.27 -4.17 -9.14
CA GLN A 51 -0.65 -5.37 -9.70
C GLN A 51 0.88 -5.30 -9.56
N GLU A 52 1.44 -6.26 -8.85
CA GLU A 52 2.88 -6.32 -8.64
C GLU A 52 3.40 -7.74 -8.80
N SER A 53 4.71 -7.87 -9.01
CA SER A 53 5.33 -9.17 -9.19
C SER A 53 5.91 -9.68 -7.87
N VAL A 54 6.25 -10.96 -7.84
CA VAL A 54 6.80 -11.57 -6.63
C VAL A 54 8.33 -11.48 -6.62
N THR A 55 8.89 -11.18 -5.46
CA THR A 55 10.34 -11.07 -5.31
C THR A 55 10.95 -12.35 -4.76
N GLU A 56 12.10 -12.73 -5.30
CA GLU A 56 12.78 -13.94 -4.86
C GLU A 56 13.49 -13.71 -3.52
N GLN A 57 13.57 -14.77 -2.71
CA GLN A 57 14.21 -14.68 -1.41
C GLN A 57 15.66 -14.22 -1.55
N ASP A 58 16.23 -13.71 -0.46
CA ASP A 58 17.61 -13.24 -0.46
C ASP A 58 18.57 -14.38 -0.77
N SER A 59 19.85 -14.06 -0.81
CA SER A 59 20.88 -15.06 -1.09
C SER A 59 21.89 -15.14 0.04
N LYS A 60 21.99 -14.07 0.82
CA LYS A 60 22.92 -14.02 1.95
C LYS A 60 22.25 -14.51 3.22
N ASP A 61 20.92 -14.38 3.29
CA ASP A 61 20.17 -14.82 4.45
C ASP A 61 18.96 -15.65 4.04
N SER A 62 18.60 -15.57 2.76
CA SER A 62 17.46 -16.31 2.24
C SER A 62 16.16 -15.80 2.84
N THR A 63 16.09 -14.49 3.07
CA THR A 63 14.90 -13.87 3.64
C THR A 63 13.80 -13.73 2.60
N TYR A 64 12.65 -13.22 3.03
CA TYR A 64 11.52 -13.03 2.13
C TYR A 64 11.07 -11.58 2.11
N SER A 65 10.51 -11.15 0.98
CA SER A 65 10.04 -9.78 0.83
C SER A 65 9.14 -9.64 -0.39
N LEU A 66 8.20 -8.71 -0.32
CA LEU A 66 7.28 -8.48 -1.43
C LEU A 66 6.92 -6.99 -1.54
N SER A 67 6.48 -6.58 -2.72
CA SER A 67 6.11 -5.19 -2.96
C SER A 67 4.83 -5.10 -3.79
N SER A 68 4.02 -4.09 -3.52
CA SER A 68 2.77 -3.90 -4.25
C SER A 68 2.82 -2.60 -5.06
N THR A 69 2.25 -2.65 -6.26
CA THR A 69 2.21 -1.49 -7.15
C THR A 69 0.79 -1.04 -7.41
N LEU A 70 0.46 0.18 -6.99
CA LEU A 70 -0.88 0.73 -7.19
C LEU A 70 -0.90 1.69 -8.38
N THR A 71 -1.87 1.50 -9.27
CA THR A 71 -2.01 2.36 -10.44
C THR A 71 -3.30 3.16 -10.39
N LEU A 72 -3.18 4.46 -10.15
CA LEU A 72 -4.34 5.33 -10.08
C LEU A 72 -4.19 6.51 -11.04
N SER A 73 -5.33 7.07 -11.46
CA SER A 73 -5.32 8.20 -12.38
C SER A 73 -5.09 9.50 -11.63
N LYS A 74 -4.59 10.51 -12.34
CA LYS A 74 -4.31 11.81 -11.75
C LYS A 74 -5.55 12.33 -11.01
N ALA A 75 -6.70 12.27 -11.67
CA ALA A 75 -7.94 12.74 -11.07
C ALA A 75 -8.35 11.86 -9.88
N ASP A 76 -8.12 10.56 -10.01
CA ASP A 76 -8.46 9.61 -8.95
C ASP A 76 -7.74 9.97 -7.66
N TYR A 77 -6.44 10.23 -7.75
CA TYR A 77 -5.63 10.59 -6.60
C TYR A 77 -5.93 12.01 -6.13
N GLU A 78 -6.30 12.86 -7.09
CA GLU A 78 -6.62 14.26 -6.78
C GLU A 78 -7.73 14.34 -5.74
N LYS A 79 -8.67 13.40 -5.80
CA LYS A 79 -9.78 13.38 -4.86
C LYS A 79 -9.37 12.73 -3.55
N HIS A 80 -8.23 12.05 -3.56
CA HIS A 80 -7.72 11.38 -2.37
C HIS A 80 -6.55 12.15 -1.77
N LYS A 81 -6.08 11.69 -0.62
CA LYS A 81 -4.96 12.33 0.06
C LYS A 81 -4.31 11.38 1.07
N VAL A 82 -5.12 10.49 1.63
CA VAL A 82 -4.64 9.53 2.62
C VAL A 82 -4.20 8.23 1.94
N TYR A 83 -3.10 7.67 2.42
CA TYR A 83 -2.58 6.42 1.86
C TYR A 83 -2.19 5.44 2.97
N ALA A 84 -2.76 4.24 2.90
CA ALA A 84 -2.48 3.21 3.90
C ALA A 84 -2.42 1.83 3.26
N CYS A 85 -1.62 0.95 3.84
CA CYS A 85 -1.46 -0.40 3.33
C CYS A 85 -1.26 -1.40 4.47
N GLU A 86 -1.99 -2.52 4.41
CA GLU A 86 -1.89 -3.54 5.44
C GLU A 86 -1.80 -4.93 4.81
N VAL A 87 -1.05 -5.82 5.46
CA VAL A 87 -0.90 -7.18 4.97
C VAL A 87 -2.03 -8.08 5.45
N THR A 88 -2.47 -8.99 4.58
CA THR A 88 -3.55 -9.91 4.92
C THR A 88 -3.19 -11.34 4.55
N HIS A 89 -3.75 -12.29 5.28
CA HIS A 89 -3.48 -13.71 5.03
C HIS A 89 -4.30 -14.58 5.96
N GLN A 90 -4.12 -15.90 5.85
CA GLN A 90 -4.84 -16.85 6.69
C GLN A 90 -4.75 -16.46 8.16
N GLY A 91 -3.61 -15.90 8.55
CA GLY A 91 -3.42 -15.50 9.93
C GLY A 91 -4.51 -14.56 10.42
N LEU A 92 -4.27 -13.26 10.30
CA LEU A 92 -5.24 -12.26 10.73
C LEU A 92 -5.62 -11.35 9.57
N SER A 93 -6.81 -10.77 9.65
CA SER A 93 -7.31 -9.88 8.61
C SER A 93 -6.30 -8.77 8.32
N SER A 94 -5.80 -8.15 9.37
CA SER A 94 -4.82 -7.07 9.23
C SER A 94 -4.10 -6.82 10.56
N PRO A 95 -2.77 -6.66 10.48
CA PRO A 95 -1.92 -6.42 11.65
C PRO A 95 -2.15 -5.03 12.25
N VAL A 96 -1.43 -4.04 11.73
CA VAL A 96 -1.55 -2.67 12.20
C VAL A 96 -1.91 -1.72 11.05
N THR A 97 -2.81 -0.79 11.33
CA THR A 97 -3.24 0.18 10.33
C THR A 97 -2.31 1.38 10.29
N LYS A 98 -1.60 1.54 9.18
CA LYS A 98 -0.67 2.66 9.02
C LYS A 98 -1.04 3.51 7.81
N SER A 99 -1.50 4.73 8.07
CA SER A 99 -1.89 5.64 7.01
C SER A 99 -1.30 7.04 7.24
N PHE A 100 -1.29 7.85 6.18
CA PHE A 100 -0.76 9.20 6.26
C PHE A 100 -1.43 10.12 5.25
N ASN A 101 -1.66 11.36 5.64
CA ASN A 101 -2.30 12.33 4.77
C ASN A 101 -1.25 13.12 3.97
N ARG A 102 -1.43 13.16 2.65
CA ARG A 102 -0.51 13.87 1.78
C ARG A 102 -0.89 15.35 1.67
N GLY A 103 -2.19 15.61 1.67
CA GLY A 103 -2.68 16.98 1.57
C GLY A 103 -2.85 17.63 2.93
N GLU A 104 -3.92 17.27 3.61
CA GLU A 104 -4.21 17.84 4.93
C GLU A 104 -4.91 16.81 5.82
N SER A 105 -5.33 17.25 7.01
CA SER A 105 -6.00 16.38 7.95
C SER A 105 -7.16 15.64 7.27
N GLU A 106 -7.69 14.63 7.96
CA GLU A 106 -8.79 13.84 7.43
C GLU A 106 -9.96 14.75 7.01
N ASN A 107 -10.98 14.14 6.42
CA ASN A 107 -12.15 14.89 5.98
C ASN A 107 -13.19 14.99 7.09
N LEU A 108 -12.73 14.97 8.33
CA LEU A 108 -13.62 15.06 9.49
C LEU A 108 -14.52 16.28 9.39
N TYR A 109 -15.83 16.05 9.37
CA TYR A 109 -16.79 17.15 9.28
C TYR A 109 -17.96 16.91 10.23
N PHE A 110 -18.81 17.92 10.36
CA PHE A 110 -19.97 17.84 11.25
C PHE A 110 -21.26 17.69 10.44
N GLN A 111 -21.31 18.35 9.30
CA GLN A 111 -22.48 18.30 8.43
C GLN A 111 -22.87 16.86 8.14
N VAL A 1 2.25 -18.60 11.95
CA VAL A 1 2.15 -17.47 11.03
C VAL A 1 2.52 -16.16 11.72
N ALA A 2 3.30 -15.33 11.02
CA ALA A 2 3.73 -14.05 11.56
C ALA A 2 3.69 -12.97 10.49
N ALA A 3 2.75 -12.04 10.62
CA ALA A 3 2.61 -10.95 9.68
C ALA A 3 3.66 -9.87 9.92
N PRO A 4 4.48 -9.60 8.90
CA PRO A 4 5.53 -8.59 8.98
C PRO A 4 4.98 -7.17 9.03
N SER A 5 5.87 -6.18 9.00
CA SER A 5 5.46 -4.78 9.04
C SER A 5 4.95 -4.32 7.68
N VAL A 6 4.30 -3.17 7.65
CA VAL A 6 3.75 -2.62 6.42
C VAL A 6 3.99 -1.12 6.33
N PHE A 7 4.46 -0.66 5.17
CA PHE A 7 4.73 0.75 4.96
C PHE A 7 4.19 1.22 3.61
N ILE A 8 3.39 2.28 3.64
CA ILE A 8 2.81 2.82 2.42
C ILE A 8 3.30 4.24 2.16
N PHE A 9 3.46 4.59 0.88
CA PHE A 9 3.92 5.91 0.49
C PHE A 9 3.30 6.34 -0.83
N PRO A 10 2.91 7.62 -0.91
CA PRO A 10 2.29 8.18 -2.11
C PRO A 10 3.29 8.32 -3.26
N PRO A 11 2.76 8.64 -4.46
CA PRO A 11 3.59 8.82 -5.65
C PRO A 11 4.46 10.06 -5.58
N SER A 12 5.54 10.08 -6.35
CA SER A 12 6.45 11.21 -6.38
C SER A 12 5.69 12.51 -6.62
N ASP A 13 6.24 13.62 -6.14
CA ASP A 13 5.61 14.93 -6.31
C ASP A 13 5.28 15.18 -7.77
N GLU A 14 6.23 14.87 -8.66
CA GLU A 14 6.03 15.08 -10.08
C GLU A 14 5.23 13.93 -10.69
N GLN A 15 5.29 12.77 -10.05
CA GLN A 15 4.56 11.59 -10.53
C GLN A 15 3.09 11.91 -10.75
N LEU A 16 2.44 12.44 -9.72
CA LEU A 16 1.02 12.80 -9.81
C LEU A 16 0.79 13.83 -10.92
N LYS A 17 1.72 14.76 -11.05
CA LYS A 17 1.61 15.81 -12.07
C LYS A 17 1.49 15.19 -13.46
N SER A 18 1.92 13.94 -13.60
CA SER A 18 1.86 13.24 -14.88
C SER A 18 0.42 12.98 -15.29
N GLY A 19 -0.50 13.16 -14.33
CA GLY A 19 -1.90 12.94 -14.61
C GLY A 19 -2.40 11.61 -14.09
N THR A 20 -1.67 11.05 -13.13
CA THR A 20 -2.05 9.77 -12.53
C THR A 20 -1.28 9.52 -11.24
N ALA A 21 -2.01 9.17 -10.18
CA ALA A 21 -1.40 8.90 -8.89
C ALA A 21 -1.18 7.41 -8.69
N SER A 22 0.02 7.04 -8.27
CA SER A 22 0.37 5.64 -8.03
C SER A 22 0.93 5.44 -6.63
N VAL A 23 0.25 4.62 -5.84
CA VAL A 23 0.67 4.34 -4.47
C VAL A 23 1.52 3.07 -4.41
N VAL A 24 2.55 3.09 -3.57
CA VAL A 24 3.43 1.94 -3.42
C VAL A 24 3.54 1.53 -1.96
N CYS A 25 3.55 0.23 -1.71
CA CYS A 25 3.65 -0.30 -0.36
C CYS A 25 4.81 -1.29 -0.25
N LEU A 26 5.59 -1.16 0.83
CA LEU A 26 6.73 -2.04 1.06
C LEU A 26 6.37 -3.15 2.05
N LEU A 27 6.64 -4.39 1.66
CA LEU A 27 6.36 -5.54 2.52
C LEU A 27 7.64 -6.11 3.11
N ASN A 28 7.57 -6.54 4.37
CA ASN A 28 8.73 -7.11 5.04
C ASN A 28 8.66 -8.64 5.03
N ASN A 29 9.80 -9.27 5.31
CA ASN A 29 9.88 -10.73 5.32
C ASN A 29 8.64 -11.33 5.97
N PHE A 30 7.81 -12.00 5.18
CA PHE A 30 6.60 -12.63 5.68
C PHE A 30 6.82 -14.11 5.96
N TYR A 31 5.90 -14.72 6.70
CA TYR A 31 6.00 -16.13 7.03
C TYR A 31 5.35 -17.00 5.95
N PRO A 32 4.01 -16.92 5.86
CA PRO A 32 3.24 -17.68 4.87
C PRO A 32 3.47 -17.20 3.45
N ARG A 33 3.74 -18.14 2.55
CA ARG A 33 3.98 -17.81 1.15
C ARG A 33 2.76 -17.14 0.53
N GLU A 34 1.62 -17.25 1.21
CA GLU A 34 0.39 -16.66 0.72
C GLU A 34 0.22 -15.24 1.22
N ALA A 35 1.34 -14.54 1.38
CA ALA A 35 1.33 -13.16 1.85
C ALA A 35 0.88 -12.20 0.75
N LYS A 36 0.10 -11.19 1.12
CA LYS A 36 -0.39 -10.21 0.16
C LYS A 36 -0.60 -8.86 0.83
N VAL A 37 -0.39 -7.78 0.08
CA VAL A 37 -0.57 -6.44 0.61
C VAL A 37 -1.95 -5.89 0.26
N GLN A 38 -2.56 -5.18 1.20
CA GLN A 38 -3.88 -4.61 1.00
C GLN A 38 -3.77 -3.12 0.65
N TRP A 39 -4.76 -2.62 -0.08
CA TRP A 39 -4.79 -1.22 -0.48
C TRP A 39 -5.99 -0.50 0.12
N LYS A 40 -5.74 0.64 0.75
CA LYS A 40 -6.79 1.43 1.38
C LYS A 40 -6.49 2.92 1.27
N VAL A 41 -7.43 3.66 0.68
CA VAL A 41 -7.27 5.10 0.51
C VAL A 41 -8.50 5.85 0.99
N ASP A 42 -8.31 6.77 1.93
CA ASP A 42 -9.42 7.56 2.47
C ASP A 42 -10.59 6.66 2.86
N ASN A 43 -10.28 5.53 3.49
CA ASN A 43 -11.30 4.59 3.91
C ASN A 43 -11.94 3.91 2.70
N ALA A 44 -11.18 3.77 1.63
CA ALA A 44 -11.67 3.14 0.41
C ALA A 44 -10.67 2.12 -0.12
N LEU A 45 -11.06 0.85 -0.11
CA LEU A 45 -10.19 -0.21 -0.59
C LEU A 45 -9.96 -0.09 -2.09
N GLN A 46 -8.71 -0.29 -2.52
CA GLN A 46 -8.36 -0.20 -3.92
C GLN A 46 -8.29 -1.58 -4.55
N SER A 47 -9.39 -2.04 -5.11
CA SER A 47 -9.45 -3.36 -5.75
C SER A 47 -9.49 -3.22 -7.27
N GLY A 48 -8.60 -3.95 -7.93
CA GLY A 48 -8.55 -3.91 -9.39
C GLY A 48 -7.58 -2.87 -9.90
N ASN A 49 -7.33 -1.83 -9.10
CA ASN A 49 -6.41 -0.77 -9.47
C ASN A 49 -5.02 -1.01 -8.88
N SER A 50 -4.65 -2.28 -8.77
CA SER A 50 -3.34 -2.64 -8.22
C SER A 50 -2.81 -3.90 -8.88
N GLN A 51 -1.50 -3.93 -9.10
CA GLN A 51 -0.85 -5.07 -9.73
C GLN A 51 0.67 -4.99 -9.58
N GLU A 52 1.25 -5.98 -8.93
CA GLU A 52 2.70 -6.02 -8.72
C GLU A 52 3.24 -7.42 -8.95
N SER A 53 4.54 -7.52 -9.18
CA SER A 53 5.19 -8.80 -9.42
C SER A 53 5.79 -9.36 -8.13
N VAL A 54 6.15 -10.64 -8.16
CA VAL A 54 6.74 -11.29 -6.99
C VAL A 54 8.25 -11.18 -7.00
N THR A 55 8.83 -10.84 -5.85
CA THR A 55 10.27 -10.70 -5.73
C THR A 55 10.91 -12.00 -5.26
N GLU A 56 12.09 -12.30 -5.79
CA GLU A 56 12.81 -13.52 -5.42
C GLU A 56 13.45 -13.37 -4.05
N GLN A 57 13.49 -14.47 -3.29
CA GLN A 57 14.08 -14.46 -1.96
C GLN A 57 15.57 -14.21 -2.03
N ASP A 58 16.09 -13.52 -1.02
CA ASP A 58 17.52 -13.20 -0.96
C ASP A 58 18.36 -14.48 -1.03
N SER A 59 19.67 -14.32 -0.97
CA SER A 59 20.59 -15.45 -1.03
C SER A 59 21.52 -15.46 0.17
N LYS A 60 21.88 -14.28 0.64
CA LYS A 60 22.77 -14.16 1.79
C LYS A 60 22.12 -14.72 3.05
N ASP A 61 20.81 -14.56 3.15
CA ASP A 61 20.06 -15.06 4.29
C ASP A 61 18.76 -15.74 3.86
N SER A 62 18.62 -15.92 2.55
CA SER A 62 17.43 -16.55 1.99
C SER A 62 16.17 -15.90 2.54
N THR A 63 16.19 -14.58 2.68
CA THR A 63 15.05 -13.84 3.20
C THR A 63 13.98 -13.66 2.12
N TYR A 64 12.82 -13.20 2.53
CA TYR A 64 11.71 -12.98 1.60
C TYR A 64 11.24 -11.52 1.64
N SER A 65 10.62 -11.08 0.56
CA SER A 65 10.12 -9.71 0.46
C SER A 65 9.18 -9.56 -0.73
N LEU A 66 8.22 -8.64 -0.60
CA LEU A 66 7.26 -8.39 -1.66
C LEU A 66 6.87 -6.92 -1.70
N SER A 67 6.38 -6.47 -2.86
CA SER A 67 5.98 -5.08 -3.04
C SER A 67 4.68 -4.99 -3.84
N SER A 68 3.86 -4.00 -3.51
CA SER A 68 2.59 -3.81 -4.20
C SER A 68 2.58 -2.49 -4.96
N THR A 69 1.97 -2.51 -6.14
CA THR A 69 1.90 -1.31 -6.98
C THR A 69 0.45 -0.89 -7.21
N LEU A 70 0.12 0.33 -6.79
CA LEU A 70 -1.23 0.85 -6.95
C LEU A 70 -1.30 1.87 -8.09
N THR A 71 -2.24 1.66 -9.01
CA THR A 71 -2.40 2.56 -10.14
C THR A 71 -3.73 3.31 -10.06
N LEU A 72 -3.66 4.60 -9.76
CA LEU A 72 -4.86 5.43 -9.66
C LEU A 72 -4.75 6.66 -10.55
N SER A 73 -5.90 7.22 -10.92
CA SER A 73 -5.93 8.40 -11.76
C SER A 73 -5.67 9.67 -10.95
N LYS A 74 -5.24 10.73 -11.62
CA LYS A 74 -4.96 11.99 -10.96
C LYS A 74 -6.17 12.48 -10.17
N ALA A 75 -7.33 12.44 -10.81
CA ALA A 75 -8.57 12.87 -10.16
C ALA A 75 -8.99 11.88 -9.08
N ASP A 76 -8.73 10.60 -9.32
CA ASP A 76 -9.08 9.56 -8.36
C ASP A 76 -8.43 9.81 -7.00
N TYR A 77 -7.13 10.09 -7.03
CA TYR A 77 -6.38 10.35 -5.80
C TYR A 77 -6.71 11.73 -5.24
N GLU A 78 -7.07 12.64 -6.13
CA GLU A 78 -7.41 14.01 -5.73
C GLU A 78 -8.55 14.01 -4.72
N LYS A 79 -9.47 13.08 -4.88
CA LYS A 79 -10.62 12.97 -3.99
C LYS A 79 -10.21 12.33 -2.66
N HIS A 80 -9.05 11.67 -2.66
CA HIS A 80 -8.55 11.01 -1.46
C HIS A 80 -7.39 11.80 -0.86
N LYS A 81 -6.87 11.33 0.27
CA LYS A 81 -5.76 11.99 0.95
C LYS A 81 -5.05 11.03 1.88
N VAL A 82 -5.80 10.08 2.42
CA VAL A 82 -5.24 9.09 3.34
C VAL A 82 -4.77 7.85 2.59
N TYR A 83 -3.61 7.33 3.00
CA TYR A 83 -3.05 6.13 2.36
C TYR A 83 -2.56 5.14 3.41
N ALA A 84 -3.07 3.91 3.33
CA ALA A 84 -2.69 2.86 4.27
C ALA A 84 -2.60 1.51 3.57
N CYS A 85 -1.75 0.62 4.09
CA CYS A 85 -1.58 -0.70 3.51
C CYS A 85 -1.28 -1.72 4.61
N GLU A 86 -2.01 -2.85 4.58
CA GLU A 86 -1.82 -3.90 5.56
C GLU A 86 -1.81 -5.27 4.89
N VAL A 87 -1.00 -6.18 5.44
CA VAL A 87 -0.89 -7.53 4.91
C VAL A 87 -2.00 -8.43 5.43
N THR A 88 -2.44 -9.37 4.60
CA THR A 88 -3.50 -10.30 4.99
C THR A 88 -3.20 -11.71 4.51
N HIS A 89 -3.07 -12.64 5.45
CA HIS A 89 -2.78 -14.03 5.11
C HIS A 89 -3.55 -14.98 6.03
N GLN A 90 -3.29 -16.28 5.88
CA GLN A 90 -3.96 -17.29 6.69
C GLN A 90 -3.94 -16.89 8.17
N GLY A 91 -2.85 -16.27 8.59
CA GLY A 91 -2.71 -15.86 9.98
C GLY A 91 -3.83 -14.92 10.41
N LEU A 92 -3.56 -13.62 10.36
CA LEU A 92 -4.54 -12.61 10.75
C LEU A 92 -4.81 -11.65 9.59
N SER A 93 -5.99 -11.04 9.61
CA SER A 93 -6.37 -10.08 8.58
C SER A 93 -5.29 -9.03 8.38
N SER A 94 -4.84 -8.45 9.48
CA SER A 94 -3.81 -7.42 9.44
C SER A 94 -3.19 -7.20 10.81
N PRO A 95 -1.85 -7.25 10.88
CA PRO A 95 -1.12 -7.06 12.14
C PRO A 95 -1.19 -5.62 12.64
N VAL A 96 -0.71 -4.68 11.83
CA VAL A 96 -0.72 -3.27 12.19
C VAL A 96 -1.12 -2.40 11.01
N THR A 97 -2.15 -1.59 11.19
CA THR A 97 -2.62 -0.70 10.13
C THR A 97 -1.89 0.63 10.15
N LYS A 98 -1.10 0.88 9.12
CA LYS A 98 -0.34 2.12 9.01
C LYS A 98 -0.92 3.02 7.93
N SER A 99 -1.45 4.16 8.35
CA SER A 99 -2.04 5.12 7.41
C SER A 99 -1.52 6.52 7.67
N PHE A 100 -1.66 7.40 6.68
CA PHE A 100 -1.20 8.78 6.80
C PHE A 100 -1.95 9.68 5.83
N ASN A 101 -2.22 10.91 6.27
CA ASN A 101 -2.93 11.88 5.43
C ASN A 101 -1.96 12.70 4.61
N ARG A 102 -2.35 13.03 3.38
CA ARG A 102 -1.51 13.82 2.49
C ARG A 102 -2.00 15.27 2.41
N GLY A 103 -3.32 15.44 2.48
CA GLY A 103 -3.90 16.78 2.42
C GLY A 103 -4.13 17.36 3.79
N GLU A 104 -5.04 16.76 4.55
CA GLU A 104 -5.35 17.25 5.89
C GLU A 104 -5.85 16.11 6.78
N SER A 105 -6.17 16.42 8.03
CA SER A 105 -6.66 15.43 8.98
C SER A 105 -8.06 14.95 8.58
N GLU A 106 -8.44 13.79 9.08
CA GLU A 106 -9.75 13.22 8.79
C GLU A 106 -10.83 13.86 9.64
N ASN A 107 -11.00 15.17 9.47
CA ASN A 107 -12.01 15.91 10.24
C ASN A 107 -12.29 17.26 9.59
N LEU A 108 -12.26 17.29 8.25
CA LEU A 108 -12.52 18.52 7.51
C LEU A 108 -13.60 18.30 6.44
N TYR A 109 -14.07 19.39 5.86
CA TYR A 109 -15.09 19.32 4.83
C TYR A 109 -14.51 19.64 3.45
N PHE A 110 -15.30 19.39 2.42
CA PHE A 110 -14.87 19.67 1.05
C PHE A 110 -14.41 21.11 0.90
N GLN A 111 -13.42 21.32 0.04
CA GLN A 111 -12.89 22.66 -0.20
C GLN A 111 -13.10 23.09 -1.65
N VAL A 1 1.11 -18.14 11.83
CA VAL A 1 1.25 -17.05 10.88
C VAL A 1 1.60 -15.75 11.60
N ALA A 2 2.46 -14.95 10.97
CA ALA A 2 2.88 -13.67 11.55
C ALA A 2 2.98 -12.60 10.48
N ALA A 3 2.13 -11.57 10.60
CA ALA A 3 2.13 -10.47 9.64
C ALA A 3 3.25 -9.49 9.92
N PRO A 4 4.14 -9.31 8.93
CA PRO A 4 5.28 -8.40 9.06
C PRO A 4 4.86 -6.94 9.08
N SER A 5 5.84 -6.04 9.00
CA SER A 5 5.57 -4.60 9.01
C SER A 5 4.98 -4.15 7.68
N VAL A 6 4.40 -2.96 7.66
CA VAL A 6 3.80 -2.40 6.46
C VAL A 6 4.13 -0.92 6.31
N PHE A 7 4.65 -0.54 5.15
CA PHE A 7 5.00 0.84 4.88
C PHE A 7 4.44 1.30 3.54
N ILE A 8 3.68 2.39 3.56
CA ILE A 8 3.08 2.93 2.35
C ILE A 8 3.58 4.34 2.07
N PHE A 9 3.72 4.68 0.79
CA PHE A 9 4.19 6.00 0.39
C PHE A 9 3.59 6.41 -0.95
N PRO A 10 3.23 7.69 -1.07
CA PRO A 10 2.64 8.23 -2.29
C PRO A 10 3.64 8.32 -3.44
N PRO A 11 3.15 8.61 -4.64
CA PRO A 11 3.99 8.73 -5.84
C PRO A 11 4.88 9.96 -5.81
N SER A 12 5.96 9.93 -6.57
CA SER A 12 6.91 11.04 -6.62
C SER A 12 6.17 12.36 -6.90
N ASP A 13 6.76 13.45 -6.44
CA ASP A 13 6.16 14.77 -6.63
C ASP A 13 5.84 15.01 -8.11
N GLU A 14 6.78 14.65 -8.97
CA GLU A 14 6.59 14.82 -10.41
C GLU A 14 5.76 13.69 -10.99
N GLN A 15 5.77 12.54 -10.33
CA GLN A 15 5.02 11.37 -10.79
C GLN A 15 3.56 11.74 -11.03
N LEU A 16 2.93 12.31 -10.01
CA LEU A 16 1.52 12.70 -10.11
C LEU A 16 1.33 13.72 -11.23
N LYS A 17 2.29 14.62 -11.39
CA LYS A 17 2.22 15.64 -12.43
C LYS A 17 2.09 15.00 -13.81
N SER A 18 2.48 13.74 -13.91
CA SER A 18 2.41 13.01 -15.17
C SER A 18 0.97 12.78 -15.59
N GLY A 19 0.04 13.01 -14.66
CA GLY A 19 -1.36 12.82 -14.95
C GLY A 19 -1.90 11.52 -14.40
N THR A 20 -1.19 10.95 -13.43
CA THR A 20 -1.60 9.70 -12.81
C THR A 20 -0.84 9.45 -11.51
N ALA A 21 -1.57 9.14 -10.45
CA ALA A 21 -0.97 8.87 -9.15
C ALA A 21 -0.78 7.37 -8.93
N SER A 22 0.41 6.99 -8.48
CA SER A 22 0.73 5.59 -8.23
C SER A 22 1.25 5.40 -6.81
N VAL A 23 0.51 4.62 -6.01
CA VAL A 23 0.90 4.35 -4.64
C VAL A 23 1.76 3.10 -4.54
N VAL A 24 2.77 3.15 -3.68
CA VAL A 24 3.67 2.02 -3.50
C VAL A 24 3.75 1.61 -2.03
N CYS A 25 3.76 0.31 -1.78
CA CYS A 25 3.83 -0.21 -0.42
C CYS A 25 4.91 -1.27 -0.30
N LEU A 26 5.70 -1.18 0.77
CA LEU A 26 6.79 -2.13 1.01
C LEU A 26 6.37 -3.20 2.01
N LEU A 27 6.68 -4.45 1.70
CA LEU A 27 6.33 -5.58 2.57
C LEU A 27 7.59 -6.19 3.18
N ASN A 28 7.50 -6.57 4.45
CA ASN A 28 8.62 -7.18 5.15
C ASN A 28 8.50 -8.69 5.16
N ASN A 29 9.60 -9.37 5.49
CA ASN A 29 9.61 -10.83 5.54
C ASN A 29 8.32 -11.36 6.15
N PHE A 30 7.49 -11.99 5.32
CA PHE A 30 6.23 -12.55 5.79
C PHE A 30 6.37 -14.04 6.10
N TYR A 31 5.38 -14.59 6.79
CA TYR A 31 5.39 -16.00 7.16
C TYR A 31 4.75 -16.84 6.06
N PRO A 32 3.42 -16.73 5.92
CA PRO A 32 2.66 -17.48 4.91
C PRO A 32 2.95 -17.00 3.49
N ARG A 33 2.85 -17.92 2.54
CA ARG A 33 3.10 -17.59 1.14
C ARG A 33 1.97 -16.77 0.55
N GLU A 34 0.84 -16.74 1.25
CA GLU A 34 -0.32 -15.98 0.81
C GLU A 34 -0.24 -14.53 1.27
N ALA A 35 0.99 -14.04 1.43
CA ALA A 35 1.21 -12.66 1.86
C ALA A 35 0.83 -11.68 0.76
N LYS A 36 -0.28 -10.98 0.97
CA LYS A 36 -0.77 -9.99 0.00
C LYS A 36 -0.89 -8.62 0.64
N VAL A 37 -0.54 -7.59 -0.13
CA VAL A 37 -0.63 -6.21 0.36
C VAL A 37 -1.99 -5.59 0.07
N GLN A 38 -2.59 -4.99 1.09
CA GLN A 38 -3.90 -4.37 0.95
C GLN A 38 -3.77 -2.89 0.62
N TRP A 39 -4.64 -2.40 -0.24
CA TRP A 39 -4.62 -0.99 -0.64
C TRP A 39 -5.81 -0.23 -0.04
N LYS A 40 -5.52 0.91 0.58
CA LYS A 40 -6.56 1.73 1.19
C LYS A 40 -6.23 3.21 1.06
N VAL A 41 -7.15 3.97 0.46
CA VAL A 41 -6.96 5.40 0.27
C VAL A 41 -8.20 6.18 0.72
N ASP A 42 -7.99 7.10 1.65
CA ASP A 42 -9.09 7.92 2.16
C ASP A 42 -10.28 7.05 2.55
N ASN A 43 -10.00 5.92 3.18
CA ASN A 43 -11.04 5.00 3.60
C ASN A 43 -11.68 4.31 2.40
N ALA A 44 -10.90 4.14 1.35
CA ALA A 44 -11.38 3.50 0.13
C ALA A 44 -10.41 2.44 -0.36
N LEU A 45 -10.84 1.18 -0.36
CA LEU A 45 -10.01 0.08 -0.80
C LEU A 45 -9.76 0.14 -2.30
N GLN A 46 -8.51 -0.08 -2.70
CA GLN A 46 -8.14 -0.05 -4.12
C GLN A 46 -8.04 -1.46 -4.69
N SER A 47 -9.14 -1.96 -5.23
CA SER A 47 -9.18 -3.29 -5.81
C SER A 47 -9.21 -3.23 -7.34
N GLY A 48 -8.32 -3.98 -7.97
CA GLY A 48 -8.26 -3.99 -9.43
C GLY A 48 -7.28 -2.97 -9.97
N ASN A 49 -7.04 -1.90 -9.21
CA ASN A 49 -6.12 -0.86 -9.63
C ASN A 49 -4.74 -1.07 -9.03
N SER A 50 -4.35 -2.34 -8.90
CA SER A 50 -3.05 -2.69 -8.33
C SER A 50 -2.51 -3.97 -8.95
N GLN A 51 -1.21 -3.97 -9.27
CA GLN A 51 -0.58 -5.14 -9.87
C GLN A 51 0.94 -5.07 -9.71
N GLU A 52 1.50 -6.06 -9.02
CA GLU A 52 2.94 -6.11 -8.80
C GLU A 52 3.47 -7.52 -8.99
N SER A 53 4.77 -7.64 -9.20
CA SER A 53 5.41 -8.93 -9.41
C SER A 53 5.97 -9.48 -8.10
N VAL A 54 6.33 -10.76 -8.10
CA VAL A 54 6.88 -11.40 -6.91
C VAL A 54 8.39 -11.31 -6.90
N THR A 55 8.96 -11.01 -5.73
CA THR A 55 10.40 -10.88 -5.58
C THR A 55 11.03 -12.22 -5.17
N GLU A 56 12.14 -12.56 -5.80
CA GLU A 56 12.84 -13.81 -5.51
C GLU A 56 13.52 -13.73 -4.14
N GLN A 57 13.68 -14.89 -3.51
CA GLN A 57 14.33 -14.95 -2.20
C GLN A 57 15.69 -14.28 -2.22
N ASP A 58 16.03 -13.61 -1.13
CA ASP A 58 17.31 -12.93 -1.03
C ASP A 58 18.47 -13.89 -1.25
N SER A 59 19.70 -13.37 -1.18
CA SER A 59 20.88 -14.19 -1.38
C SER A 59 21.84 -14.07 -0.19
N LYS A 60 21.46 -13.24 0.77
CA LYS A 60 22.28 -13.04 1.97
C LYS A 60 21.86 -13.99 3.08
N ASP A 61 20.57 -13.97 3.41
CA ASP A 61 20.04 -14.84 4.46
C ASP A 61 18.78 -15.55 3.98
N SER A 62 18.65 -15.68 2.67
CA SER A 62 17.48 -16.35 2.09
C SER A 62 16.18 -15.81 2.68
N THR A 63 16.13 -14.49 2.87
CA THR A 63 14.96 -13.85 3.44
C THR A 63 13.85 -13.71 2.40
N TYR A 64 12.70 -13.19 2.83
CA TYR A 64 11.57 -13.00 1.93
C TYR A 64 11.11 -11.55 1.93
N SER A 65 10.54 -11.11 0.81
CA SER A 65 10.07 -9.74 0.67
C SER A 65 9.16 -9.60 -0.55
N LEU A 66 8.20 -8.67 -0.46
CA LEU A 66 7.27 -8.44 -1.55
C LEU A 66 6.88 -6.97 -1.64
N SER A 67 6.45 -6.54 -2.82
CA SER A 67 6.06 -5.15 -3.03
C SER A 67 4.80 -5.07 -3.89
N SER A 68 3.96 -4.07 -3.59
CA SER A 68 2.72 -3.88 -4.34
C SER A 68 2.71 -2.55 -5.08
N THR A 69 2.18 -2.55 -6.29
CA THR A 69 2.12 -1.35 -7.10
C THR A 69 0.68 -0.90 -7.34
N LEU A 70 0.37 0.32 -6.95
CA LEU A 70 -0.97 0.86 -7.12
C LEU A 70 -1.03 1.86 -8.28
N THR A 71 -1.99 1.68 -9.17
CA THR A 71 -2.15 2.56 -10.32
C THR A 71 -3.46 3.33 -10.24
N LEU A 72 -3.36 4.64 -10.01
CA LEU A 72 -4.53 5.49 -9.92
C LEU A 72 -4.40 6.71 -10.82
N SER A 73 -5.53 7.28 -11.21
CA SER A 73 -5.54 8.46 -12.08
C SER A 73 -5.27 9.72 -11.28
N LYS A 74 -4.78 10.76 -11.97
CA LYS A 74 -4.48 12.03 -11.33
C LYS A 74 -5.69 12.55 -10.56
N ALA A 75 -6.85 12.53 -11.20
CA ALA A 75 -8.08 12.99 -10.58
C ALA A 75 -8.52 12.05 -9.46
N ASP A 76 -8.29 10.76 -9.66
CA ASP A 76 -8.67 9.75 -8.68
C ASP A 76 -7.98 10.02 -7.34
N TYR A 77 -6.68 10.27 -7.39
CA TYR A 77 -5.91 10.54 -6.18
C TYR A 77 -6.20 11.95 -5.65
N GLU A 78 -6.55 12.85 -6.56
CA GLU A 78 -6.85 14.22 -6.19
C GLU A 78 -7.98 14.28 -5.16
N LYS A 79 -8.93 13.37 -5.29
CA LYS A 79 -10.07 13.31 -4.38
C LYS A 79 -9.66 12.67 -3.06
N HIS A 80 -8.53 11.97 -3.06
CA HIS A 80 -8.03 11.32 -1.86
C HIS A 80 -6.84 12.08 -1.27
N LYS A 81 -6.34 11.62 -0.13
CA LYS A 81 -5.22 12.26 0.53
C LYS A 81 -4.54 11.30 1.51
N VAL A 82 -5.32 10.38 2.07
CA VAL A 82 -4.79 9.41 3.01
C VAL A 82 -4.37 8.13 2.30
N TYR A 83 -3.24 7.56 2.72
CA TYR A 83 -2.72 6.33 2.13
C TYR A 83 -2.30 5.34 3.20
N ALA A 84 -2.83 4.13 3.13
CA ALA A 84 -2.52 3.09 4.09
C ALA A 84 -2.46 1.72 3.42
N CYS A 85 -1.64 0.83 3.98
CA CYS A 85 -1.50 -0.52 3.43
C CYS A 85 -1.26 -1.53 4.54
N GLU A 86 -1.98 -2.63 4.49
CA GLU A 86 -1.86 -3.69 5.49
C GLU A 86 -1.80 -5.07 4.84
N VAL A 87 -1.04 -5.97 5.45
CA VAL A 87 -0.90 -7.33 4.92
C VAL A 87 -2.02 -8.23 5.42
N THR A 88 -2.48 -9.12 4.56
CA THR A 88 -3.55 -10.05 4.92
C THR A 88 -3.20 -11.48 4.53
N HIS A 89 -3.77 -12.44 5.24
CA HIS A 89 -3.52 -13.84 4.97
C HIS A 89 -4.31 -14.74 5.92
N GLN A 90 -4.13 -16.05 5.79
CA GLN A 90 -4.84 -17.01 6.64
C GLN A 90 -4.70 -16.62 8.11
N GLY A 91 -3.58 -16.01 8.47
CA GLY A 91 -3.35 -15.62 9.85
C GLY A 91 -4.44 -14.70 10.37
N LEU A 92 -4.20 -13.40 10.29
CA LEU A 92 -5.16 -12.41 10.77
C LEU A 92 -5.57 -11.47 9.63
N SER A 93 -6.76 -10.90 9.76
CA SER A 93 -7.28 -9.97 8.74
C SER A 93 -6.26 -8.88 8.45
N SER A 94 -5.71 -8.28 9.50
CA SER A 94 -4.72 -7.22 9.34
C SER A 94 -3.95 -7.00 10.64
N PRO A 95 -2.62 -6.87 10.52
CA PRO A 95 -1.74 -6.66 11.67
C PRO A 95 -1.92 -5.27 12.29
N VAL A 96 -1.17 -4.30 11.77
CA VAL A 96 -1.25 -2.94 12.27
C VAL A 96 -1.66 -1.97 11.17
N THR A 97 -2.55 -1.04 11.50
CA THR A 97 -3.03 -0.05 10.54
C THR A 97 -2.09 1.14 10.47
N LYS A 98 -1.43 1.31 9.32
CA LYS A 98 -0.50 2.42 9.12
C LYS A 98 -0.94 3.29 7.96
N SER A 99 -1.38 4.51 8.26
CA SER A 99 -1.82 5.44 7.22
C SER A 99 -1.23 6.83 7.46
N PHE A 100 -1.27 7.66 6.41
CA PHE A 100 -0.75 9.02 6.50
C PHE A 100 -1.49 9.95 5.55
N ASN A 101 -1.71 11.18 5.99
CA ASN A 101 -2.40 12.17 5.18
C ASN A 101 -1.41 12.98 4.34
N ARG A 102 -1.78 13.25 3.10
CA ARG A 102 -0.93 14.02 2.19
C ARG A 102 -1.43 15.45 2.06
N GLY A 103 -2.75 15.62 2.12
CA GLY A 103 -3.32 16.95 2.00
C GLY A 103 -4.08 17.36 3.26
N GLU A 104 -5.32 16.90 3.37
CA GLU A 104 -6.15 17.24 4.52
C GLU A 104 -6.00 16.18 5.62
N SER A 105 -6.17 16.61 6.87
CA SER A 105 -6.04 15.71 8.01
C SER A 105 -7.40 15.11 8.38
N GLU A 106 -7.42 14.33 9.46
CA GLU A 106 -8.66 13.71 9.92
C GLU A 106 -9.32 14.55 11.00
N ASN A 107 -9.21 15.87 10.87
CA ASN A 107 -9.79 16.79 11.84
C ASN A 107 -10.63 17.85 11.14
N LEU A 108 -11.31 17.45 10.06
CA LEU A 108 -12.15 18.37 9.31
C LEU A 108 -13.54 17.79 9.10
N TYR A 109 -14.44 18.61 8.56
CA TYR A 109 -15.81 18.17 8.30
C TYR A 109 -15.83 16.99 7.35
N PHE A 110 -16.99 16.33 7.26
CA PHE A 110 -17.15 15.19 6.37
C PHE A 110 -16.72 15.53 4.95
N GLN A 111 -17.44 16.46 4.32
CA GLN A 111 -17.12 16.88 2.95
C GLN A 111 -15.90 17.79 2.94
N VAL A 1 1.57 -18.50 11.54
CA VAL A 1 1.64 -17.36 10.62
C VAL A 1 1.89 -16.07 11.37
N ALA A 2 2.75 -15.22 10.82
CA ALA A 2 3.08 -13.94 11.43
C ALA A 2 3.18 -12.84 10.38
N ALA A 3 2.25 -11.88 10.45
CA ALA A 3 2.23 -10.77 9.52
C ALA A 3 3.35 -9.79 9.81
N PRO A 4 4.24 -9.58 8.81
CA PRO A 4 5.38 -8.67 8.95
C PRO A 4 4.95 -7.21 8.98
N SER A 5 5.92 -6.30 8.95
CA SER A 5 5.63 -4.87 8.98
C SER A 5 5.05 -4.40 7.65
N VAL A 6 4.47 -3.21 7.65
CA VAL A 6 3.86 -2.65 6.44
C VAL A 6 4.18 -1.17 6.32
N PHE A 7 4.65 -0.76 5.15
CA PHE A 7 5.00 0.63 4.89
C PHE A 7 4.39 1.12 3.59
N ILE A 8 3.64 2.21 3.66
CA ILE A 8 3.00 2.77 2.47
C ILE A 8 3.47 4.20 2.22
N PHE A 9 3.57 4.56 0.94
CA PHE A 9 4.01 5.91 0.56
C PHE A 9 3.38 6.33 -0.76
N PRO A 10 2.95 7.60 -0.83
CA PRO A 10 2.32 8.16 -2.04
C PRO A 10 3.32 8.32 -3.19
N PRO A 11 2.79 8.63 -4.38
CA PRO A 11 3.61 8.82 -5.58
C PRO A 11 4.45 10.09 -5.52
N SER A 12 5.50 10.14 -6.32
CA SER A 12 6.38 11.30 -6.35
C SER A 12 5.58 12.59 -6.57
N ASP A 13 6.13 13.70 -6.09
CA ASP A 13 5.48 14.99 -6.23
C ASP A 13 5.11 15.26 -7.69
N GLU A 14 6.05 14.97 -8.59
CA GLU A 14 5.82 15.19 -10.02
C GLU A 14 5.03 14.02 -10.62
N GLN A 15 5.11 12.86 -9.99
CA GLN A 15 4.40 11.68 -10.47
C GLN A 15 2.92 11.98 -10.66
N LEU A 16 2.28 12.49 -9.62
CA LEU A 16 0.86 12.82 -9.67
C LEU A 16 0.59 13.84 -10.76
N LYS A 17 1.52 14.78 -10.93
CA LYS A 17 1.38 15.82 -11.95
C LYS A 17 1.25 15.21 -13.34
N SER A 18 1.68 13.97 -13.48
CA SER A 18 1.63 13.27 -14.76
C SER A 18 0.18 12.99 -15.16
N GLY A 19 -0.73 13.17 -14.21
CA GLY A 19 -2.14 12.93 -14.48
C GLY A 19 -2.62 11.61 -13.92
N THR A 20 -1.86 11.05 -12.99
CA THR A 20 -2.21 9.77 -12.38
C THR A 20 -1.39 9.51 -11.12
N ALA A 21 -2.06 9.15 -10.04
CA ALA A 21 -1.41 8.89 -8.77
C ALA A 21 -1.16 7.40 -8.59
N SER A 22 0.05 7.04 -8.16
CA SER A 22 0.41 5.65 -7.95
C SER A 22 0.95 5.43 -6.54
N VAL A 23 0.28 4.57 -5.78
CA VAL A 23 0.69 4.28 -4.42
C VAL A 23 1.54 3.00 -4.35
N VAL A 24 2.56 3.03 -3.52
CA VAL A 24 3.45 1.87 -3.37
C VAL A 24 3.55 1.45 -1.91
N CYS A 25 3.57 0.14 -1.67
CA CYS A 25 3.67 -0.40 -0.33
C CYS A 25 4.77 -1.45 -0.24
N LEU A 26 5.60 -1.34 0.79
CA LEU A 26 6.70 -2.28 1.00
C LEU A 26 6.34 -3.32 2.04
N LEU A 27 6.58 -4.59 1.72
CA LEU A 27 6.28 -5.69 2.62
C LEU A 27 7.56 -6.29 3.20
N ASN A 28 7.51 -6.70 4.45
CA ASN A 28 8.66 -7.30 5.11
C ASN A 28 8.57 -8.82 5.11
N ASN A 29 9.68 -9.47 5.43
CA ASN A 29 9.72 -10.93 5.45
C ASN A 29 8.45 -11.50 6.06
N PHE A 30 7.60 -12.08 5.21
CA PHE A 30 6.34 -12.66 5.66
C PHE A 30 6.48 -14.17 5.89
N TYR A 31 5.50 -14.76 6.55
CA TYR A 31 5.52 -16.19 6.85
C TYR A 31 4.92 -16.99 5.69
N PRO A 32 3.61 -16.83 5.48
CA PRO A 32 2.88 -17.53 4.42
C PRO A 32 3.26 -17.02 3.04
N ARG A 33 3.55 -17.94 2.13
CA ARG A 33 3.93 -17.58 0.76
C ARG A 33 2.80 -16.84 0.06
N GLU A 34 1.59 -16.94 0.62
CA GLU A 34 0.42 -16.29 0.06
C GLU A 34 0.20 -14.92 0.70
N ALA A 35 1.30 -14.26 1.06
CA ALA A 35 1.22 -12.94 1.68
C ALA A 35 0.71 -11.89 0.71
N LYS A 36 -0.51 -11.43 0.92
CA LYS A 36 -1.12 -10.42 0.05
C LYS A 36 -1.35 -9.13 0.81
N VAL A 37 -0.98 -8.01 0.17
CA VAL A 37 -1.14 -6.70 0.79
C VAL A 37 -2.47 -6.07 0.38
N GLN A 38 -3.11 -5.38 1.32
CA GLN A 38 -4.38 -4.73 1.06
C GLN A 38 -4.20 -3.22 0.88
N TRP A 39 -4.92 -2.66 -0.09
CA TRP A 39 -4.83 -1.22 -0.37
C TRP A 39 -5.97 -0.47 0.30
N LYS A 40 -5.65 0.67 0.90
CA LYS A 40 -6.65 1.48 1.57
C LYS A 40 -6.32 2.97 1.43
N VAL A 41 -7.26 3.74 0.90
CA VAL A 41 -7.08 5.17 0.72
C VAL A 41 -8.29 5.94 1.21
N ASP A 42 -8.06 6.86 2.14
CA ASP A 42 -9.13 7.68 2.70
C ASP A 42 -10.31 6.81 3.12
N ASN A 43 -10.02 5.67 3.72
CA ASN A 43 -11.06 4.75 4.15
C ASN A 43 -11.74 4.08 2.96
N ALA A 44 -10.99 3.92 1.88
CA ALA A 44 -11.51 3.29 0.67
C ALA A 44 -10.55 2.25 0.13
N LEU A 45 -11.00 0.98 0.12
CA LEU A 45 -10.16 -0.11 -0.37
C LEU A 45 -9.96 0.00 -1.87
N GLN A 46 -8.72 -0.25 -2.31
CA GLN A 46 -8.40 -0.18 -3.73
C GLN A 46 -8.28 -1.58 -4.33
N SER A 47 -9.40 -2.08 -4.86
CA SER A 47 -9.44 -3.41 -5.46
C SER A 47 -9.51 -3.32 -6.98
N GLY A 48 -8.62 -4.04 -7.66
CA GLY A 48 -8.60 -4.02 -9.11
C GLY A 48 -7.65 -2.99 -9.67
N ASN A 49 -7.39 -1.93 -8.89
CA ASN A 49 -6.50 -0.87 -9.32
C ASN A 49 -5.10 -1.09 -8.76
N SER A 50 -4.69 -2.34 -8.67
CA SER A 50 -3.37 -2.69 -8.15
C SER A 50 -2.86 -3.97 -8.79
N GLN A 51 -1.59 -3.95 -9.21
CA GLN A 51 -0.98 -5.12 -9.85
C GLN A 51 0.54 -5.05 -9.75
N GLU A 52 1.12 -6.02 -9.07
CA GLU A 52 2.57 -6.08 -8.90
C GLU A 52 3.09 -7.51 -9.05
N SER A 53 4.40 -7.64 -9.28
CA SER A 53 5.01 -8.95 -9.44
C SER A 53 5.58 -9.45 -8.12
N VAL A 54 5.95 -10.74 -8.10
CA VAL A 54 6.51 -11.34 -6.90
C VAL A 54 8.02 -11.21 -6.87
N THR A 55 8.55 -10.68 -5.78
CA THR A 55 10.00 -10.50 -5.63
C THR A 55 10.66 -11.78 -5.11
N GLU A 56 11.85 -12.07 -5.62
CA GLU A 56 12.58 -13.26 -5.20
C GLU A 56 13.21 -13.05 -3.83
N GLN A 57 13.51 -14.15 -3.14
CA GLN A 57 14.11 -14.09 -1.81
C GLN A 57 15.60 -13.82 -1.91
N ASP A 58 16.13 -13.07 -0.96
CA ASP A 58 17.55 -12.75 -0.93
C ASP A 58 18.40 -14.02 -0.93
N SER A 59 19.72 -13.84 -0.87
CA SER A 59 20.63 -14.97 -0.87
C SER A 59 21.57 -14.89 0.33
N LYS A 60 21.94 -13.67 0.73
CA LYS A 60 22.83 -13.46 1.85
C LYS A 60 22.19 -13.94 3.15
N ASP A 61 20.87 -13.80 3.25
CA ASP A 61 20.13 -14.23 4.44
C ASP A 61 18.85 -14.95 4.05
N SER A 62 18.69 -15.21 2.75
CA SER A 62 17.50 -15.89 2.26
C SER A 62 16.23 -15.22 2.78
N THR A 63 16.24 -13.89 2.82
CA THR A 63 15.10 -13.14 3.31
C THR A 63 13.99 -13.07 2.26
N TYR A 64 12.82 -12.59 2.66
CA TYR A 64 11.69 -12.47 1.75
C TYR A 64 11.07 -11.08 1.83
N SER A 65 10.43 -10.66 0.74
CA SER A 65 9.79 -9.35 0.69
C SER A 65 8.90 -9.23 -0.54
N LEU A 66 7.83 -8.45 -0.42
CA LEU A 66 6.89 -8.25 -1.51
C LEU A 66 6.50 -6.78 -1.64
N SER A 67 6.15 -6.37 -2.86
CA SER A 67 5.76 -4.99 -3.12
C SER A 67 4.52 -4.93 -3.99
N SER A 68 3.66 -3.96 -3.72
CA SER A 68 2.42 -3.79 -4.48
C SER A 68 2.41 -2.46 -5.22
N THR A 69 1.88 -2.47 -6.44
CA THR A 69 1.81 -1.27 -7.26
C THR A 69 0.37 -0.81 -7.44
N LEU A 70 0.03 0.31 -6.83
CA LEU A 70 -1.33 0.85 -6.93
C LEU A 70 -1.43 1.88 -8.05
N THR A 71 -2.42 1.71 -8.92
CA THR A 71 -2.61 2.63 -10.04
C THR A 71 -3.92 3.39 -9.91
N LEU A 72 -3.82 4.68 -9.64
CA LEU A 72 -5.00 5.53 -9.48
C LEU A 72 -4.93 6.75 -10.39
N SER A 73 -6.09 7.30 -10.74
CA SER A 73 -6.14 8.47 -11.60
C SER A 73 -5.90 9.75 -10.80
N LYS A 74 -5.43 10.79 -11.48
CA LYS A 74 -5.14 12.06 -10.84
C LYS A 74 -6.35 12.54 -10.02
N ALA A 75 -7.52 12.49 -10.65
CA ALA A 75 -8.75 12.91 -9.98
C ALA A 75 -9.11 11.98 -8.84
N ASP A 76 -8.87 10.69 -9.04
CA ASP A 76 -9.16 9.68 -8.02
C ASP A 76 -8.41 9.99 -6.73
N TYR A 77 -7.11 10.26 -6.85
CA TYR A 77 -6.28 10.56 -5.70
C TYR A 77 -6.60 11.95 -5.14
N GLU A 78 -7.03 12.85 -6.02
CA GLU A 78 -7.36 14.20 -5.63
C GLU A 78 -8.44 14.21 -4.55
N LYS A 79 -9.35 13.26 -4.64
CA LYS A 79 -10.44 13.14 -3.67
C LYS A 79 -9.96 12.46 -2.40
N HIS A 80 -8.81 11.80 -2.48
CA HIS A 80 -8.24 11.11 -1.33
C HIS A 80 -7.07 11.89 -0.74
N LYS A 81 -6.53 11.38 0.36
CA LYS A 81 -5.40 12.04 1.02
C LYS A 81 -4.69 11.07 1.96
N VAL A 82 -5.45 10.14 2.53
CA VAL A 82 -4.89 9.15 3.45
C VAL A 82 -4.46 7.89 2.71
N TYR A 83 -3.32 7.34 3.10
CA TYR A 83 -2.79 6.14 2.47
C TYR A 83 -2.34 5.13 3.52
N ALA A 84 -2.90 3.93 3.46
CA ALA A 84 -2.55 2.86 4.40
C ALA A 84 -2.52 1.51 3.71
N CYS A 85 -1.67 0.61 4.20
CA CYS A 85 -1.54 -0.72 3.64
C CYS A 85 -1.26 -1.75 4.73
N GLU A 86 -1.94 -2.89 4.65
CA GLU A 86 -1.77 -3.95 5.64
C GLU A 86 -1.66 -5.31 4.95
N VAL A 87 -0.85 -6.19 5.53
CA VAL A 87 -0.66 -7.52 4.98
C VAL A 87 -1.73 -8.49 5.48
N THR A 88 -2.11 -9.43 4.63
CA THR A 88 -3.12 -10.42 4.98
C THR A 88 -2.73 -11.81 4.52
N HIS A 89 -3.22 -12.84 5.22
CA HIS A 89 -2.92 -14.21 4.86
C HIS A 89 -3.65 -15.18 5.79
N GLN A 90 -3.39 -16.47 5.62
CA GLN A 90 -4.04 -17.49 6.44
C GLN A 90 -3.49 -17.47 7.86
N GLY A 91 -3.96 -16.49 8.64
CA GLY A 91 -3.51 -16.36 10.02
C GLY A 91 -4.33 -15.36 10.80
N LEU A 92 -4.11 -14.09 10.52
CA LEU A 92 -4.83 -13.02 11.20
C LEU A 92 -5.38 -12.00 10.21
N SER A 93 -6.46 -11.32 10.60
CA SER A 93 -7.09 -10.33 9.74
C SER A 93 -6.07 -9.30 9.26
N SER A 94 -5.35 -8.71 10.21
CA SER A 94 -4.33 -7.72 9.87
C SER A 94 -3.41 -7.46 11.07
N PRO A 95 -2.12 -7.25 10.78
CA PRO A 95 -1.11 -6.99 11.82
C PRO A 95 -1.29 -5.64 12.48
N VAL A 96 -0.70 -4.60 11.88
CA VAL A 96 -0.80 -3.25 12.39
C VAL A 96 -1.27 -2.28 11.32
N THR A 97 -2.18 -1.38 11.69
CA THR A 97 -2.71 -0.39 10.76
C THR A 97 -1.81 0.83 10.68
N LYS A 98 -1.19 1.04 9.52
CA LYS A 98 -0.31 2.18 9.32
C LYS A 98 -0.81 3.06 8.18
N SER A 99 -1.24 4.27 8.53
CA SER A 99 -1.75 5.21 7.53
C SER A 99 -1.18 6.60 7.76
N PHE A 100 -1.27 7.45 6.74
CA PHE A 100 -0.75 8.81 6.83
C PHE A 100 -1.53 9.74 5.89
N ASN A 101 -1.73 10.98 6.34
CA ASN A 101 -2.46 11.97 5.54
C ASN A 101 -1.48 12.80 4.72
N ARG A 102 -1.76 12.90 3.42
CA ARG A 102 -0.92 13.67 2.52
C ARG A 102 -1.39 15.12 2.44
N GLY A 103 -2.69 15.30 2.21
CA GLY A 103 -3.25 16.64 2.11
C GLY A 103 -3.45 17.28 3.46
N GLU A 104 -4.40 16.75 4.23
CA GLU A 104 -4.69 17.29 5.56
C GLU A 104 -5.27 16.20 6.47
N SER A 105 -5.38 16.51 7.75
CA SER A 105 -5.91 15.57 8.72
C SER A 105 -7.32 15.12 8.34
N GLU A 106 -7.85 14.15 9.08
CA GLU A 106 -9.19 13.64 8.82
C GLU A 106 -10.23 14.41 9.62
N ASN A 107 -10.16 15.73 9.57
CA ASN A 107 -11.09 16.59 10.29
C ASN A 107 -11.38 17.86 9.51
N LEU A 108 -11.45 17.74 8.19
CA LEU A 108 -11.72 18.88 7.33
C LEU A 108 -12.93 18.62 6.44
N TYR A 109 -13.43 19.67 5.81
CA TYR A 109 -14.60 19.55 4.93
C TYR A 109 -14.28 20.11 3.54
N PHE A 110 -13.72 19.26 2.69
CA PHE A 110 -13.38 19.66 1.32
C PHE A 110 -14.62 20.11 0.57
N GLN A 111 -15.57 19.19 0.37
CA GLN A 111 -16.79 19.49 -0.35
C GLN A 111 -17.75 18.30 -0.32
N VAL A 1 0.85 -18.40 11.50
CA VAL A 1 1.02 -17.28 10.59
C VAL A 1 1.34 -16.00 11.34
N ALA A 2 2.24 -15.20 10.76
CA ALA A 2 2.64 -13.94 11.37
C ALA A 2 2.79 -12.85 10.33
N ALA A 3 1.93 -11.83 10.42
CA ALA A 3 1.97 -10.72 9.48
C ALA A 3 3.07 -9.73 9.84
N PRO A 4 4.00 -9.51 8.89
CA PRO A 4 5.13 -8.60 9.09
C PRO A 4 4.69 -7.14 9.14
N SER A 5 5.66 -6.23 9.13
CA SER A 5 5.37 -4.80 9.18
C SER A 5 4.81 -4.32 7.84
N VAL A 6 4.33 -3.08 7.83
CA VAL A 6 3.76 -2.50 6.62
C VAL A 6 4.20 -1.05 6.45
N PHE A 7 4.41 -0.64 5.20
CA PHE A 7 4.83 0.72 4.89
C PHE A 7 4.25 1.19 3.56
N ILE A 8 3.57 2.33 3.59
CA ILE A 8 2.96 2.89 2.39
C ILE A 8 3.49 4.29 2.11
N PHE A 9 3.63 4.62 0.83
CA PHE A 9 4.13 5.93 0.43
C PHE A 9 3.52 6.36 -0.90
N PRO A 10 3.11 7.63 -0.99
CA PRO A 10 2.50 8.18 -2.20
C PRO A 10 3.51 8.33 -3.34
N PRO A 11 3.00 8.61 -4.55
CA PRO A 11 3.85 8.78 -5.74
C PRO A 11 4.68 10.06 -5.68
N SER A 12 5.75 10.11 -6.46
CA SER A 12 6.62 11.27 -6.50
C SER A 12 5.82 12.55 -6.72
N ASP A 13 6.35 13.66 -6.23
CA ASP A 13 5.69 14.96 -6.39
C ASP A 13 5.32 15.22 -7.84
N GLU A 14 6.26 14.95 -8.74
CA GLU A 14 6.03 15.15 -10.17
C GLU A 14 5.27 13.98 -10.77
N GLN A 15 5.38 12.83 -10.14
CA GLN A 15 4.70 11.62 -10.62
C GLN A 15 3.22 11.89 -10.84
N LEU A 16 2.56 12.41 -9.81
CA LEU A 16 1.13 12.71 -9.90
C LEU A 16 0.86 13.74 -10.99
N LYS A 17 1.74 14.73 -11.09
CA LYS A 17 1.59 15.78 -12.09
C LYS A 17 1.52 15.18 -13.50
N SER A 18 2.01 13.96 -13.65
CA SER A 18 2.01 13.28 -14.93
C SER A 18 0.58 12.96 -15.37
N GLY A 19 -0.36 13.08 -14.43
CA GLY A 19 -1.75 12.80 -14.74
C GLY A 19 -2.19 11.44 -14.23
N THR A 20 -1.46 10.92 -13.24
CA THR A 20 -1.79 9.61 -12.68
C THR A 20 -1.03 9.39 -11.37
N ALA A 21 -1.76 9.00 -10.33
CA ALA A 21 -1.15 8.75 -9.02
C ALA A 21 -0.92 7.26 -8.80
N SER A 22 0.28 6.91 -8.37
CA SER A 22 0.64 5.51 -8.12
C SER A 22 1.17 5.32 -6.71
N VAL A 23 0.48 4.48 -5.94
CA VAL A 23 0.88 4.21 -4.56
C VAL A 23 1.70 2.93 -4.47
N VAL A 24 2.72 2.95 -3.63
CA VAL A 24 3.59 1.78 -3.43
C VAL A 24 3.67 1.39 -1.97
N CYS A 25 3.64 0.10 -1.71
CA CYS A 25 3.71 -0.41 -0.34
C CYS A 25 4.86 -1.42 -0.19
N LEU A 26 5.61 -1.29 0.89
CA LEU A 26 6.74 -2.18 1.16
C LEU A 26 6.35 -3.27 2.15
N LEU A 27 6.56 -4.52 1.76
CA LEU A 27 6.23 -5.65 2.63
C LEU A 27 7.49 -6.24 3.25
N ASN A 28 7.39 -6.65 4.52
CA ASN A 28 8.52 -7.22 5.22
C ASN A 28 8.44 -8.75 5.24
N ASN A 29 9.55 -9.40 5.59
CA ASN A 29 9.59 -10.86 5.64
C ASN A 29 8.31 -11.42 6.24
N PHE A 30 7.48 -12.02 5.38
CA PHE A 30 6.21 -12.60 5.83
C PHE A 30 6.37 -14.10 6.09
N TYR A 31 5.38 -14.68 6.75
CA TYR A 31 5.40 -16.10 7.06
C TYR A 31 4.81 -16.93 5.92
N PRO A 32 3.49 -16.78 5.72
CA PRO A 32 2.77 -17.49 4.66
C PRO A 32 3.15 -17.00 3.27
N ARG A 33 3.42 -17.94 2.36
CA ARG A 33 3.80 -17.60 1.00
C ARG A 33 2.66 -16.86 0.29
N GLU A 34 1.47 -16.93 0.87
CA GLU A 34 0.30 -16.27 0.30
C GLU A 34 0.12 -14.88 0.89
N ALA A 35 1.23 -14.23 1.22
CA ALA A 35 1.19 -12.90 1.80
C ALA A 35 0.81 -11.85 0.74
N LYS A 36 -0.29 -11.16 0.97
CA LYS A 36 -0.77 -10.13 0.05
C LYS A 36 -0.87 -8.78 0.75
N VAL A 37 -0.62 -7.71 -0.01
CA VAL A 37 -0.69 -6.36 0.53
C VAL A 37 -2.06 -5.75 0.30
N GLN A 38 -2.60 -5.11 1.32
CA GLN A 38 -3.92 -4.47 1.23
C GLN A 38 -3.78 -3.00 0.85
N TRP A 39 -4.71 -2.52 0.02
CA TRP A 39 -4.69 -1.13 -0.41
C TRP A 39 -5.87 -0.36 0.18
N LYS A 40 -5.57 0.78 0.79
CA LYS A 40 -6.61 1.62 1.40
C LYS A 40 -6.27 3.10 1.26
N VAL A 41 -7.18 3.85 0.66
CA VAL A 41 -6.99 5.28 0.47
C VAL A 41 -8.21 6.07 0.92
N ASP A 42 -7.99 7.02 1.83
CA ASP A 42 -9.08 7.85 2.34
C ASP A 42 -10.27 6.98 2.75
N ASN A 43 -9.98 5.87 3.41
CA ASN A 43 -11.03 4.96 3.85
C ASN A 43 -11.70 4.26 2.67
N ALA A 44 -10.94 4.08 1.60
CA ALA A 44 -11.45 3.43 0.40
C ALA A 44 -10.48 2.37 -0.11
N LEU A 45 -10.90 1.11 -0.07
CA LEU A 45 -10.06 0.01 -0.53
C LEU A 45 -9.83 0.09 -2.03
N GLN A 46 -8.59 -0.13 -2.45
CA GLN A 46 -8.25 -0.09 -3.87
C GLN A 46 -8.20 -1.50 -4.46
N SER A 47 -9.33 -1.95 -4.99
CA SER A 47 -9.42 -3.28 -5.58
C SER A 47 -9.48 -3.20 -7.10
N GLY A 48 -8.63 -3.96 -7.77
CA GLY A 48 -8.60 -3.97 -9.22
C GLY A 48 -7.60 -2.97 -9.77
N ASN A 49 -7.31 -1.92 -9.00
CA ASN A 49 -6.37 -0.89 -9.43
C ASN A 49 -4.99 -1.15 -8.82
N SER A 50 -4.64 -2.41 -8.67
CA SER A 50 -3.34 -2.78 -8.11
C SER A 50 -2.83 -4.07 -8.73
N GLN A 51 -1.52 -4.13 -8.96
CA GLN A 51 -0.90 -5.31 -9.56
C GLN A 51 0.61 -5.24 -9.45
N GLU A 52 1.20 -6.21 -8.77
CA GLU A 52 2.64 -6.27 -8.59
C GLU A 52 3.17 -7.69 -8.79
N SER A 53 4.47 -7.80 -9.03
CA SER A 53 5.10 -9.10 -9.25
C SER A 53 5.70 -9.64 -7.95
N VAL A 54 6.05 -10.92 -7.95
CA VAL A 54 6.63 -11.56 -6.78
C VAL A 54 8.15 -11.46 -6.79
N THR A 55 8.72 -11.03 -5.66
CA THR A 55 10.16 -10.89 -5.54
C THR A 55 10.80 -12.18 -5.03
N GLU A 56 11.90 -12.58 -5.66
CA GLU A 56 12.60 -13.79 -5.27
C GLU A 56 13.35 -13.58 -3.96
N GLN A 57 13.42 -14.63 -3.15
CA GLN A 57 14.11 -14.57 -1.87
C GLN A 57 15.52 -14.03 -2.03
N ASP A 58 16.08 -13.50 -0.95
CA ASP A 58 17.43 -12.94 -0.98
C ASP A 58 18.44 -13.99 -1.40
N SER A 59 19.71 -13.58 -1.48
CA SER A 59 20.78 -14.49 -1.87
C SER A 59 21.84 -14.59 -0.79
N LYS A 60 21.90 -13.57 0.06
CA LYS A 60 22.88 -13.54 1.15
C LYS A 60 22.29 -14.14 2.42
N ASP A 61 20.97 -14.11 2.53
CA ASP A 61 20.28 -14.66 3.70
C ASP A 61 19.11 -15.54 3.28
N SER A 62 18.69 -15.39 2.03
CA SER A 62 17.57 -16.16 1.50
C SER A 62 16.27 -15.77 2.20
N THR A 63 16.13 -14.49 2.52
CA THR A 63 14.94 -13.99 3.18
C THR A 63 13.79 -13.83 2.21
N TYR A 64 12.64 -13.41 2.72
CA TYR A 64 11.46 -13.23 1.89
C TYR A 64 11.00 -11.77 1.91
N SER A 65 10.45 -11.31 0.79
CA SER A 65 9.98 -9.93 0.67
C SER A 65 9.07 -9.77 -0.54
N LEU A 66 8.11 -8.85 -0.45
CA LEU A 66 7.19 -8.59 -1.54
C LEU A 66 6.81 -7.11 -1.59
N SER A 67 6.36 -6.67 -2.76
CA SER A 67 5.97 -5.28 -2.95
C SER A 67 4.68 -5.18 -3.75
N SER A 68 3.87 -4.18 -3.44
CA SER A 68 2.60 -3.98 -4.14
C SER A 68 2.61 -2.67 -4.91
N THR A 69 2.01 -2.68 -6.09
CA THR A 69 1.95 -1.49 -6.94
C THR A 69 0.50 -1.05 -7.17
N LEU A 70 0.20 0.20 -6.81
CA LEU A 70 -1.14 0.74 -6.98
C LEU A 70 -1.19 1.72 -8.14
N THR A 71 -2.15 1.53 -9.03
CA THR A 71 -2.32 2.41 -10.19
C THR A 71 -3.62 3.19 -10.11
N LEU A 72 -3.51 4.48 -9.85
CA LEU A 72 -4.69 5.34 -9.74
C LEU A 72 -4.54 6.57 -10.65
N SER A 73 -5.67 7.15 -11.04
CA SER A 73 -5.68 8.32 -11.90
C SER A 73 -5.43 9.59 -11.09
N LYS A 74 -5.04 10.66 -11.78
CA LYS A 74 -4.79 11.93 -11.13
C LYS A 74 -6.01 12.42 -10.35
N ALA A 75 -7.17 12.33 -10.98
CA ALA A 75 -8.42 12.74 -10.34
C ALA A 75 -8.82 11.78 -9.23
N ASP A 76 -8.56 10.49 -9.44
CA ASP A 76 -8.89 9.48 -8.45
C ASP A 76 -8.20 9.77 -7.13
N TYR A 77 -6.90 10.05 -7.18
CA TYR A 77 -6.13 10.34 -5.98
C TYR A 77 -6.44 11.74 -5.46
N GLU A 78 -6.81 12.63 -6.37
CA GLU A 78 -7.14 14.01 -6.01
C GLU A 78 -8.26 14.05 -4.97
N LYS A 79 -9.20 13.13 -5.09
CA LYS A 79 -10.33 13.05 -4.17
C LYS A 79 -9.90 12.44 -2.84
N HIS A 80 -8.76 11.76 -2.85
CA HIS A 80 -8.24 11.14 -1.63
C HIS A 80 -7.06 11.94 -1.07
N LYS A 81 -6.51 11.47 0.04
CA LYS A 81 -5.39 12.13 0.69
C LYS A 81 -4.68 11.20 1.65
N VAL A 82 -5.45 10.28 2.25
CA VAL A 82 -4.89 9.32 3.20
C VAL A 82 -4.45 8.05 2.49
N TYR A 83 -3.31 7.50 2.92
CA TYR A 83 -2.78 6.28 2.33
C TYR A 83 -2.32 5.31 3.42
N ALA A 84 -2.84 4.08 3.35
CA ALA A 84 -2.48 3.05 4.31
C ALA A 84 -2.45 1.68 3.67
N CYS A 85 -1.57 0.81 4.16
CA CYS A 85 -1.45 -0.55 3.63
C CYS A 85 -1.21 -1.55 4.75
N GLU A 86 -1.92 -2.67 4.71
CA GLU A 86 -1.79 -3.70 5.73
C GLU A 86 -1.70 -5.09 5.09
N VAL A 87 -0.97 -5.99 5.73
CA VAL A 87 -0.80 -7.34 5.22
C VAL A 87 -1.96 -8.23 5.63
N THR A 88 -2.41 -9.09 4.71
CA THR A 88 -3.52 -9.99 4.98
C THR A 88 -3.19 -11.41 4.54
N HIS A 89 -3.78 -12.39 5.21
CA HIS A 89 -3.56 -13.80 4.89
C HIS A 89 -4.33 -14.70 5.84
N GLN A 90 -4.11 -16.00 5.72
CA GLN A 90 -4.77 -16.98 6.57
C GLN A 90 -4.68 -16.58 8.03
N GLY A 91 -3.58 -15.92 8.38
CA GLY A 91 -3.38 -15.49 9.76
C GLY A 91 -4.41 -14.48 10.21
N LEU A 92 -3.98 -13.23 10.37
CA LEU A 92 -4.88 -12.16 10.79
C LEU A 92 -5.10 -11.16 9.66
N SER A 93 -6.24 -10.46 9.71
CA SER A 93 -6.57 -9.47 8.69
C SER A 93 -5.43 -8.47 8.51
N SER A 94 -4.98 -7.90 9.62
CA SER A 94 -3.89 -6.92 9.58
C SER A 94 -3.22 -6.81 10.95
N PRO A 95 -1.88 -6.91 10.96
CA PRO A 95 -1.09 -6.82 12.19
C PRO A 95 -1.08 -5.41 12.77
N VAL A 96 -0.69 -4.44 11.96
CA VAL A 96 -0.65 -3.05 12.40
C VAL A 96 -1.17 -2.12 11.31
N THR A 97 -1.95 -1.12 11.72
CA THR A 97 -2.52 -0.16 10.79
C THR A 97 -1.65 1.08 10.68
N LYS A 98 -1.05 1.29 9.51
CA LYS A 98 -0.20 2.44 9.27
C LYS A 98 -0.72 3.29 8.12
N SER A 99 -1.17 4.51 8.44
CA SER A 99 -1.70 5.41 7.44
C SER A 99 -1.14 6.82 7.62
N PHE A 100 -1.27 7.64 6.59
CA PHE A 100 -0.77 9.01 6.63
C PHE A 100 -1.53 9.91 5.65
N ASN A 101 -1.76 11.14 6.05
CA ASN A 101 -2.47 12.10 5.21
C ASN A 101 -1.50 12.89 4.32
N ARG A 102 -1.94 13.18 3.10
CA ARG A 102 -1.10 13.92 2.16
C ARG A 102 -1.57 15.36 2.05
N GLY A 103 -2.88 15.57 2.12
CA GLY A 103 -3.44 16.90 2.03
C GLY A 103 -3.83 17.47 3.39
N GLU A 104 -4.81 16.84 4.03
CA GLU A 104 -5.27 17.30 5.34
C GLU A 104 -5.69 16.11 6.20
N SER A 105 -5.96 16.38 7.48
CA SER A 105 -6.36 15.33 8.41
C SER A 105 -7.75 14.80 8.05
N GLU A 106 -8.10 13.66 8.63
CA GLU A 106 -9.41 13.05 8.38
C GLU A 106 -10.43 13.48 9.41
N ASN A 107 -10.44 14.78 9.72
CA ASN A 107 -11.37 15.34 10.69
C ASN A 107 -12.02 16.60 10.16
N LEU A 108 -12.30 16.63 8.86
CA LEU A 108 -12.92 17.79 8.23
C LEU A 108 -14.09 17.36 7.36
N TYR A 109 -14.84 18.34 6.86
CA TYR A 109 -15.99 18.07 6.01
C TYR A 109 -15.62 18.20 4.53
N PHE A 110 -16.52 17.74 3.67
CA PHE A 110 -16.28 17.81 2.23
C PHE A 110 -15.91 19.22 1.80
N GLN A 111 -14.92 19.33 0.92
CA GLN A 111 -14.48 20.63 0.43
C GLN A 111 -14.66 20.74 -1.08
N VAL A 1 1.37 -18.06 12.00
CA VAL A 1 1.31 -16.95 11.05
C VAL A 1 1.55 -15.62 11.75
N ALA A 2 2.42 -14.80 11.16
CA ALA A 2 2.74 -13.49 11.71
C ALA A 2 2.86 -12.44 10.62
N ALA A 3 1.97 -11.45 10.65
CA ALA A 3 1.97 -10.38 9.66
C ALA A 3 3.10 -9.41 9.93
N PRO A 4 4.00 -9.25 8.94
CA PRO A 4 5.14 -8.34 9.04
C PRO A 4 4.72 -6.87 9.02
N SER A 5 5.70 -5.98 9.05
CA SER A 5 5.44 -4.55 9.03
C SER A 5 4.90 -4.10 7.68
N VAL A 6 4.37 -2.89 7.62
CA VAL A 6 3.82 -2.35 6.39
C VAL A 6 4.20 -0.88 6.21
N PHE A 7 4.65 -0.54 5.00
CA PHE A 7 5.05 0.82 4.69
C PHE A 7 4.48 1.28 3.35
N ILE A 8 3.78 2.40 3.36
CA ILE A 8 3.18 2.94 2.16
C ILE A 8 3.70 4.34 1.85
N PHE A 9 3.83 4.66 0.57
CA PHE A 9 4.32 5.97 0.15
C PHE A 9 3.72 6.37 -1.19
N PRO A 10 3.33 7.64 -1.31
CA PRO A 10 2.74 8.17 -2.55
C PRO A 10 3.76 8.27 -3.68
N PRO A 11 3.27 8.57 -4.89
CA PRO A 11 4.12 8.70 -6.08
C PRO A 11 5.00 9.95 -6.02
N SER A 12 6.09 9.93 -6.78
CA SER A 12 7.02 11.05 -6.82
C SER A 12 6.28 12.35 -7.11
N ASP A 13 6.84 13.46 -6.64
CA ASP A 13 6.24 14.78 -6.86
C ASP A 13 5.94 15.00 -8.33
N GLU A 14 6.89 14.65 -9.20
CA GLU A 14 6.74 14.81 -10.64
C GLU A 14 5.91 13.66 -11.22
N GLN A 15 5.94 12.51 -10.55
CA GLN A 15 5.20 11.35 -11.01
C GLN A 15 3.74 11.70 -11.26
N LEU A 16 3.08 12.26 -10.26
CA LEU A 16 1.68 12.63 -10.38
C LEU A 16 1.47 13.63 -11.51
N LYS A 17 2.44 14.54 -11.68
CA LYS A 17 2.37 15.55 -12.73
C LYS A 17 2.27 14.89 -14.10
N SER A 18 2.67 13.63 -14.19
CA SER A 18 2.62 12.89 -15.44
C SER A 18 1.18 12.64 -15.88
N GLY A 19 0.25 12.87 -14.96
CA GLY A 19 -1.15 12.67 -15.27
C GLY A 19 -1.69 11.37 -14.70
N THR A 20 -1.00 10.82 -13.71
CA THR A 20 -1.41 9.57 -13.08
C THR A 20 -0.67 9.36 -11.77
N ALA A 21 -1.43 9.06 -10.71
CA ALA A 21 -0.85 8.82 -9.40
C ALA A 21 -0.66 7.33 -9.15
N SER A 22 0.52 6.95 -8.66
CA SER A 22 0.84 5.56 -8.38
C SER A 22 1.32 5.39 -6.94
N VAL A 23 0.69 4.48 -6.21
CA VAL A 23 1.07 4.22 -4.83
C VAL A 23 1.88 2.94 -4.71
N VAL A 24 2.89 2.96 -3.84
CA VAL A 24 3.75 1.79 -3.63
C VAL A 24 3.81 1.42 -2.16
N CYS A 25 3.77 0.12 -1.88
CA CYS A 25 3.83 -0.37 -0.51
C CYS A 25 4.91 -1.44 -0.36
N LEU A 26 5.71 -1.31 0.69
CA LEU A 26 6.79 -2.26 0.95
C LEU A 26 6.38 -3.27 2.02
N LEU A 27 6.59 -4.55 1.72
CA LEU A 27 6.24 -5.62 2.66
C LEU A 27 7.49 -6.23 3.27
N ASN A 28 7.41 -6.59 4.55
CA ASN A 28 8.54 -7.20 5.24
C ASN A 28 8.40 -8.72 5.29
N ASN A 29 9.48 -9.40 5.63
CA ASN A 29 9.48 -10.85 5.72
C ASN A 29 8.18 -11.37 6.31
N PHE A 30 7.34 -11.95 5.47
CA PHE A 30 6.05 -12.48 5.91
C PHE A 30 6.16 -13.98 6.18
N TYR A 31 5.15 -14.51 6.86
CA TYR A 31 5.13 -15.94 7.19
C TYR A 31 4.51 -16.76 6.06
N PRO A 32 3.20 -16.58 5.85
CA PRO A 32 2.47 -17.29 4.81
C PRO A 32 2.84 -16.83 3.40
N ARG A 33 3.20 -17.77 2.54
CA ARG A 33 3.58 -17.45 1.18
C ARG A 33 2.45 -16.74 0.44
N GLU A 34 1.25 -16.83 0.99
CA GLU A 34 0.08 -16.18 0.39
C GLU A 34 -0.15 -14.81 1.00
N ALA A 35 0.94 -14.11 1.33
CA ALA A 35 0.84 -12.78 1.93
C ALA A 35 0.45 -11.74 0.88
N LYS A 36 -0.78 -11.26 0.98
CA LYS A 36 -1.28 -10.26 0.04
C LYS A 36 -1.50 -8.92 0.74
N VAL A 37 -1.02 -7.84 0.11
CA VAL A 37 -1.16 -6.51 0.67
C VAL A 37 -2.47 -5.85 0.22
N GLN A 38 -3.11 -5.12 1.12
CA GLN A 38 -4.36 -4.45 0.82
C GLN A 38 -4.13 -2.96 0.60
N TRP A 39 -4.80 -2.40 -0.40
CA TRP A 39 -4.68 -0.99 -0.71
C TRP A 39 -5.82 -0.19 -0.09
N LYS A 40 -5.49 0.96 0.49
CA LYS A 40 -6.49 1.81 1.12
C LYS A 40 -6.13 3.29 0.95
N VAL A 41 -7.04 4.06 0.37
CA VAL A 41 -6.81 5.48 0.17
C VAL A 41 -8.02 6.30 0.59
N ASP A 42 -7.80 7.25 1.50
CA ASP A 42 -8.87 8.11 1.98
C ASP A 42 -10.08 7.27 2.41
N ASN A 43 -9.82 6.14 3.06
CA ASN A 43 -10.88 5.25 3.50
C ASN A 43 -11.55 4.55 2.33
N ALA A 44 -10.78 4.34 1.26
CA ALA A 44 -11.30 3.69 0.07
C ALA A 44 -10.35 2.61 -0.42
N LEU A 45 -10.82 1.36 -0.42
CA LEU A 45 -10.00 0.24 -0.86
C LEU A 45 -9.76 0.29 -2.36
N GLN A 46 -8.52 0.02 -2.77
CA GLN A 46 -8.16 0.04 -4.18
C GLN A 46 -8.08 -1.37 -4.74
N SER A 47 -9.20 -1.86 -5.29
CA SER A 47 -9.25 -3.19 -5.86
C SER A 47 -9.29 -3.14 -7.38
N GLY A 48 -8.41 -3.91 -8.02
CA GLY A 48 -8.35 -3.93 -9.47
C GLY A 48 -7.35 -2.94 -10.02
N ASN A 49 -7.08 -1.88 -9.27
CA ASN A 49 -6.14 -0.85 -9.69
C ASN A 49 -4.75 -1.10 -9.09
N SER A 50 -4.39 -2.38 -8.95
CA SER A 50 -3.10 -2.75 -8.38
C SER A 50 -2.62 -4.07 -8.99
N GLN A 51 -1.34 -4.10 -9.37
CA GLN A 51 -0.76 -5.30 -9.95
C GLN A 51 0.77 -5.27 -9.83
N GLU A 52 1.32 -6.24 -9.11
CA GLU A 52 2.76 -6.32 -8.92
C GLU A 52 3.25 -7.76 -9.01
N SER A 53 4.54 -7.94 -9.21
CA SER A 53 5.13 -9.27 -9.32
C SER A 53 5.67 -9.74 -7.97
N VAL A 54 5.99 -11.02 -7.88
CA VAL A 54 6.51 -11.60 -6.64
C VAL A 54 8.03 -11.54 -6.62
N THR A 55 8.58 -11.05 -5.51
CA THR A 55 10.02 -10.94 -5.36
C THR A 55 10.64 -12.25 -4.86
N GLU A 56 11.78 -12.61 -5.41
CA GLU A 56 12.47 -13.84 -5.03
C GLU A 56 13.11 -13.70 -3.64
N GLN A 57 13.57 -14.82 -3.09
CA GLN A 57 14.21 -14.81 -1.78
C GLN A 57 15.60 -14.20 -1.85
N ASP A 58 15.97 -13.46 -0.81
CA ASP A 58 17.27 -12.81 -0.74
C ASP A 58 18.39 -13.85 -0.86
N SER A 59 19.63 -13.36 -0.82
CA SER A 59 20.79 -14.24 -0.92
C SER A 59 21.73 -14.04 0.26
N LYS A 60 21.39 -13.11 1.13
CA LYS A 60 22.21 -12.82 2.30
C LYS A 60 21.75 -13.65 3.50
N ASP A 61 20.46 -13.56 3.82
CA ASP A 61 19.90 -14.29 4.94
C ASP A 61 18.61 -15.01 4.53
N SER A 62 18.48 -15.26 3.23
CA SER A 62 17.29 -15.94 2.71
C SER A 62 16.01 -15.30 3.25
N THR A 63 15.99 -13.98 3.29
CA THR A 63 14.83 -13.24 3.79
C THR A 63 13.71 -13.20 2.75
N TYR A 64 12.59 -12.62 3.13
CA TYR A 64 11.44 -12.52 2.23
C TYR A 64 10.88 -11.10 2.21
N SER A 65 10.29 -10.71 1.09
CA SER A 65 9.72 -9.39 0.94
C SER A 65 8.85 -9.31 -0.31
N LEU A 66 7.81 -8.47 -0.24
CA LEU A 66 6.89 -8.30 -1.36
C LEU A 66 6.54 -6.83 -1.56
N SER A 67 6.23 -6.46 -2.80
CA SER A 67 5.87 -5.09 -3.12
C SER A 67 4.64 -5.04 -4.01
N SER A 68 3.81 -4.02 -3.81
CA SER A 68 2.59 -3.86 -4.59
C SER A 68 2.62 -2.56 -5.39
N THR A 69 2.11 -2.60 -6.61
CA THR A 69 2.08 -1.42 -7.48
C THR A 69 0.65 -0.95 -7.70
N LEU A 70 0.33 0.21 -7.13
CA LEU A 70 -1.01 0.78 -7.27
C LEU A 70 -1.06 1.79 -8.41
N THR A 71 -1.99 1.58 -9.34
CA THR A 71 -2.14 2.47 -10.49
C THR A 71 -3.43 3.27 -10.40
N LEU A 72 -3.30 4.57 -10.15
CA LEU A 72 -4.46 5.44 -10.04
C LEU A 72 -4.32 6.65 -10.96
N SER A 73 -5.45 7.24 -11.34
CA SER A 73 -5.46 8.40 -12.23
C SER A 73 -5.17 9.68 -11.44
N LYS A 74 -4.58 10.65 -12.12
CA LYS A 74 -4.25 11.93 -11.49
C LYS A 74 -5.46 12.51 -10.75
N ALA A 75 -6.63 12.42 -11.39
CA ALA A 75 -7.85 12.93 -10.79
C ALA A 75 -8.33 12.03 -9.65
N ASP A 76 -8.12 10.73 -9.80
CA ASP A 76 -8.52 9.77 -8.79
C ASP A 76 -7.83 10.06 -7.46
N TYR A 77 -6.52 10.27 -7.52
CA TYR A 77 -5.73 10.56 -6.31
C TYR A 77 -6.01 11.97 -5.81
N GLU A 78 -6.35 12.86 -6.74
CA GLU A 78 -6.63 14.25 -6.39
C GLU A 78 -7.76 14.33 -5.36
N LYS A 79 -8.72 13.42 -5.47
CA LYS A 79 -9.85 13.39 -4.54
C LYS A 79 -9.45 12.77 -3.21
N HIS A 80 -8.32 12.06 -3.22
CA HIS A 80 -7.83 11.42 -2.00
C HIS A 80 -6.63 12.17 -1.43
N LYS A 81 -6.13 11.71 -0.29
CA LYS A 81 -4.99 12.35 0.35
C LYS A 81 -4.31 11.39 1.33
N VAL A 82 -5.11 10.49 1.91
CA VAL A 82 -4.58 9.52 2.86
C VAL A 82 -4.18 8.22 2.16
N TYR A 83 -3.05 7.66 2.57
CA TYR A 83 -2.55 6.41 1.97
C TYR A 83 -2.15 5.42 3.06
N ALA A 84 -2.72 4.22 2.99
CA ALA A 84 -2.41 3.18 3.97
C ALA A 84 -2.37 1.81 3.31
N CYS A 85 -1.60 0.90 3.89
CA CYS A 85 -1.46 -0.45 3.36
C CYS A 85 -1.22 -1.46 4.48
N GLU A 86 -1.93 -2.57 4.43
CA GLU A 86 -1.79 -3.61 5.45
C GLU A 86 -1.72 -4.99 4.80
N VAL A 87 -0.96 -5.90 5.42
CA VAL A 87 -0.80 -7.24 4.90
C VAL A 87 -1.92 -8.15 5.39
N THR A 88 -2.39 -9.04 4.52
CA THR A 88 -3.45 -9.97 4.86
C THR A 88 -3.11 -11.39 4.42
N HIS A 89 -3.68 -12.37 5.12
CA HIS A 89 -3.44 -13.77 4.80
C HIS A 89 -4.32 -14.69 5.65
N GLN A 90 -4.13 -15.99 5.49
CA GLN A 90 -4.91 -16.97 6.24
C GLN A 90 -4.86 -16.65 7.74
N GLY A 91 -3.77 -16.04 8.18
CA GLY A 91 -3.64 -15.68 9.59
C GLY A 91 -4.68 -14.70 10.04
N LEU A 92 -4.27 -13.46 10.27
CA LEU A 92 -5.18 -12.41 10.72
C LEU A 92 -5.56 -11.49 9.56
N SER A 93 -6.73 -10.86 9.66
CA SER A 93 -7.20 -9.95 8.64
C SER A 93 -6.16 -8.89 8.32
N SER A 94 -5.62 -8.26 9.37
CA SER A 94 -4.62 -7.22 9.21
C SER A 94 -3.88 -6.97 10.52
N PRO A 95 -2.55 -6.79 10.43
CA PRO A 95 -1.71 -6.55 11.60
C PRO A 95 -1.95 -5.17 12.22
N VAL A 96 -1.24 -4.17 11.70
CA VAL A 96 -1.37 -2.80 12.19
C VAL A 96 -1.74 -1.85 11.06
N THR A 97 -2.62 -0.89 11.37
CA THR A 97 -3.06 0.09 10.39
C THR A 97 -2.10 1.28 10.33
N LYS A 98 -1.42 1.43 9.19
CA LYS A 98 -0.48 2.53 9.01
C LYS A 98 -0.88 3.40 7.82
N SER A 99 -1.31 4.63 8.12
CA SER A 99 -1.73 5.56 7.08
C SER A 99 -1.12 6.94 7.30
N PHE A 100 -1.14 7.76 6.26
CA PHE A 100 -0.58 9.11 6.34
C PHE A 100 -1.28 10.05 5.36
N ASN A 101 -1.48 11.29 5.77
CA ASN A 101 -2.13 12.29 4.92
C ASN A 101 -1.11 13.03 4.08
N ARG A 102 -1.47 13.30 2.82
CA ARG A 102 -0.58 14.01 1.91
C ARG A 102 -1.04 15.45 1.72
N GLY A 103 -2.35 15.66 1.73
CA GLY A 103 -2.90 16.99 1.56
C GLY A 103 -3.38 17.59 2.86
N GLU A 104 -4.48 17.04 3.39
CA GLU A 104 -5.05 17.54 4.64
C GLU A 104 -5.35 16.38 5.59
N SER A 105 -5.52 16.70 6.86
CA SER A 105 -5.80 15.69 7.88
C SER A 105 -7.21 15.14 7.72
N GLU A 106 -7.54 14.13 8.52
CA GLU A 106 -8.87 13.51 8.46
C GLU A 106 -9.59 13.66 9.79
N ASN A 107 -9.40 14.80 10.44
CA ASN A 107 -10.03 15.07 11.73
C ASN A 107 -10.97 16.27 11.62
N LEU A 108 -11.62 16.40 10.47
CA LEU A 108 -12.56 17.49 10.25
C LEU A 108 -13.91 16.97 9.76
N TYR A 109 -14.90 17.86 9.69
CA TYR A 109 -16.23 17.49 9.25
C TYR A 109 -16.18 16.79 7.89
N PHE A 110 -17.27 16.12 7.53
CA PHE A 110 -17.35 15.41 6.26
C PHE A 110 -16.98 16.34 5.10
N GLN A 111 -17.84 17.30 4.81
CA GLN A 111 -17.59 18.24 3.73
C GLN A 111 -16.53 19.26 4.12
N VAL A 1 0.31 -17.48 12.10
CA VAL A 1 0.45 -16.39 11.14
C VAL A 1 0.73 -15.08 11.85
N ALA A 2 1.59 -14.26 11.25
CA ALA A 2 1.93 -12.96 11.82
C ALA A 2 2.04 -11.89 10.74
N ALA A 3 1.10 -10.95 10.75
CA ALA A 3 1.08 -9.88 9.77
C ALA A 3 2.11 -8.80 10.12
N PRO A 4 3.08 -8.60 9.23
CA PRO A 4 4.14 -7.60 9.42
C PRO A 4 3.62 -6.18 9.31
N SER A 5 4.55 -5.22 9.24
CA SER A 5 4.17 -3.81 9.13
C SER A 5 3.79 -3.46 7.70
N VAL A 6 3.16 -2.31 7.52
CA VAL A 6 2.74 -1.86 6.20
C VAL A 6 2.99 -0.36 6.03
N PHE A 7 3.63 -0.01 4.92
CA PHE A 7 3.94 1.40 4.63
C PHE A 7 3.54 1.76 3.20
N ILE A 8 2.73 2.81 3.07
CA ILE A 8 2.27 3.25 1.76
C ILE A 8 2.74 4.67 1.47
N PHE A 9 3.01 4.96 0.20
CA PHE A 9 3.47 6.28 -0.21
C PHE A 9 3.01 6.60 -1.62
N PRO A 10 2.60 7.86 -1.84
CA PRO A 10 2.12 8.31 -3.15
C PRO A 10 3.25 8.41 -4.17
N PRO A 11 2.88 8.62 -5.44
CA PRO A 11 3.84 8.73 -6.54
C PRO A 11 4.66 10.02 -6.47
N SER A 12 5.82 10.02 -7.11
CA SER A 12 6.70 11.18 -7.11
C SER A 12 5.94 12.43 -7.55
N ASP A 13 6.39 13.59 -7.09
CA ASP A 13 5.76 14.86 -7.43
C ASP A 13 5.61 15.00 -8.95
N GLU A 14 6.67 14.63 -9.67
CA GLU A 14 6.65 14.72 -11.13
C GLU A 14 5.95 13.51 -11.74
N GLN A 15 5.95 12.41 -11.01
CA GLN A 15 5.30 11.18 -11.49
C GLN A 15 3.86 11.45 -11.91
N LEU A 16 3.08 12.04 -11.00
CA LEU A 16 1.69 12.34 -11.29
C LEU A 16 1.57 13.28 -12.48
N LYS A 17 2.51 14.21 -12.59
CA LYS A 17 2.51 15.18 -13.70
C LYS A 17 2.57 14.46 -15.04
N SER A 18 3.02 13.21 -15.02
CA SER A 18 3.13 12.41 -16.23
C SER A 18 1.74 12.09 -16.80
N GLY A 19 0.72 12.34 -15.99
CA GLY A 19 -0.64 12.06 -16.42
C GLY A 19 -1.19 10.77 -15.84
N THR A 20 -0.56 10.30 -14.77
CA THR A 20 -0.99 9.06 -14.12
C THR A 20 -0.34 8.92 -12.75
N ALA A 21 -1.17 8.64 -11.74
CA ALA A 21 -0.68 8.47 -10.38
C ALA A 21 -0.48 6.99 -10.04
N SER A 22 0.67 6.67 -9.45
CA SER A 22 0.99 5.29 -9.09
C SER A 22 1.39 5.20 -7.62
N VAL A 23 0.61 4.47 -6.85
CA VAL A 23 0.88 4.30 -5.42
C VAL A 23 1.73 3.06 -5.17
N VAL A 24 2.65 3.17 -4.22
CA VAL A 24 3.53 2.05 -3.88
C VAL A 24 3.46 1.73 -2.40
N CYS A 25 3.48 0.45 -2.07
CA CYS A 25 3.42 0.00 -0.68
C CYS A 25 4.53 -1.01 -0.38
N LEU A 26 5.21 -0.81 0.74
CA LEU A 26 6.29 -1.69 1.14
C LEU A 26 5.82 -2.71 2.18
N LEU A 27 6.18 -3.97 1.98
CA LEU A 27 5.79 -5.03 2.90
C LEU A 27 6.99 -5.53 3.70
N ASN A 28 6.75 -5.84 4.97
CA ASN A 28 7.82 -6.33 5.85
C ASN A 28 7.79 -7.85 5.94
N ASN A 29 8.88 -8.43 6.42
CA ASN A 29 8.98 -9.87 6.57
C ASN A 29 7.67 -10.46 7.07
N PHE A 30 6.95 -11.16 6.19
CA PHE A 30 5.68 -11.77 6.54
C PHE A 30 5.86 -13.25 6.87
N TYR A 31 4.84 -13.85 7.46
CA TYR A 31 4.88 -15.26 7.84
C TYR A 31 4.43 -16.13 6.68
N PRO A 32 3.13 -16.05 6.34
CA PRO A 32 2.54 -16.83 5.25
C PRO A 32 3.03 -16.37 3.88
N ARG A 33 3.43 -17.33 3.05
CA ARG A 33 3.92 -17.02 1.71
C ARG A 33 2.82 -16.40 0.87
N GLU A 34 1.58 -16.49 1.34
CA GLU A 34 0.44 -15.94 0.63
C GLU A 34 0.10 -14.54 1.14
N ALA A 35 1.13 -13.79 1.52
CA ALA A 35 0.95 -12.44 2.04
C ALA A 35 0.72 -11.45 0.90
N LYS A 36 -0.51 -10.94 0.80
CA LYS A 36 -0.85 -9.98 -0.26
C LYS A 36 -1.08 -8.60 0.34
N VAL A 37 -0.74 -7.56 -0.43
CA VAL A 37 -0.91 -6.19 0.02
C VAL A 37 -2.26 -5.63 -0.44
N GLN A 38 -2.91 -4.88 0.44
CA GLN A 38 -4.20 -4.28 0.12
C GLN A 38 -4.05 -2.84 -0.33
N TRP A 39 -5.00 -2.37 -1.13
CA TRP A 39 -4.96 -1.00 -1.64
C TRP A 39 -6.21 -0.24 -1.23
N LYS A 40 -6.02 0.95 -0.67
CA LYS A 40 -7.13 1.78 -0.23
C LYS A 40 -6.80 3.26 -0.39
N VAL A 41 -7.64 3.97 -1.13
CA VAL A 41 -7.44 5.40 -1.37
C VAL A 41 -8.72 6.19 -1.10
N ASP A 42 -8.63 7.16 -0.20
CA ASP A 42 -9.78 8.00 0.14
C ASP A 42 -11.00 7.13 0.44
N ASN A 43 -10.79 6.05 1.17
CA ASN A 43 -11.87 5.13 1.53
C ASN A 43 -12.37 4.38 0.31
N ALA A 44 -11.48 4.16 -0.66
CA ALA A 44 -11.83 3.45 -1.88
C ALA A 44 -10.79 2.38 -2.20
N LEU A 45 -11.20 1.13 -2.15
CA LEU A 45 -10.30 0.00 -2.43
C LEU A 45 -9.90 0.01 -3.90
N GLN A 46 -8.61 -0.23 -4.15
CA GLN A 46 -8.10 -0.26 -5.51
C GLN A 46 -7.94 -1.70 -6.01
N SER A 47 -8.99 -2.21 -6.65
CA SER A 47 -8.97 -3.58 -7.16
C SER A 47 -8.83 -3.58 -8.68
N GLY A 48 -7.88 -4.36 -9.18
CA GLY A 48 -7.66 -4.44 -10.61
C GLY A 48 -6.63 -3.44 -11.10
N ASN A 49 -6.49 -2.34 -10.37
CA ASN A 49 -5.54 -1.29 -10.74
C ASN A 49 -4.23 -1.47 -9.98
N SER A 50 -3.85 -2.72 -9.74
CA SER A 50 -2.61 -3.02 -9.02
C SER A 50 -1.99 -4.32 -9.54
N GLN A 51 -0.67 -4.34 -9.60
CA GLN A 51 0.06 -5.52 -10.08
C GLN A 51 1.54 -5.41 -9.78
N GLU A 52 2.05 -6.34 -8.99
CA GLU A 52 3.46 -6.35 -8.62
C GLU A 52 4.04 -7.76 -8.68
N SER A 53 5.36 -7.85 -8.76
CA SER A 53 6.04 -9.14 -8.83
C SER A 53 6.48 -9.60 -7.45
N VAL A 54 6.87 -10.87 -7.33
CA VAL A 54 7.32 -11.43 -6.07
C VAL A 54 8.83 -11.26 -5.90
N THR A 55 9.25 -10.85 -4.71
CA THR A 55 10.67 -10.66 -4.43
C THR A 55 11.27 -11.91 -3.79
N GLU A 56 12.50 -12.24 -4.19
CA GLU A 56 13.19 -13.41 -3.66
C GLU A 56 13.74 -13.12 -2.27
N GLN A 57 13.83 -14.16 -1.44
CA GLN A 57 14.35 -14.02 -0.09
C GLN A 57 15.77 -13.48 -0.10
N ASP A 58 16.18 -12.90 1.03
CA ASP A 58 17.52 -12.34 1.15
C ASP A 58 18.59 -13.42 0.97
N SER A 59 19.85 -13.02 1.04
CA SER A 59 20.96 -13.96 0.88
C SER A 59 21.86 -13.95 2.11
N LYS A 60 21.83 -12.85 2.86
CA LYS A 60 22.63 -12.71 4.06
C LYS A 60 21.88 -13.21 5.28
N ASP A 61 20.55 -13.18 5.21
CA ASP A 61 19.71 -13.63 6.31
C ASP A 61 18.60 -14.54 5.81
N SER A 62 18.36 -14.52 4.50
CA SER A 62 17.33 -15.34 3.89
C SER A 62 15.94 -14.91 4.35
N THR A 63 15.78 -13.60 4.55
CA THR A 63 14.50 -13.05 5.00
C THR A 63 13.51 -12.99 3.84
N TYR A 64 12.29 -12.55 4.15
CA TYR A 64 11.23 -12.43 3.14
C TYR A 64 10.74 -11.00 3.03
N SER A 65 10.26 -10.63 1.85
CA SER A 65 9.75 -9.29 1.60
C SER A 65 8.95 -9.23 0.31
N LEU A 66 7.99 -8.31 0.25
CA LEU A 66 7.16 -8.15 -0.93
C LEU A 66 6.78 -6.69 -1.14
N SER A 67 6.44 -6.34 -2.37
CA SER A 67 6.05 -4.97 -2.70
C SER A 67 4.86 -4.95 -3.65
N SER A 68 4.00 -3.95 -3.50
CA SER A 68 2.82 -3.82 -4.34
C SER A 68 2.88 -2.55 -5.19
N THR A 69 2.43 -2.65 -6.44
CA THR A 69 2.44 -1.51 -7.35
C THR A 69 1.02 -1.13 -7.77
N LEU A 70 0.63 0.10 -7.47
CA LEU A 70 -0.69 0.60 -7.82
C LEU A 70 -0.64 1.52 -9.03
N THR A 71 -1.48 1.25 -10.01
CA THR A 71 -1.53 2.05 -11.23
C THR A 71 -2.86 2.78 -11.36
N LEU A 72 -2.83 4.10 -11.17
CA LEU A 72 -4.04 4.90 -11.26
C LEU A 72 -3.85 6.07 -12.23
N SER A 73 -4.95 6.59 -12.75
CA SER A 73 -4.89 7.71 -13.69
C SER A 73 -4.75 9.03 -12.96
N LYS A 74 -4.29 10.05 -13.66
CA LYS A 74 -4.11 11.38 -13.08
C LYS A 74 -5.43 11.89 -12.49
N ALA A 75 -6.52 11.63 -13.20
CA ALA A 75 -7.84 12.08 -12.75
C ALA A 75 -8.32 11.24 -11.56
N ASP A 76 -8.03 9.95 -11.60
CA ASP A 76 -8.44 9.05 -10.54
C ASP A 76 -7.87 9.49 -9.20
N TYR A 77 -6.57 9.78 -9.18
CA TYR A 77 -5.90 10.23 -7.96
C TYR A 77 -6.28 11.67 -7.63
N GLU A 78 -6.60 12.44 -8.66
CA GLU A 78 -6.98 13.84 -8.46
C GLU A 78 -8.15 13.96 -7.51
N LYS A 79 -9.04 12.96 -7.55
CA LYS A 79 -10.21 12.96 -6.67
C LYS A 79 -9.93 12.20 -5.37
N HIS A 80 -8.65 12.04 -5.06
CA HIS A 80 -8.24 11.35 -3.85
C HIS A 80 -7.18 12.15 -3.09
N LYS A 81 -6.80 11.66 -1.92
CA LYS A 81 -5.80 12.32 -1.10
C LYS A 81 -5.26 11.39 -0.02
N VAL A 82 -6.12 10.46 0.44
CA VAL A 82 -5.73 9.51 1.47
C VAL A 82 -5.17 8.24 0.84
N TYR A 83 -4.10 7.72 1.44
CA TYR A 83 -3.47 6.50 0.94
C TYR A 83 -3.12 5.56 2.09
N ALA A 84 -3.62 4.34 2.02
CA ALA A 84 -3.36 3.34 3.06
C ALA A 84 -3.22 1.95 2.46
N CYS A 85 -2.44 1.09 3.12
CA CYS A 85 -2.22 -0.27 2.65
C CYS A 85 -2.03 -1.22 3.82
N GLU A 86 -2.70 -2.36 3.77
CA GLU A 86 -2.61 -3.36 4.83
C GLU A 86 -2.45 -4.76 4.25
N VAL A 87 -1.72 -5.61 4.96
CA VAL A 87 -1.49 -6.97 4.51
C VAL A 87 -2.63 -7.89 4.93
N THR A 88 -2.92 -8.89 4.09
CA THR A 88 -4.00 -9.82 4.38
C THR A 88 -3.56 -11.26 4.10
N HIS A 89 -4.16 -12.21 4.80
CA HIS A 89 -3.83 -13.62 4.63
C HIS A 89 -4.74 -14.49 5.48
N GLN A 90 -4.50 -15.81 5.45
CA GLN A 90 -5.29 -16.75 6.22
C GLN A 90 -5.39 -16.31 7.69
N GLY A 91 -4.28 -15.84 8.23
CA GLY A 91 -4.27 -15.39 9.62
C GLY A 91 -5.37 -14.39 9.92
N LEU A 92 -5.06 -13.12 9.74
CA LEU A 92 -6.03 -12.05 9.98
C LEU A 92 -6.13 -11.12 8.78
N SER A 93 -7.29 -10.47 8.64
CA SER A 93 -7.52 -9.55 7.54
C SER A 93 -6.40 -8.52 7.46
N SER A 94 -6.13 -7.84 8.57
CA SER A 94 -5.09 -6.83 8.61
C SER A 94 -4.70 -6.51 10.05
N PRO A 95 -3.39 -6.42 10.31
CA PRO A 95 -2.86 -6.12 11.64
C PRO A 95 -3.14 -4.68 12.06
N VAL A 96 -2.60 -3.73 11.31
CA VAL A 96 -2.80 -2.32 11.61
C VAL A 96 -3.03 -1.51 10.33
N THR A 97 -3.97 -0.57 10.40
CA THR A 97 -4.28 0.26 9.24
C THR A 97 -3.49 1.56 9.27
N LYS A 98 -2.59 1.72 8.31
CA LYS A 98 -1.76 2.93 8.23
C LYS A 98 -2.13 3.75 7.00
N SER A 99 -2.68 4.94 7.23
CA SER A 99 -3.07 5.82 6.15
C SER A 99 -2.55 7.24 6.38
N PHE A 100 -2.52 8.03 5.32
CA PHE A 100 -2.05 9.41 5.41
C PHE A 100 -2.75 10.30 4.37
N ASN A 101 -3.03 11.54 4.76
CA ASN A 101 -3.70 12.47 3.86
C ASN A 101 -2.69 13.39 3.19
N ARG A 102 -2.55 13.24 1.87
CA ARG A 102 -1.61 14.06 1.11
C ARG A 102 -2.21 15.43 0.80
N GLY A 103 -3.53 15.47 0.67
CA GLY A 103 -4.21 16.73 0.36
C GLY A 103 -4.81 17.37 1.60
N GLU A 104 -4.04 17.41 2.67
CA GLU A 104 -4.51 18.01 3.93
C GLU A 104 -5.63 17.16 4.54
N SER A 105 -5.56 16.97 5.85
CA SER A 105 -6.57 16.19 6.57
C SER A 105 -7.64 17.09 7.16
N GLU A 106 -8.89 16.60 7.13
CA GLU A 106 -10.02 17.36 7.66
C GLU A 106 -10.90 16.48 8.52
N ASN A 107 -10.29 15.52 9.21
CA ASN A 107 -11.03 14.61 10.08
C ASN A 107 -10.18 14.18 11.27
N LEU A 108 -9.60 15.17 11.96
CA LEU A 108 -8.77 14.90 13.12
C LEU A 108 -9.42 15.42 14.41
N TYR A 109 -9.53 14.56 15.40
CA TYR A 109 -10.14 14.92 16.68
C TYR A 109 -9.26 14.51 17.84
N PHE A 110 -9.61 14.97 19.05
CA PHE A 110 -8.85 14.65 20.24
C PHE A 110 -8.91 13.16 20.54
N GLN A 111 -10.07 12.56 20.30
CA GLN A 111 -10.26 11.13 20.54
C GLN A 111 -9.41 10.30 19.60
N VAL A 1 1.42 -17.90 12.16
CA VAL A 1 1.38 -16.80 11.20
C VAL A 1 1.65 -15.47 11.88
N ALA A 2 2.50 -14.66 11.28
CA ALA A 2 2.83 -13.35 11.82
C ALA A 2 2.94 -12.30 10.71
N ALA A 3 2.01 -11.35 10.71
CA ALA A 3 2.00 -10.30 9.71
C ALA A 3 3.13 -9.30 9.96
N PRO A 4 4.01 -9.15 8.96
CA PRO A 4 5.15 -8.23 9.05
C PRO A 4 4.71 -6.77 9.02
N SER A 5 5.69 -5.86 9.04
CA SER A 5 5.41 -4.43 9.03
C SER A 5 4.85 -4.01 7.68
N VAL A 6 4.28 -2.81 7.63
CA VAL A 6 3.70 -2.28 6.39
C VAL A 6 4.05 -0.81 6.21
N PHE A 7 4.62 -0.48 5.06
CA PHE A 7 5.00 0.89 4.75
C PHE A 7 4.41 1.34 3.41
N ILE A 8 3.71 2.46 3.43
CA ILE A 8 3.10 3.00 2.23
C ILE A 8 3.59 4.41 1.94
N PHE A 9 3.72 4.74 0.66
CA PHE A 9 4.18 6.05 0.25
C PHE A 9 3.58 6.45 -1.10
N PRO A 10 3.20 7.73 -1.23
CA PRO A 10 2.61 8.26 -2.46
C PRO A 10 3.62 8.34 -3.60
N PRO A 11 3.13 8.63 -4.81
CA PRO A 11 3.97 8.75 -6.00
C PRO A 11 4.86 9.98 -5.97
N SER A 12 5.94 9.95 -6.74
CA SER A 12 6.88 11.07 -6.79
C SER A 12 6.14 12.38 -7.07
N ASP A 13 6.72 13.48 -6.61
CA ASP A 13 6.12 14.80 -6.81
C ASP A 13 5.81 15.03 -8.29
N GLU A 14 6.75 14.66 -9.15
CA GLU A 14 6.56 14.84 -10.59
C GLU A 14 5.73 13.70 -11.17
N GLN A 15 5.75 12.56 -10.50
CA GLN A 15 4.99 11.39 -10.95
C GLN A 15 3.53 11.75 -11.19
N LEU A 16 2.89 12.31 -10.17
CA LEU A 16 1.49 12.71 -10.26
C LEU A 16 1.28 13.71 -11.39
N LYS A 17 2.24 14.60 -11.57
CA LYS A 17 2.16 15.61 -12.62
C LYS A 17 2.02 14.96 -13.99
N SER A 18 2.41 13.69 -14.08
CA SER A 18 2.34 12.96 -15.33
C SER A 18 0.88 12.71 -15.73
N GLY A 19 -0.03 12.96 -14.80
CA GLY A 19 -1.45 12.76 -15.07
C GLY A 19 -1.97 11.47 -14.49
N THR A 20 -1.25 10.92 -13.51
CA THR A 20 -1.67 9.67 -12.88
C THR A 20 -0.90 9.45 -11.57
N ALA A 21 -1.63 9.15 -10.50
CA ALA A 21 -1.02 8.91 -9.20
C ALA A 21 -0.84 7.42 -8.95
N SER A 22 0.36 7.03 -8.53
CA SER A 22 0.66 5.63 -8.26
C SER A 22 1.18 5.45 -6.84
N VAL A 23 0.52 4.61 -6.06
CA VAL A 23 0.91 4.35 -4.69
C VAL A 23 1.71 3.06 -4.58
N VAL A 24 2.73 3.07 -3.73
CA VAL A 24 3.58 1.89 -3.53
C VAL A 24 3.63 1.50 -2.06
N CYS A 25 3.67 0.20 -1.80
CA CYS A 25 3.72 -0.32 -0.45
C CYS A 25 4.81 -1.38 -0.30
N LEU A 26 5.63 -1.24 0.73
CA LEU A 26 6.71 -2.19 0.98
C LEU A 26 6.32 -3.20 2.06
N LEU A 27 6.52 -4.48 1.77
CA LEU A 27 6.19 -5.55 2.71
C LEU A 27 7.45 -6.16 3.31
N ASN A 28 7.38 -6.52 4.59
CA ASN A 28 8.52 -7.12 5.27
C ASN A 28 8.39 -8.64 5.32
N ASN A 29 9.48 -9.31 5.65
CA ASN A 29 9.49 -10.77 5.74
C ASN A 29 8.18 -11.28 6.35
N PHE A 30 7.34 -11.89 5.52
CA PHE A 30 6.07 -12.42 5.98
C PHE A 30 6.17 -13.92 6.28
N TYR A 31 5.17 -14.45 6.97
CA TYR A 31 5.15 -15.86 7.33
C TYR A 31 4.53 -16.71 6.22
N PRO A 32 3.22 -16.54 6.02
CA PRO A 32 2.48 -17.27 4.98
C PRO A 32 2.85 -16.82 3.58
N ARG A 33 3.14 -17.79 2.71
CA ARG A 33 3.51 -17.50 1.33
C ARG A 33 2.38 -16.77 0.61
N GLU A 34 1.18 -16.84 1.18
CA GLU A 34 0.01 -16.20 0.58
C GLU A 34 -0.19 -14.80 1.16
N ALA A 35 0.92 -14.13 1.48
CA ALA A 35 0.87 -12.79 2.04
C ALA A 35 0.45 -11.77 0.98
N LYS A 36 -0.77 -11.27 1.08
CA LYS A 36 -1.28 -10.29 0.14
C LYS A 36 -1.32 -8.90 0.77
N VAL A 37 -1.16 -7.87 -0.07
CA VAL A 37 -1.18 -6.49 0.40
C VAL A 37 -2.54 -5.86 0.17
N GLN A 38 -2.97 -5.02 1.11
CA GLN A 38 -4.26 -4.34 1.01
C GLN A 38 -4.07 -2.85 0.74
N TRP A 39 -4.85 -2.34 -0.21
CA TRP A 39 -4.76 -0.93 -0.57
C TRP A 39 -5.90 -0.13 0.07
N LYS A 40 -5.56 1.03 0.62
CA LYS A 40 -6.55 1.89 1.27
C LYS A 40 -6.19 3.35 1.10
N VAL A 41 -7.11 4.13 0.52
CA VAL A 41 -6.89 5.55 0.31
C VAL A 41 -8.10 6.36 0.76
N ASP A 42 -7.86 7.32 1.66
CA ASP A 42 -8.94 8.16 2.16
C ASP A 42 -10.13 7.33 2.60
N ASN A 43 -9.87 6.20 3.24
CA ASN A 43 -10.93 5.31 3.71
C ASN A 43 -11.61 4.62 2.53
N ALA A 44 -10.86 4.42 1.45
CA ALA A 44 -11.38 3.76 0.26
C ALA A 44 -10.42 2.70 -0.26
N LEU A 45 -10.87 1.44 -0.23
CA LEU A 45 -10.05 0.33 -0.69
C LEU A 45 -9.82 0.40 -2.20
N GLN A 46 -8.60 0.12 -2.63
CA GLN A 46 -8.27 0.15 -4.05
C GLN A 46 -8.19 -1.25 -4.62
N SER A 47 -9.31 -1.74 -5.14
CA SER A 47 -9.37 -3.08 -5.72
C SER A 47 -9.48 -3.01 -7.24
N GLY A 48 -8.59 -3.74 -7.91
CA GLY A 48 -8.60 -3.75 -9.36
C GLY A 48 -7.65 -2.72 -9.95
N ASN A 49 -7.39 -1.65 -9.20
CA ASN A 49 -6.50 -0.60 -9.65
C ASN A 49 -5.08 -0.81 -9.12
N SER A 50 -4.74 -2.07 -8.86
CA SER A 50 -3.43 -2.41 -8.34
C SER A 50 -2.96 -3.76 -8.89
N GLN A 51 -1.65 -3.88 -9.11
CA GLN A 51 -1.09 -5.12 -9.63
C GLN A 51 0.44 -5.10 -9.53
N GLU A 52 0.99 -6.06 -8.80
CA GLU A 52 2.43 -6.15 -8.62
C GLU A 52 2.90 -7.60 -8.73
N SER A 53 4.19 -7.78 -8.99
CA SER A 53 4.77 -9.10 -9.13
C SER A 53 5.36 -9.58 -7.80
N VAL A 54 5.68 -10.87 -7.74
CA VAL A 54 6.26 -11.46 -6.53
C VAL A 54 7.78 -11.40 -6.56
N THR A 55 8.35 -10.74 -5.56
CA THR A 55 9.80 -10.61 -5.46
C THR A 55 10.44 -11.89 -4.93
N GLU A 56 11.42 -12.41 -5.67
CA GLU A 56 12.11 -13.63 -5.27
C GLU A 56 12.75 -13.47 -3.89
N GLN A 57 13.31 -14.55 -3.37
CA GLN A 57 13.95 -14.52 -2.06
C GLN A 57 15.33 -13.87 -2.15
N ASP A 58 15.83 -13.37 -1.02
CA ASP A 58 17.13 -12.74 -0.97
C ASP A 58 18.25 -13.76 -1.13
N SER A 59 19.49 -13.29 -1.10
CA SER A 59 20.65 -14.16 -1.25
C SER A 59 21.62 -13.97 -0.09
N LYS A 60 21.29 -13.05 0.80
CA LYS A 60 22.13 -12.78 1.96
C LYS A 60 21.70 -13.62 3.16
N ASP A 61 20.43 -13.53 3.51
CA ASP A 61 19.88 -14.29 4.64
C ASP A 61 18.60 -15.00 4.24
N SER A 62 18.42 -15.23 2.95
CA SER A 62 17.22 -15.89 2.44
C SER A 62 15.96 -15.26 3.03
N THR A 63 15.94 -13.94 3.10
CA THR A 63 14.81 -13.21 3.63
C THR A 63 13.66 -13.15 2.62
N TYR A 64 12.55 -12.56 3.04
CA TYR A 64 11.38 -12.43 2.16
C TYR A 64 10.84 -11.00 2.18
N SER A 65 10.28 -10.59 1.06
CA SER A 65 9.72 -9.23 0.94
C SER A 65 8.87 -9.11 -0.33
N LEU A 66 7.73 -8.46 -0.20
CA LEU A 66 6.82 -8.26 -1.32
C LEU A 66 6.50 -6.79 -1.51
N SER A 67 6.33 -6.38 -2.77
CA SER A 67 6.02 -4.99 -3.08
C SER A 67 4.68 -4.89 -3.82
N SER A 68 3.97 -3.79 -3.59
CA SER A 68 2.68 -3.58 -4.24
C SER A 68 2.71 -2.32 -5.12
N THR A 69 2.06 -2.40 -6.28
CA THR A 69 2.01 -1.29 -7.20
C THR A 69 0.58 -0.83 -7.45
N LEU A 70 0.24 0.36 -6.97
CA LEU A 70 -1.10 0.91 -7.14
C LEU A 70 -1.14 1.91 -8.29
N THR A 71 -2.11 1.73 -9.19
CA THR A 71 -2.26 2.62 -10.34
C THR A 71 -3.56 3.40 -10.26
N LEU A 72 -3.44 4.69 -10.00
CA LEU A 72 -4.62 5.56 -9.90
C LEU A 72 -4.49 6.76 -10.83
N SER A 73 -5.62 7.34 -11.20
CA SER A 73 -5.63 8.50 -12.08
C SER A 73 -5.34 9.78 -11.32
N LYS A 74 -4.83 10.79 -12.01
CA LYS A 74 -4.51 12.08 -11.40
C LYS A 74 -5.70 12.62 -10.61
N ALA A 75 -6.87 12.61 -11.25
CA ALA A 75 -8.08 13.09 -10.60
C ALA A 75 -8.53 12.15 -9.49
N ASP A 76 -8.32 10.86 -9.69
CA ASP A 76 -8.70 9.86 -8.70
C ASP A 76 -8.01 10.13 -7.37
N TYR A 77 -6.71 10.37 -7.41
CA TYR A 77 -5.94 10.63 -6.20
C TYR A 77 -6.22 12.04 -5.68
N GLU A 78 -6.57 12.95 -6.58
CA GLU A 78 -6.87 14.32 -6.21
C GLU A 78 -7.99 14.38 -5.17
N LYS A 79 -8.94 13.47 -5.30
CA LYS A 79 -10.07 13.40 -4.37
C LYS A 79 -9.64 12.79 -3.04
N HIS A 80 -8.50 12.10 -3.05
CA HIS A 80 -7.99 11.47 -1.84
C HIS A 80 -6.78 12.23 -1.30
N LYS A 81 -6.25 11.76 -0.18
CA LYS A 81 -5.09 12.40 0.44
C LYS A 81 -4.40 11.45 1.42
N VAL A 82 -5.18 10.55 2.01
CA VAL A 82 -4.64 9.58 2.96
C VAL A 82 -4.25 8.29 2.26
N TYR A 83 -3.11 7.73 2.66
CA TYR A 83 -2.61 6.50 2.07
C TYR A 83 -2.21 5.50 3.14
N ALA A 84 -2.78 4.30 3.08
CA ALA A 84 -2.47 3.25 4.05
C ALA A 84 -2.44 1.88 3.39
N CYS A 85 -1.67 0.96 3.97
CA CYS A 85 -1.55 -0.38 3.44
C CYS A 85 -1.30 -1.39 4.55
N GLU A 86 -2.00 -2.51 4.50
CA GLU A 86 -1.86 -3.55 5.51
C GLU A 86 -1.77 -4.93 4.86
N VAL A 87 -1.01 -5.83 5.49
CA VAL A 87 -0.83 -7.18 4.96
C VAL A 87 -1.95 -8.09 5.45
N THR A 88 -2.39 -8.99 4.57
CA THR A 88 -3.46 -9.93 4.91
C THR A 88 -3.10 -11.35 4.46
N HIS A 89 -3.63 -12.33 5.18
CA HIS A 89 -3.38 -13.73 4.85
C HIS A 89 -4.24 -14.66 5.70
N GLN A 90 -4.05 -15.96 5.53
CA GLN A 90 -4.82 -16.95 6.28
C GLN A 90 -4.79 -16.64 7.78
N GLY A 91 -3.69 -16.03 8.23
CA GLY A 91 -3.55 -15.70 9.63
C GLY A 91 -4.62 -14.73 10.10
N LEU A 92 -4.21 -13.47 10.28
CA LEU A 92 -5.14 -12.44 10.74
C LEU A 92 -5.52 -11.51 9.58
N SER A 93 -6.70 -10.89 9.69
CA SER A 93 -7.18 -9.98 8.67
C SER A 93 -6.14 -8.90 8.36
N SER A 94 -5.63 -8.27 9.42
CA SER A 94 -4.63 -7.22 9.26
C SER A 94 -3.91 -6.96 10.58
N PRO A 95 -2.59 -6.76 10.50
CA PRO A 95 -1.75 -6.50 11.68
C PRO A 95 -2.02 -5.13 12.28
N VAL A 96 -1.31 -4.12 11.78
CA VAL A 96 -1.48 -2.75 12.27
C VAL A 96 -1.85 -1.81 11.14
N THR A 97 -2.68 -0.82 11.46
CA THR A 97 -3.12 0.15 10.47
C THR A 97 -2.18 1.36 10.42
N LYS A 98 -1.49 1.53 9.30
CA LYS A 98 -0.57 2.64 9.14
C LYS A 98 -0.96 3.50 7.94
N SER A 99 -1.41 4.72 8.22
CA SER A 99 -1.82 5.65 7.16
C SER A 99 -1.23 7.02 7.38
N PHE A 100 -1.22 7.84 6.34
CA PHE A 100 -0.68 9.19 6.41
C PHE A 100 -1.37 10.11 5.41
N ASN A 101 -1.59 11.36 5.82
CA ASN A 101 -2.23 12.35 4.95
C ASN A 101 -1.21 13.08 4.09
N ARG A 102 -1.58 13.36 2.86
CA ARG A 102 -0.70 14.06 1.93
C ARG A 102 -1.35 15.35 1.43
N GLY A 103 -2.14 15.98 2.27
CA GLY A 103 -2.81 17.21 1.90
C GLY A 103 -3.54 17.85 3.06
N GLU A 104 -4.52 17.14 3.60
CA GLU A 104 -5.31 17.65 4.72
C GLU A 104 -4.93 16.93 6.02
N SER A 105 -5.70 17.19 7.07
CA SER A 105 -5.45 16.57 8.37
C SER A 105 -6.46 15.46 8.65
N GLU A 106 -6.22 14.70 9.71
CA GLU A 106 -7.10 13.61 10.09
C GLU A 106 -8.25 14.11 10.95
N ASN A 107 -9.16 13.20 11.31
CA ASN A 107 -10.31 13.55 12.14
C ASN A 107 -11.11 14.69 11.49
N LEU A 108 -11.49 14.50 10.24
CA LEU A 108 -12.25 15.50 9.50
C LEU A 108 -13.49 14.88 8.85
N TYR A 109 -14.31 15.73 8.23
CA TYR A 109 -15.51 15.26 7.57
C TYR A 109 -15.19 14.21 6.50
N PHE A 110 -16.22 13.55 5.99
CA PHE A 110 -16.05 12.53 4.96
C PHE A 110 -15.22 13.07 3.80
N GLN A 111 -15.44 14.33 3.46
CA GLN A 111 -14.71 14.96 2.36
C GLN A 111 -13.24 15.20 2.75
N VAL A 1 2.04 -18.50 12.02
CA VAL A 1 2.00 -17.37 11.11
C VAL A 1 2.38 -16.08 11.82
N ALA A 2 3.14 -15.23 11.14
CA ALA A 2 3.57 -13.96 11.70
C ALA A 2 3.53 -12.86 10.65
N ALA A 3 2.59 -11.92 10.82
CA ALA A 3 2.44 -10.81 9.89
C ALA A 3 3.50 -9.75 10.13
N PRO A 4 4.34 -9.50 9.11
CA PRO A 4 5.41 -8.51 9.19
C PRO A 4 4.88 -7.08 9.23
N SER A 5 5.79 -6.11 9.18
CA SER A 5 5.40 -4.70 9.21
C SER A 5 4.84 -4.25 7.87
N VAL A 6 4.19 -3.10 7.87
CA VAL A 6 3.60 -2.56 6.64
C VAL A 6 3.86 -1.06 6.53
N PHE A 7 4.44 -0.64 5.41
CA PHE A 7 4.74 0.77 5.17
C PHE A 7 4.18 1.21 3.83
N ILE A 8 3.40 2.29 3.85
CA ILE A 8 2.80 2.83 2.63
C ILE A 8 3.27 4.26 2.37
N PHE A 9 3.46 4.59 1.09
CA PHE A 9 3.90 5.92 0.72
C PHE A 9 3.30 6.34 -0.62
N PRO A 10 2.87 7.61 -0.71
CA PRO A 10 2.27 8.17 -1.91
C PRO A 10 3.27 8.32 -3.05
N PRO A 11 2.76 8.62 -4.26
CA PRO A 11 3.60 8.81 -5.44
C PRO A 11 4.43 10.08 -5.37
N SER A 12 5.52 10.11 -6.14
CA SER A 12 6.40 11.28 -6.17
C SER A 12 5.60 12.56 -6.40
N ASP A 13 6.14 13.66 -5.90
CA ASP A 13 5.48 14.96 -6.05
C ASP A 13 5.14 15.23 -7.51
N GLU A 14 6.09 14.96 -8.40
CA GLU A 14 5.88 15.16 -9.83
C GLU A 14 5.10 14.01 -10.45
N GLN A 15 5.19 12.85 -9.82
CA GLN A 15 4.49 11.65 -10.31
C GLN A 15 3.02 11.95 -10.53
N LEU A 16 2.35 12.46 -9.50
CA LEU A 16 0.93 12.78 -9.58
C LEU A 16 0.68 13.82 -10.68
N LYS A 17 1.60 14.76 -10.81
CA LYS A 17 1.47 15.81 -11.82
C LYS A 17 1.38 15.21 -13.22
N SER A 18 1.84 13.97 -13.35
CA SER A 18 1.82 13.29 -14.64
C SER A 18 0.38 12.99 -15.07
N GLY A 19 -0.55 13.14 -14.14
CA GLY A 19 -1.95 12.88 -14.43
C GLY A 19 -2.41 11.54 -13.90
N THR A 20 -1.67 10.99 -12.95
CA THR A 20 -2.01 9.70 -12.37
C THR A 20 -1.24 9.47 -11.07
N ALA A 21 -1.95 9.09 -10.02
CA ALA A 21 -1.33 8.83 -8.72
C ALA A 21 -1.09 7.33 -8.53
N SER A 22 0.14 6.98 -8.14
CA SER A 22 0.50 5.59 -7.91
C SER A 22 1.03 5.38 -6.50
N VAL A 23 0.31 4.60 -5.72
CA VAL A 23 0.71 4.32 -4.34
C VAL A 23 1.57 3.06 -4.26
N VAL A 24 2.58 3.10 -3.40
CA VAL A 24 3.48 1.96 -3.23
C VAL A 24 3.57 1.54 -1.76
N CYS A 25 3.60 0.24 -1.53
CA CYS A 25 3.68 -0.29 -0.18
C CYS A 25 4.82 -1.29 -0.05
N LEU A 26 5.59 -1.17 1.04
CA LEU A 26 6.72 -2.06 1.28
C LEU A 26 6.34 -3.17 2.26
N LEU A 27 6.61 -4.41 1.87
CA LEU A 27 6.31 -5.55 2.73
C LEU A 27 7.58 -6.16 3.30
N ASN A 28 7.51 -6.61 4.56
CA ASN A 28 8.66 -7.21 5.22
C ASN A 28 8.55 -8.73 5.21
N ASN A 29 9.66 -9.39 5.50
CA ASN A 29 9.70 -10.85 5.52
C ASN A 29 8.43 -11.41 6.14
N PHE A 30 7.66 -12.13 5.32
CA PHE A 30 6.41 -12.73 5.78
C PHE A 30 6.58 -14.22 6.05
N TYR A 31 5.63 -14.81 6.77
CA TYR A 31 5.67 -16.23 7.10
C TYR A 31 4.99 -17.06 6.01
N PRO A 32 3.66 -16.96 5.94
CA PRO A 32 2.85 -17.70 4.95
C PRO A 32 3.06 -17.18 3.54
N ARG A 33 2.99 -18.08 2.56
CA ARG A 33 3.18 -17.72 1.17
C ARG A 33 2.01 -16.88 0.66
N GLU A 34 0.92 -16.86 1.44
CA GLU A 34 -0.25 -16.09 1.07
C GLU A 34 -0.14 -14.65 1.55
N ALA A 35 1.08 -14.14 1.57
CA ALA A 35 1.33 -12.76 2.01
C ALA A 35 0.96 -11.76 0.92
N LYS A 36 -0.13 -11.03 1.13
CA LYS A 36 -0.59 -10.04 0.18
C LYS A 36 -0.82 -8.70 0.85
N VAL A 37 -0.48 -7.61 0.15
CA VAL A 37 -0.65 -6.27 0.68
C VAL A 37 -2.04 -5.72 0.34
N GLN A 38 -2.71 -5.18 1.35
CA GLN A 38 -4.04 -4.61 1.16
C GLN A 38 -3.97 -3.12 0.88
N TRP A 39 -4.71 -2.67 -0.12
CA TRP A 39 -4.74 -1.25 -0.49
C TRP A 39 -5.92 -0.54 0.14
N LYS A 40 -5.66 0.58 0.78
CA LYS A 40 -6.72 1.36 1.43
C LYS A 40 -6.42 2.86 1.33
N VAL A 41 -7.36 3.60 0.75
CA VAL A 41 -7.21 5.05 0.61
C VAL A 41 -8.45 5.78 1.10
N ASP A 42 -8.24 6.72 2.03
CA ASP A 42 -9.34 7.49 2.58
C ASP A 42 -10.50 6.59 2.99
N ASN A 43 -10.17 5.45 3.60
CA ASN A 43 -11.18 4.50 4.04
C ASN A 43 -11.84 3.82 2.85
N ALA A 44 -11.11 3.70 1.75
CA ALA A 44 -11.62 3.07 0.55
C ALA A 44 -10.62 2.06 -0.01
N LEU A 45 -11.00 0.78 0.00
CA LEU A 45 -10.15 -0.28 -0.51
C LEU A 45 -9.93 -0.13 -2.01
N GLN A 46 -8.69 -0.32 -2.45
CA GLN A 46 -8.34 -0.21 -3.85
C GLN A 46 -8.26 -1.59 -4.50
N SER A 47 -9.37 -2.06 -5.07
CA SER A 47 -9.41 -3.36 -5.71
C SER A 47 -9.48 -3.21 -7.22
N GLY A 48 -8.58 -3.90 -7.92
CA GLY A 48 -8.56 -3.84 -9.37
C GLY A 48 -7.60 -2.78 -9.88
N ASN A 49 -7.37 -1.76 -9.07
CA ASN A 49 -6.47 -0.67 -9.45
C ASN A 49 -5.07 -0.90 -8.90
N SER A 50 -4.65 -2.16 -8.88
CA SER A 50 -3.33 -2.52 -8.37
C SER A 50 -2.82 -3.79 -9.04
N GLN A 51 -1.52 -3.81 -9.34
CA GLN A 51 -0.91 -4.97 -9.98
C GLN A 51 0.62 -4.87 -9.95
N GLU A 52 1.25 -5.83 -9.28
CA GLU A 52 2.70 -5.84 -9.17
C GLU A 52 3.24 -7.26 -9.29
N SER A 53 4.54 -7.38 -9.53
CA SER A 53 5.19 -8.68 -9.67
C SER A 53 5.74 -9.16 -8.33
N VAL A 54 6.09 -10.45 -8.28
CA VAL A 54 6.64 -11.04 -7.07
C VAL A 54 8.15 -10.92 -7.03
N THR A 55 8.68 -10.42 -5.92
CA THR A 55 10.13 -10.25 -5.76
C THR A 55 10.77 -11.55 -5.28
N GLU A 56 11.64 -12.12 -6.11
CA GLU A 56 12.33 -13.35 -5.77
C GLU A 56 13.06 -13.21 -4.44
N GLN A 57 13.10 -14.30 -3.67
CA GLN A 57 13.76 -14.30 -2.37
C GLN A 57 15.23 -13.92 -2.52
N ASP A 58 15.76 -13.22 -1.53
CA ASP A 58 17.15 -12.79 -1.55
C ASP A 58 18.09 -13.99 -1.70
N SER A 59 19.39 -13.72 -1.74
CA SER A 59 20.39 -14.78 -1.89
C SER A 59 21.41 -14.73 -0.76
N LYS A 60 21.74 -13.51 -0.33
CA LYS A 60 22.72 -13.32 0.74
C LYS A 60 22.24 -13.97 2.04
N ASP A 61 20.93 -13.91 2.27
CA ASP A 61 20.33 -14.49 3.46
C ASP A 61 19.04 -15.24 3.13
N SER A 62 18.77 -15.39 1.84
CA SER A 62 17.57 -16.08 1.38
C SER A 62 16.33 -15.52 2.05
N THR A 63 16.31 -14.20 2.23
CA THR A 63 15.18 -13.53 2.86
C THR A 63 14.01 -13.38 1.90
N TYR A 64 12.85 -13.05 2.43
CA TYR A 64 11.65 -12.88 1.61
C TYR A 64 11.12 -11.45 1.71
N SER A 65 10.56 -10.96 0.62
CA SER A 65 10.02 -9.60 0.58
C SER A 65 9.09 -9.42 -0.63
N LEU A 66 8.09 -8.56 -0.47
CA LEU A 66 7.13 -8.30 -1.54
C LEU A 66 6.77 -6.81 -1.59
N SER A 67 6.42 -6.35 -2.78
CA SER A 67 6.05 -4.95 -2.97
C SER A 67 4.83 -4.82 -3.88
N SER A 68 3.79 -4.17 -3.38
CA SER A 68 2.56 -3.98 -4.13
C SER A 68 2.57 -2.63 -4.85
N THR A 69 1.96 -2.60 -6.03
CA THR A 69 1.90 -1.38 -6.82
C THR A 69 0.46 -0.94 -7.06
N LEU A 70 0.15 0.29 -6.69
CA LEU A 70 -1.19 0.84 -6.85
C LEU A 70 -1.25 1.84 -7.99
N THR A 71 -2.22 1.67 -8.89
CA THR A 71 -2.37 2.55 -10.03
C THR A 71 -3.70 3.30 -9.97
N LEU A 72 -3.64 4.59 -9.66
CA LEU A 72 -4.84 5.41 -9.58
C LEU A 72 -4.73 6.64 -10.46
N SER A 73 -5.87 7.19 -10.87
CA SER A 73 -5.90 8.37 -11.73
C SER A 73 -5.71 9.64 -10.91
N LYS A 74 -5.23 10.70 -11.56
CA LYS A 74 -5.02 11.97 -10.90
C LYS A 74 -6.26 12.42 -10.15
N ALA A 75 -7.41 12.36 -10.83
CA ALA A 75 -8.67 12.75 -10.22
C ALA A 75 -9.06 11.81 -9.09
N ASP A 76 -8.80 10.53 -9.28
CA ASP A 76 -9.12 9.52 -8.27
C ASP A 76 -8.41 9.84 -6.95
N TYR A 77 -7.12 10.13 -7.02
CA TYR A 77 -6.34 10.45 -5.83
C TYR A 77 -6.72 11.82 -5.28
N GLU A 78 -7.14 12.71 -6.17
CA GLU A 78 -7.53 14.06 -5.76
C GLU A 78 -8.65 14.01 -4.72
N LYS A 79 -9.53 13.02 -4.86
CA LYS A 79 -10.65 12.86 -3.93
C LYS A 79 -10.19 12.20 -2.64
N HIS A 80 -9.01 11.58 -2.68
CA HIS A 80 -8.46 10.91 -1.51
C HIS A 80 -7.31 11.73 -0.90
N LYS A 81 -6.77 11.24 0.20
CA LYS A 81 -5.67 11.92 0.88
C LYS A 81 -4.97 10.98 1.86
N VAL A 82 -5.72 10.04 2.41
CA VAL A 82 -5.16 9.08 3.36
C VAL A 82 -4.69 7.82 2.65
N TYR A 83 -3.55 7.30 3.08
CA TYR A 83 -2.98 6.09 2.49
C TYR A 83 -2.54 5.10 3.56
N ALA A 84 -3.04 3.87 3.46
CA ALA A 84 -2.69 2.85 4.43
C ALA A 84 -2.63 1.47 3.76
N CYS A 85 -1.73 0.62 4.24
CA CYS A 85 -1.58 -0.72 3.69
C CYS A 85 -1.29 -1.73 4.80
N GLU A 86 -1.96 -2.88 4.71
CA GLU A 86 -1.79 -3.93 5.72
C GLU A 86 -1.64 -5.29 5.05
N VAL A 87 -0.85 -6.18 5.67
CA VAL A 87 -0.63 -7.51 5.13
C VAL A 87 -1.73 -8.47 5.57
N THR A 88 -2.13 -9.36 4.65
CA THR A 88 -3.18 -10.33 4.95
C THR A 88 -2.76 -11.74 4.54
N HIS A 89 -3.29 -12.73 5.24
CA HIS A 89 -2.97 -14.12 4.94
C HIS A 89 -3.74 -15.06 5.87
N GLN A 90 -3.46 -16.35 5.75
CA GLN A 90 -4.12 -17.36 6.58
C GLN A 90 -4.10 -16.96 8.05
N GLY A 91 -3.04 -16.27 8.45
CA GLY A 91 -2.92 -15.84 9.83
C GLY A 91 -4.01 -14.86 10.24
N LEU A 92 -3.65 -13.59 10.36
CA LEU A 92 -4.60 -12.56 10.74
C LEU A 92 -4.80 -11.56 9.61
N SER A 93 -5.97 -10.92 9.60
CA SER A 93 -6.30 -9.94 8.57
C SER A 93 -5.19 -8.89 8.46
N SER A 94 -4.79 -8.33 9.60
CA SER A 94 -3.76 -7.31 9.63
C SER A 94 -3.21 -7.14 11.04
N PRO A 95 -1.87 -7.17 11.17
CA PRO A 95 -1.19 -7.02 12.45
C PRO A 95 -1.31 -5.61 13.01
N VAL A 96 -0.90 -4.63 12.22
CA VAL A 96 -0.96 -3.22 12.64
C VAL A 96 -1.43 -2.34 11.49
N THR A 97 -2.27 -1.35 11.82
CA THR A 97 -2.80 -0.43 10.82
C THR A 97 -1.93 0.82 10.73
N LYS A 98 -1.28 1.00 9.59
CA LYS A 98 -0.42 2.17 9.37
C LYS A 98 -0.96 3.03 8.24
N SER A 99 -1.42 4.24 8.59
CA SER A 99 -1.96 5.16 7.60
C SER A 99 -1.43 6.57 7.82
N PHE A 100 -1.56 7.42 6.81
CA PHE A 100 -1.09 8.80 6.90
C PHE A 100 -1.88 9.70 5.96
N ASN A 101 -2.12 10.93 6.39
CA ASN A 101 -2.87 11.89 5.59
C ASN A 101 -1.93 12.78 4.78
N ARG A 102 -2.14 12.81 3.47
CA ARG A 102 -1.31 13.62 2.58
C ARG A 102 -1.79 15.07 2.55
N GLY A 103 -3.08 15.25 2.31
CA GLY A 103 -3.66 16.58 2.25
C GLY A 103 -3.94 17.15 3.62
N GLU A 104 -4.94 16.60 4.30
CA GLU A 104 -5.32 17.06 5.63
C GLU A 104 -5.98 15.95 6.43
N SER A 105 -6.22 16.21 7.71
CA SER A 105 -6.85 15.23 8.59
C SER A 105 -8.24 14.85 8.08
N GLU A 106 -8.78 13.77 8.61
CA GLU A 106 -10.11 13.30 8.21
C GLU A 106 -11.19 13.97 9.04
N ASN A 107 -11.16 15.30 9.08
CA ASN A 107 -12.14 16.06 9.84
C ASN A 107 -12.38 17.43 9.20
N LEU A 108 -12.34 17.47 7.87
CA LEU A 108 -12.56 18.71 7.14
C LEU A 108 -13.56 18.51 6.00
N TYR A 109 -13.94 19.60 5.35
CA TYR A 109 -14.89 19.54 4.25
C TYR A 109 -14.26 20.03 2.95
N PHE A 110 -13.74 19.10 2.17
CA PHE A 110 -13.10 19.42 0.90
C PHE A 110 -14.09 20.09 -0.05
N GLN A 111 -13.57 20.86 -1.00
CA GLN A 111 -14.40 21.56 -1.97
C GLN A 111 -15.27 20.57 -2.76
N VAL A 1 1.37 -17.69 12.33
CA VAL A 1 1.31 -16.59 11.38
C VAL A 1 1.63 -15.26 12.05
N ALA A 2 2.46 -14.46 11.40
CA ALA A 2 2.84 -13.16 11.94
C ALA A 2 2.91 -12.10 10.83
N ALA A 3 2.04 -11.11 10.92
CA ALA A 3 1.99 -10.04 9.93
C ALA A 3 3.13 -9.05 10.14
N PRO A 4 3.99 -8.91 9.13
CA PRO A 4 5.14 -8.00 9.18
C PRO A 4 4.72 -6.53 9.15
N SER A 5 5.71 -5.64 9.04
CA SER A 5 5.43 -4.21 9.00
C SER A 5 4.91 -3.80 7.63
N VAL A 6 4.33 -2.60 7.56
CA VAL A 6 3.77 -2.08 6.32
C VAL A 6 4.10 -0.60 6.15
N PHE A 7 4.71 -0.27 5.01
CA PHE A 7 5.08 1.11 4.72
C PHE A 7 4.55 1.55 3.36
N ILE A 8 3.80 2.65 3.35
CA ILE A 8 3.23 3.16 2.11
C ILE A 8 3.77 4.55 1.81
N PHE A 9 3.92 4.85 0.52
CA PHE A 9 4.43 6.14 0.08
C PHE A 9 3.84 6.53 -1.27
N PRO A 10 3.51 7.83 -1.43
CA PRO A 10 2.93 8.35 -2.67
C PRO A 10 3.95 8.37 -3.81
N PRO A 11 3.45 8.65 -5.03
CA PRO A 11 4.30 8.71 -6.23
C PRO A 11 5.22 9.91 -6.23
N SER A 12 6.31 9.83 -6.99
CA SER A 12 7.28 10.90 -7.08
C SER A 12 6.59 12.22 -7.39
N ASP A 13 7.20 13.33 -6.96
CA ASP A 13 6.65 14.65 -7.20
C ASP A 13 6.33 14.85 -8.68
N GLU A 14 7.26 14.44 -9.54
CA GLU A 14 7.08 14.58 -10.98
C GLU A 14 6.21 13.44 -11.53
N GLN A 15 6.20 12.32 -10.83
CA GLN A 15 5.42 11.17 -11.24
C GLN A 15 3.97 11.56 -11.49
N LEU A 16 3.34 12.18 -10.49
CA LEU A 16 1.95 12.60 -10.60
C LEU A 16 1.78 13.59 -11.76
N LYS A 17 2.78 14.44 -11.96
CA LYS A 17 2.73 15.43 -13.04
C LYS A 17 2.59 14.74 -14.39
N SER A 18 2.94 13.46 -14.45
CA SER A 18 2.85 12.70 -15.69
C SER A 18 1.39 12.50 -16.10
N GLY A 19 0.48 12.80 -15.18
CA GLY A 19 -0.93 12.65 -15.47
C GLY A 19 -1.51 11.39 -14.87
N THR A 20 -0.82 10.82 -13.88
CA THR A 20 -1.28 9.61 -13.22
C THR A 20 -0.52 9.38 -11.92
N ALA A 21 -1.26 9.13 -10.85
CA ALA A 21 -0.65 8.88 -9.54
C ALA A 21 -0.51 7.39 -9.28
N SER A 22 0.67 6.99 -8.81
CA SER A 22 0.94 5.59 -8.52
C SER A 22 1.45 5.42 -7.09
N VAL A 23 0.70 4.69 -6.28
CA VAL A 23 1.09 4.46 -4.89
C VAL A 23 1.91 3.19 -4.76
N VAL A 24 2.92 3.22 -3.90
CA VAL A 24 3.78 2.07 -3.68
C VAL A 24 3.84 1.71 -2.19
N CYS A 25 3.83 0.41 -1.92
CA CYS A 25 3.88 -0.08 -0.55
C CYS A 25 4.95 -1.17 -0.39
N LEU A 26 5.74 -1.06 0.67
CA LEU A 26 6.80 -2.03 0.93
C LEU A 26 6.35 -3.05 1.97
N LEU A 27 6.61 -4.33 1.70
CA LEU A 27 6.24 -5.40 2.61
C LEU A 27 7.47 -6.03 3.25
N ASN A 28 7.37 -6.37 4.53
CA ASN A 28 8.47 -6.97 5.26
C ASN A 28 8.31 -8.49 5.32
N ASN A 29 9.41 -9.18 5.66
CA ASN A 29 9.39 -10.63 5.75
C ASN A 29 8.09 -11.12 6.39
N PHE A 30 7.24 -11.75 5.58
CA PHE A 30 5.97 -12.26 6.06
C PHE A 30 6.06 -13.76 6.36
N TYR A 31 5.05 -14.28 7.07
CA TYR A 31 5.03 -15.69 7.42
C TYR A 31 4.36 -16.52 6.31
N PRO A 32 3.05 -16.34 6.15
CA PRO A 32 2.28 -17.05 5.13
C PRO A 32 2.62 -16.60 3.71
N ARG A 33 2.85 -17.56 2.82
CA ARG A 33 3.17 -17.26 1.44
C ARG A 33 2.05 -16.48 0.76
N GLU A 34 0.86 -16.52 1.36
CA GLU A 34 -0.30 -15.83 0.81
C GLU A 34 -0.42 -14.43 1.41
N ALA A 35 0.71 -13.73 1.52
CA ALA A 35 0.73 -12.39 2.06
C ALA A 35 0.45 -11.35 0.97
N LYS A 36 -0.75 -10.79 1.00
CA LYS A 36 -1.15 -9.79 0.02
C LYS A 36 -1.19 -8.40 0.65
N VAL A 37 -0.89 -7.38 -0.15
CA VAL A 37 -0.90 -6.01 0.34
C VAL A 37 -2.24 -5.34 0.06
N GLN A 38 -2.80 -4.69 1.08
CA GLN A 38 -4.08 -4.01 0.94
C GLN A 38 -3.89 -2.54 0.61
N TRP A 39 -4.70 -2.03 -0.31
CA TRP A 39 -4.61 -0.64 -0.73
C TRP A 39 -5.76 0.17 -0.15
N LYS A 40 -5.44 1.33 0.41
CA LYS A 40 -6.46 2.20 1.00
C LYS A 40 -6.09 3.67 0.82
N VAL A 41 -6.98 4.43 0.20
CA VAL A 41 -6.75 5.85 -0.04
C VAL A 41 -7.96 6.68 0.37
N ASP A 42 -7.73 7.64 1.27
CA ASP A 42 -8.80 8.51 1.74
C ASP A 42 -10.02 7.69 2.17
N ASN A 43 -9.76 6.57 2.84
CA ASN A 43 -10.83 5.69 3.31
C ASN A 43 -11.50 4.98 2.14
N ALA A 44 -10.73 4.76 1.08
CA ALA A 44 -11.24 4.07 -0.10
C ALA A 44 -10.28 2.98 -0.57
N LEU A 45 -10.75 1.74 -0.51
CA LEU A 45 -9.94 0.60 -0.93
C LEU A 45 -9.69 0.62 -2.43
N GLN A 46 -8.45 0.33 -2.83
CA GLN A 46 -8.09 0.32 -4.24
C GLN A 46 -8.02 -1.11 -4.78
N SER A 47 -9.14 -1.59 -5.30
CA SER A 47 -9.20 -2.94 -5.84
C SER A 47 -9.23 -2.91 -7.38
N GLY A 48 -8.36 -3.71 -7.99
CA GLY A 48 -8.30 -3.76 -9.44
C GLY A 48 -7.30 -2.79 -10.01
N ASN A 49 -7.03 -1.72 -9.28
CA ASN A 49 -6.07 -0.71 -9.73
C ASN A 49 -4.70 -0.95 -9.11
N SER A 50 -4.35 -2.21 -8.94
CA SER A 50 -3.06 -2.57 -8.36
C SER A 50 -2.56 -3.90 -8.94
N GLN A 51 -1.28 -3.93 -9.30
CA GLN A 51 -0.67 -5.13 -9.87
C GLN A 51 0.84 -5.11 -9.71
N GLU A 52 1.37 -6.10 -9.00
CA GLU A 52 2.81 -6.19 -8.76
C GLU A 52 3.29 -7.63 -8.92
N SER A 53 4.59 -7.79 -9.10
CA SER A 53 5.18 -9.12 -9.27
C SER A 53 5.72 -9.64 -7.94
N VAL A 54 6.02 -10.94 -7.91
CA VAL A 54 6.54 -11.57 -6.70
C VAL A 54 8.06 -11.51 -6.65
N THR A 55 8.61 -11.19 -5.48
CA THR A 55 10.06 -11.10 -5.31
C THR A 55 10.62 -12.40 -4.77
N GLU A 56 11.81 -12.76 -5.24
CA GLU A 56 12.47 -13.99 -4.80
C GLU A 56 13.17 -13.79 -3.46
N GLN A 57 13.23 -14.84 -2.65
CA GLN A 57 13.86 -14.78 -1.35
C GLN A 57 15.33 -14.36 -1.48
N ASP A 58 15.89 -13.85 -0.39
CA ASP A 58 17.28 -13.41 -0.39
C ASP A 58 18.22 -14.59 -0.63
N SER A 59 19.52 -14.31 -0.65
CA SER A 59 20.51 -15.35 -0.88
C SER A 59 21.50 -15.42 0.29
N LYS A 60 21.58 -14.34 1.06
CA LYS A 60 22.47 -14.27 2.21
C LYS A 60 21.75 -14.72 3.48
N ASP A 61 20.44 -14.52 3.52
CA ASP A 61 19.63 -14.90 4.67
C ASP A 61 18.37 -15.65 4.24
N SER A 62 18.22 -15.82 2.93
CA SER A 62 17.06 -16.51 2.38
C SER A 62 15.76 -15.94 2.96
N THR A 63 15.74 -14.63 3.15
CA THR A 63 14.56 -13.96 3.70
C THR A 63 13.47 -13.80 2.65
N TYR A 64 12.34 -13.25 3.06
CA TYR A 64 11.21 -13.06 2.15
C TYR A 64 10.79 -11.59 2.12
N SER A 65 10.22 -11.17 0.99
CA SER A 65 9.78 -9.79 0.82
C SER A 65 8.86 -9.66 -0.40
N LEU A 66 7.95 -8.70 -0.34
CA LEU A 66 7.02 -8.47 -1.43
C LEU A 66 6.69 -6.98 -1.56
N SER A 67 6.27 -6.58 -2.76
CA SER A 67 5.93 -5.18 -3.01
C SER A 67 4.67 -5.07 -3.88
N SER A 68 3.87 -4.06 -3.61
CA SER A 68 2.63 -3.85 -4.36
C SER A 68 2.68 -2.53 -5.13
N THR A 69 2.15 -2.55 -6.35
CA THR A 69 2.14 -1.36 -7.19
C THR A 69 0.70 -0.88 -7.45
N LEU A 70 0.43 0.37 -7.07
CA LEU A 70 -0.90 0.95 -7.26
C LEU A 70 -0.92 1.90 -8.44
N THR A 71 -1.90 1.72 -9.33
CA THR A 71 -2.02 2.58 -10.50
C THR A 71 -3.30 3.40 -10.46
N LEU A 72 -3.16 4.70 -10.25
CA LEU A 72 -4.31 5.60 -10.17
C LEU A 72 -4.14 6.78 -11.12
N SER A 73 -5.25 7.38 -11.51
CA SER A 73 -5.22 8.54 -12.41
C SER A 73 -4.91 9.81 -11.66
N LYS A 74 -4.40 10.81 -12.37
CA LYS A 74 -4.05 12.09 -11.77
C LYS A 74 -5.24 12.68 -11.01
N ALA A 75 -6.41 12.65 -11.65
CA ALA A 75 -7.62 13.17 -11.03
C ALA A 75 -8.07 12.29 -9.88
N ASP A 76 -7.89 10.98 -10.04
CA ASP A 76 -8.29 10.03 -9.01
C ASP A 76 -7.60 10.33 -7.68
N TYR A 77 -6.28 10.53 -7.74
CA TYR A 77 -5.49 10.82 -6.56
C TYR A 77 -5.73 12.26 -6.09
N GLU A 78 -6.04 13.13 -7.04
CA GLU A 78 -6.29 14.53 -6.73
C GLU A 78 -7.40 14.68 -5.71
N LYS A 79 -8.41 13.80 -5.80
CA LYS A 79 -9.53 13.83 -4.89
C LYS A 79 -9.17 13.20 -3.55
N HIS A 80 -8.06 12.45 -3.53
CA HIS A 80 -7.60 11.80 -2.31
C HIS A 80 -6.41 12.54 -1.71
N LYS A 81 -5.97 12.08 -0.55
CA LYS A 81 -4.83 12.70 0.13
C LYS A 81 -4.20 11.73 1.13
N VAL A 82 -5.02 10.83 1.68
CA VAL A 82 -4.54 9.85 2.64
C VAL A 82 -4.12 8.57 1.95
N TYR A 83 -3.00 7.99 2.40
CA TYR A 83 -2.49 6.75 1.83
C TYR A 83 -2.08 5.77 2.92
N ALA A 84 -2.67 4.58 2.88
CA ALA A 84 -2.36 3.55 3.86
C ALA A 84 -2.34 2.17 3.22
N CYS A 85 -1.56 1.26 3.80
CA CYS A 85 -1.46 -0.10 3.28
C CYS A 85 -1.24 -1.09 4.41
N GLU A 86 -2.01 -2.18 4.41
CA GLU A 86 -1.90 -3.20 5.43
C GLU A 86 -1.91 -4.60 4.80
N VAL A 87 -1.19 -5.53 5.44
CA VAL A 87 -1.10 -6.90 4.95
C VAL A 87 -2.29 -7.72 5.44
N THR A 88 -2.71 -8.68 4.63
CA THR A 88 -3.82 -9.55 5.00
C THR A 88 -3.58 -10.99 4.55
N HIS A 89 -3.68 -11.92 5.49
CA HIS A 89 -3.47 -13.33 5.20
C HIS A 89 -4.43 -14.21 5.98
N GLN A 90 -4.31 -15.52 5.81
CA GLN A 90 -5.19 -16.46 6.50
C GLN A 90 -5.18 -16.21 8.01
N GLY A 91 -4.00 -15.89 8.55
CA GLY A 91 -3.88 -15.61 9.96
C GLY A 91 -4.87 -14.57 10.44
N LEU A 92 -4.45 -13.32 10.45
CA LEU A 92 -5.30 -12.22 10.89
C LEU A 92 -5.57 -11.24 9.75
N SER A 93 -6.69 -10.54 9.82
CA SER A 93 -7.06 -9.58 8.80
C SER A 93 -5.92 -8.60 8.53
N SER A 94 -5.44 -7.95 9.57
CA SER A 94 -4.35 -6.99 9.44
C SER A 94 -3.81 -6.61 10.81
N PRO A 95 -2.47 -6.48 10.90
CA PRO A 95 -1.79 -6.13 12.14
C PRO A 95 -2.04 -4.68 12.55
N VAL A 96 -1.22 -3.77 12.03
CA VAL A 96 -1.36 -2.35 12.34
C VAL A 96 -1.51 -1.53 11.06
N THR A 97 -2.53 -0.67 11.04
CA THR A 97 -2.78 0.18 9.88
C THR A 97 -1.94 1.45 9.93
N LYS A 98 -1.18 1.69 8.87
CA LYS A 98 -0.33 2.87 8.80
C LYS A 98 -0.74 3.76 7.63
N SER A 99 -1.22 4.97 7.95
CA SER A 99 -1.65 5.91 6.93
C SER A 99 -1.01 7.28 7.15
N PHE A 100 -1.04 8.11 6.12
CA PHE A 100 -0.46 9.45 6.21
C PHE A 100 -1.19 10.41 5.26
N ASN A 101 -1.31 11.67 5.68
CA ASN A 101 -1.98 12.68 4.89
C ASN A 101 -0.96 13.55 4.13
N ARG A 102 -1.10 13.61 2.82
CA ARG A 102 -0.20 14.39 1.99
C ARG A 102 -0.92 15.60 1.38
N GLY A 103 -1.72 16.27 2.20
CA GLY A 103 -2.46 17.43 1.72
C GLY A 103 -3.39 18.00 2.77
N GLU A 104 -4.57 17.40 2.89
CA GLU A 104 -5.55 17.84 3.87
C GLU A 104 -5.59 16.92 5.08
N SER A 105 -6.19 17.39 6.16
CA SER A 105 -6.29 16.61 7.39
C SER A 105 -7.01 15.30 7.14
N GLU A 106 -7.26 14.55 8.21
CA GLU A 106 -7.95 13.26 8.12
C GLU A 106 -9.31 13.43 7.44
N ASN A 107 -10.05 12.32 7.35
CA ASN A 107 -11.37 12.35 6.73
C ASN A 107 -12.46 12.63 7.76
N LEU A 108 -12.09 13.34 8.82
CA LEU A 108 -13.02 13.67 9.87
C LEU A 108 -14.10 14.64 9.36
N TYR A 109 -15.36 14.23 9.49
CA TYR A 109 -16.47 15.06 9.04
C TYR A 109 -17.60 15.06 10.08
N PHE A 110 -18.57 15.95 9.89
CA PHE A 110 -19.70 16.05 10.80
C PHE A 110 -20.96 16.47 10.05
N GLN A 111 -22.12 16.17 10.64
CA GLN A 111 -23.40 16.51 10.02
C GLN A 111 -24.28 17.28 11.01
N VAL A 1 2.51 -18.40 11.95
CA VAL A 1 2.35 -17.28 11.03
C VAL A 1 2.57 -15.95 11.74
N ALA A 2 3.35 -15.08 11.11
CA ALA A 2 3.64 -13.77 11.68
C ALA A 2 3.65 -12.69 10.61
N ALA A 3 2.75 -11.73 10.74
CA ALA A 3 2.65 -10.63 9.78
C ALA A 3 3.74 -9.60 10.01
N PRO A 4 4.57 -9.38 8.98
CA PRO A 4 5.68 -8.41 9.04
C PRO A 4 5.18 -6.97 9.09
N SER A 5 6.09 -6.03 8.88
CA SER A 5 5.75 -4.61 8.89
C SER A 5 5.21 -4.16 7.54
N VAL A 6 4.56 -3.00 7.52
CA VAL A 6 3.99 -2.47 6.29
C VAL A 6 4.26 -0.98 6.18
N PHE A 7 4.70 -0.54 4.99
CA PHE A 7 4.99 0.86 4.74
C PHE A 7 4.37 1.32 3.42
N ILE A 8 3.59 2.39 3.48
CA ILE A 8 2.93 2.93 2.30
C ILE A 8 3.39 4.37 2.03
N PHE A 9 3.51 4.71 0.75
CA PHE A 9 3.93 6.05 0.37
C PHE A 9 3.31 6.45 -0.97
N PRO A 10 2.91 7.73 -1.08
CA PRO A 10 2.30 8.26 -2.29
C PRO A 10 3.29 8.37 -3.45
N PRO A 11 2.77 8.66 -4.65
CA PRO A 11 3.59 8.79 -5.86
C PRO A 11 4.47 10.04 -5.83
N SER A 12 5.53 10.03 -6.62
CA SER A 12 6.46 11.15 -6.67
C SER A 12 5.70 12.46 -6.92
N ASP A 13 6.28 13.56 -6.45
CA ASP A 13 5.66 14.88 -6.63
C ASP A 13 5.32 15.12 -8.09
N GLU A 14 6.24 14.78 -8.98
CA GLU A 14 6.04 14.96 -10.41
C GLU A 14 5.20 13.83 -11.00
N GLN A 15 5.24 12.67 -10.34
CA GLN A 15 4.49 11.51 -10.80
C GLN A 15 3.01 11.86 -10.98
N LEU A 16 2.40 12.40 -9.94
CA LEU A 16 0.99 12.77 -9.99
C LEU A 16 0.74 13.78 -11.10
N LYS A 17 1.68 14.70 -11.28
CA LYS A 17 1.57 15.73 -12.33
C LYS A 17 1.39 15.09 -13.70
N SER A 18 1.79 13.83 -13.83
CA SER A 18 1.68 13.12 -15.08
C SER A 18 0.21 12.87 -15.44
N GLY A 19 -0.66 13.07 -14.46
CA GLY A 19 -2.08 12.87 -14.69
C GLY A 19 -2.58 11.55 -14.12
N THR A 20 -1.83 11.00 -13.19
CA THR A 20 -2.20 9.73 -12.56
C THR A 20 -1.40 9.50 -11.28
N ALA A 21 -2.10 9.17 -10.20
CA ALA A 21 -1.46 8.90 -8.93
C ALA A 21 -1.24 7.41 -8.71
N SER A 22 0.00 7.04 -8.40
CA SER A 22 0.34 5.64 -8.17
C SER A 22 0.90 5.44 -6.77
N VAL A 23 0.19 4.66 -5.96
CA VAL A 23 0.61 4.39 -4.59
C VAL A 23 1.48 3.14 -4.53
N VAL A 24 2.51 3.19 -3.67
CA VAL A 24 3.42 2.06 -3.53
C VAL A 24 3.51 1.63 -2.06
N CYS A 25 3.62 0.32 -1.84
CA CYS A 25 3.72 -0.22 -0.49
C CYS A 25 4.83 -1.25 -0.40
N LEU A 26 5.67 -1.13 0.63
CA LEU A 26 6.78 -2.05 0.83
C LEU A 26 6.42 -3.11 1.87
N LEU A 27 6.70 -4.37 1.54
CA LEU A 27 6.42 -5.47 2.46
C LEU A 27 7.69 -6.03 3.05
N ASN A 28 7.64 -6.43 4.32
CA ASN A 28 8.80 -6.99 5.01
C ASN A 28 8.74 -8.51 5.02
N ASN A 29 9.88 -9.13 5.30
CA ASN A 29 9.96 -10.59 5.35
C ASN A 29 8.72 -11.18 6.02
N PHE A 30 7.86 -11.81 5.22
CA PHE A 30 6.64 -12.42 5.73
C PHE A 30 6.84 -13.92 5.97
N TYR A 31 5.90 -14.52 6.69
CA TYR A 31 5.98 -15.95 6.99
C TYR A 31 5.30 -16.77 5.90
N PRO A 32 3.98 -16.66 5.82
CA PRO A 32 3.18 -17.39 4.82
C PRO A 32 3.41 -16.87 3.40
N ARG A 33 3.66 -17.78 2.47
CA ARG A 33 3.89 -17.41 1.08
C ARG A 33 2.68 -16.71 0.49
N GLU A 34 1.54 -16.84 1.16
CA GLU A 34 0.30 -16.22 0.71
C GLU A 34 0.14 -14.82 1.30
N ALA A 35 1.26 -14.11 1.42
CA ALA A 35 1.25 -12.75 1.96
C ALA A 35 0.89 -11.74 0.89
N LYS A 36 -0.32 -11.18 0.98
CA LYS A 36 -0.77 -10.19 0.01
C LYS A 36 -0.92 -8.82 0.67
N VAL A 37 -0.57 -7.77 -0.07
CA VAL A 37 -0.67 -6.41 0.44
C VAL A 37 -2.03 -5.80 0.13
N GLN A 38 -2.64 -5.19 1.14
CA GLN A 38 -3.95 -4.56 0.98
C GLN A 38 -3.81 -3.08 0.65
N TRP A 39 -4.80 -2.54 -0.04
CA TRP A 39 -4.79 -1.13 -0.41
C TRP A 39 -5.97 -0.39 0.21
N LYS A 40 -5.69 0.76 0.82
CA LYS A 40 -6.73 1.57 1.46
C LYS A 40 -6.41 3.05 1.34
N VAL A 41 -7.34 3.81 0.76
CA VAL A 41 -7.16 5.24 0.59
C VAL A 41 -8.39 6.01 1.07
N ASP A 42 -8.17 6.92 2.01
CA ASP A 42 -9.25 7.72 2.57
C ASP A 42 -10.44 6.84 2.95
N ASN A 43 -10.16 5.70 3.57
CA ASN A 43 -11.19 4.77 3.99
C ASN A 43 -11.84 4.11 2.78
N ALA A 44 -11.08 3.96 1.70
CA ALA A 44 -11.58 3.34 0.48
C ALA A 44 -10.59 2.31 -0.05
N LEU A 45 -11.00 1.04 -0.02
CA LEU A 45 -10.16 -0.05 -0.50
C LEU A 45 -9.94 0.06 -2.00
N GLN A 46 -8.71 -0.18 -2.44
CA GLN A 46 -8.36 -0.12 -3.84
C GLN A 46 -8.27 -1.52 -4.45
N SER A 47 -9.39 -2.01 -4.97
CA SER A 47 -9.43 -3.34 -5.57
C SER A 47 -9.52 -3.24 -7.09
N GLY A 48 -8.64 -3.95 -7.78
CA GLY A 48 -8.64 -3.94 -9.24
C GLY A 48 -7.71 -2.89 -9.80
N ASN A 49 -7.46 -1.83 -9.03
CA ASN A 49 -6.58 -0.76 -9.46
C ASN A 49 -5.17 -0.96 -8.94
N SER A 50 -4.81 -2.22 -8.70
CA SER A 50 -3.48 -2.56 -8.19
C SER A 50 -2.99 -3.87 -8.78
N GLN A 51 -1.69 -3.94 -9.03
CA GLN A 51 -1.09 -5.15 -9.59
C GLN A 51 0.44 -5.08 -9.51
N GLU A 52 1.02 -6.07 -8.83
CA GLU A 52 2.48 -6.12 -8.67
C GLU A 52 2.99 -7.55 -8.85
N SER A 53 4.28 -7.68 -9.12
CA SER A 53 4.89 -8.99 -9.33
C SER A 53 5.52 -9.49 -8.03
N VAL A 54 5.87 -10.78 -8.02
CA VAL A 54 6.49 -11.39 -6.84
C VAL A 54 8.00 -11.29 -6.91
N THR A 55 8.62 -10.94 -5.78
CA THR A 55 10.07 -10.80 -5.70
C THR A 55 10.71 -12.08 -5.18
N GLU A 56 11.85 -12.46 -5.77
CA GLU A 56 12.56 -13.66 -5.35
C GLU A 56 13.26 -13.44 -4.02
N GLN A 57 13.30 -14.49 -3.20
CA GLN A 57 13.95 -14.41 -1.90
C GLN A 57 15.43 -14.04 -2.04
N ASP A 58 15.93 -13.27 -1.08
CA ASP A 58 17.33 -12.85 -1.11
C ASP A 58 18.26 -14.06 -1.15
N SER A 59 19.55 -13.79 -1.12
CA SER A 59 20.55 -14.86 -1.16
C SER A 59 21.51 -14.75 0.02
N LYS A 60 21.82 -13.53 0.41
CA LYS A 60 22.73 -13.29 1.54
C LYS A 60 22.19 -13.94 2.82
N ASP A 61 20.88 -13.91 2.97
CA ASP A 61 20.24 -14.50 4.15
C ASP A 61 18.98 -15.27 3.75
N SER A 62 18.81 -15.49 2.45
CA SER A 62 17.65 -16.21 1.94
C SER A 62 16.36 -15.64 2.53
N THR A 63 16.33 -14.32 2.69
CA THR A 63 15.16 -13.65 3.23
C THR A 63 14.07 -13.51 2.17
N TYR A 64 12.91 -12.99 2.59
CA TYR A 64 11.79 -12.80 1.68
C TYR A 64 11.31 -11.36 1.69
N SER A 65 10.67 -10.94 0.60
CA SER A 65 10.18 -9.57 0.49
C SER A 65 9.22 -9.45 -0.70
N LEU A 66 8.26 -8.52 -0.59
CA LEU A 66 7.29 -8.30 -1.64
C LEU A 66 6.90 -6.84 -1.73
N SER A 67 6.42 -6.41 -2.90
CA SER A 67 6.03 -5.03 -3.12
C SER A 67 4.72 -4.96 -3.89
N SER A 68 3.91 -3.95 -3.58
CA SER A 68 2.62 -3.76 -4.24
C SER A 68 2.60 -2.46 -5.04
N THR A 69 1.98 -2.50 -6.20
CA THR A 69 1.88 -1.33 -7.06
C THR A 69 0.43 -0.90 -7.26
N LEU A 70 0.13 0.35 -6.91
CA LEU A 70 -1.22 0.87 -7.04
C LEU A 70 -1.30 1.89 -8.19
N THR A 71 -2.32 1.73 -9.03
CA THR A 71 -2.50 2.63 -10.18
C THR A 71 -3.84 3.36 -10.08
N LEU A 72 -3.77 4.65 -9.80
CA LEU A 72 -4.97 5.48 -9.69
C LEU A 72 -4.88 6.70 -10.58
N SER A 73 -6.04 7.29 -10.90
CA SER A 73 -6.09 8.47 -11.76
C SER A 73 -5.80 9.73 -10.95
N LYS A 74 -5.35 10.77 -11.64
CA LYS A 74 -5.03 12.05 -11.00
C LYS A 74 -6.22 12.54 -10.18
N ALA A 75 -7.40 12.53 -10.78
CA ALA A 75 -8.61 12.99 -10.10
C ALA A 75 -9.02 12.01 -9.01
N ASP A 76 -8.79 10.72 -9.23
CA ASP A 76 -9.13 9.69 -8.27
C ASP A 76 -8.43 9.94 -6.93
N TYR A 77 -7.12 10.20 -7.00
CA TYR A 77 -6.34 10.46 -5.80
C TYR A 77 -6.62 11.85 -5.24
N GLU A 78 -7.00 12.77 -6.14
CA GLU A 78 -7.30 14.14 -5.74
C GLU A 78 -8.40 14.17 -4.68
N LYS A 79 -9.36 13.25 -4.80
CA LYS A 79 -10.47 13.18 -3.85
C LYS A 79 -10.02 12.52 -2.55
N HIS A 80 -8.88 11.83 -2.60
CA HIS A 80 -8.34 11.16 -1.42
C HIS A 80 -7.17 11.94 -0.83
N LYS A 81 -6.66 11.46 0.30
CA LYS A 81 -5.54 12.11 0.97
C LYS A 81 -4.82 11.14 1.90
N VAL A 82 -5.57 10.20 2.45
CA VAL A 82 -5.00 9.21 3.35
C VAL A 82 -4.57 7.95 2.60
N TYR A 83 -3.44 7.39 3.00
CA TYR A 83 -2.92 6.19 2.36
C TYR A 83 -2.46 5.16 3.40
N ALA A 84 -2.98 3.94 3.27
CA ALA A 84 -2.64 2.88 4.21
C ALA A 84 -2.54 1.54 3.48
N CYS A 85 -1.69 0.65 4.01
CA CYS A 85 -1.52 -0.68 3.42
C CYS A 85 -1.18 -1.71 4.49
N GLU A 86 -1.92 -2.81 4.49
CA GLU A 86 -1.70 -3.88 5.46
C GLU A 86 -1.76 -5.24 4.80
N VAL A 87 -0.98 -6.19 5.33
CA VAL A 87 -0.94 -7.54 4.78
C VAL A 87 -2.07 -8.40 5.34
N THR A 88 -2.56 -9.33 4.52
CA THR A 88 -3.64 -10.20 4.94
C THR A 88 -3.40 -11.64 4.48
N HIS A 89 -3.06 -12.50 5.44
CA HIS A 89 -2.79 -13.90 5.12
C HIS A 89 -3.65 -14.82 5.98
N GLN A 90 -3.59 -16.12 5.70
CA GLN A 90 -4.37 -17.10 6.45
C GLN A 90 -4.17 -16.93 7.95
N GLY A 91 -2.98 -16.53 8.35
CA GLY A 91 -2.67 -16.33 9.75
C GLY A 91 -3.74 -15.52 10.46
N LEU A 92 -3.60 -14.19 10.41
CA LEU A 92 -4.55 -13.29 11.05
C LEU A 92 -5.15 -12.33 10.04
N SER A 93 -6.36 -11.86 10.32
CA SER A 93 -7.05 -10.93 9.43
C SER A 93 -6.15 -9.73 9.11
N SER A 94 -5.65 -9.08 10.14
CA SER A 94 -4.79 -7.91 9.97
C SER A 94 -4.06 -7.58 11.26
N PRO A 95 -2.72 -7.46 11.18
CA PRO A 95 -1.88 -7.14 12.33
C PRO A 95 -2.08 -5.71 12.82
N VAL A 96 -1.37 -4.77 12.20
CA VAL A 96 -1.46 -3.36 12.57
C VAL A 96 -1.68 -2.49 11.34
N THR A 97 -2.70 -1.63 11.40
CA THR A 97 -3.02 -0.74 10.29
C THR A 97 -2.16 0.53 10.35
N LYS A 98 -1.48 0.82 9.25
CA LYS A 98 -0.62 1.99 9.16
C LYS A 98 -1.07 2.92 8.04
N SER A 99 -1.58 4.09 8.40
CA SER A 99 -2.05 5.06 7.42
C SER A 99 -1.48 6.45 7.72
N PHE A 100 -1.54 7.33 6.72
CA PHE A 100 -1.04 8.69 6.88
C PHE A 100 -1.76 9.65 5.93
N ASN A 101 -2.01 10.86 6.42
CA ASN A 101 -2.70 11.87 5.61
C ASN A 101 -1.71 12.69 4.80
N ARG A 102 -2.08 13.01 3.57
CA ARG A 102 -1.22 13.79 2.69
C ARG A 102 -1.66 15.24 2.63
N GLY A 103 -2.98 15.46 2.59
CA GLY A 103 -3.51 16.81 2.53
C GLY A 103 -3.90 17.32 3.91
N GLU A 104 -4.94 16.72 4.49
CA GLU A 104 -5.41 17.13 5.80
C GLU A 104 -5.84 15.93 6.63
N SER A 105 -6.03 16.14 7.92
CA SER A 105 -6.45 15.07 8.82
C SER A 105 -7.82 14.54 8.45
N GLU A 106 -8.21 13.43 9.05
CA GLU A 106 -9.52 12.82 8.78
C GLU A 106 -10.61 13.47 9.63
N ASN A 107 -10.73 14.79 9.49
CA ASN A 107 -11.73 15.55 10.24
C ASN A 107 -12.04 16.87 9.56
N LEU A 108 -12.05 16.86 8.23
CA LEU A 108 -12.33 18.07 7.46
C LEU A 108 -13.37 17.78 6.38
N TYR A 109 -13.82 18.85 5.72
CA TYR A 109 -14.82 18.72 4.65
C TYR A 109 -14.15 18.76 3.28
N PHE A 110 -14.92 18.42 2.26
CA PHE A 110 -14.41 18.41 0.88
C PHE A 110 -13.78 19.77 0.54
N GLN A 111 -12.69 19.73 -0.22
CA GLN A 111 -12.00 20.94 -0.62
C GLN A 111 -11.34 20.77 -1.99
N VAL A 1 0.76 -18.34 11.08
CA VAL A 1 0.75 -17.16 10.23
C VAL A 1 1.22 -15.93 11.01
N ALA A 2 2.13 -15.17 10.42
CA ALA A 2 2.66 -13.97 11.05
C ALA A 2 2.83 -12.85 10.04
N ALA A 3 1.99 -11.83 10.13
CA ALA A 3 2.05 -10.70 9.22
C ALA A 3 3.16 -9.73 9.62
N PRO A 4 4.13 -9.54 8.72
CA PRO A 4 5.27 -8.65 8.95
C PRO A 4 4.86 -7.17 8.98
N SER A 5 5.84 -6.29 8.97
CA SER A 5 5.59 -4.86 9.00
C SER A 5 5.05 -4.37 7.65
N VAL A 6 4.56 -3.14 7.61
CA VAL A 6 4.01 -2.56 6.39
C VAL A 6 4.42 -1.10 6.25
N PHE A 7 4.60 -0.66 5.01
CA PHE A 7 4.99 0.71 4.74
C PHE A 7 4.41 1.19 3.40
N ILE A 8 3.68 2.30 3.45
CA ILE A 8 3.07 2.87 2.25
C ILE A 8 3.56 4.28 1.99
N PHE A 9 3.67 4.64 0.72
CA PHE A 9 4.12 5.98 0.34
C PHE A 9 3.52 6.40 -0.99
N PRO A 10 3.16 7.69 -1.09
CA PRO A 10 2.57 8.25 -2.31
C PRO A 10 3.57 8.34 -3.46
N PRO A 11 3.07 8.63 -4.67
CA PRO A 11 3.91 8.76 -5.86
C PRO A 11 4.79 10.00 -5.82
N SER A 12 5.87 9.97 -6.61
CA SER A 12 6.81 11.09 -6.66
C SER A 12 6.06 12.41 -6.90
N ASP A 13 6.65 13.51 -6.44
CA ASP A 13 6.04 14.82 -6.61
C ASP A 13 5.70 15.08 -8.08
N GLU A 14 6.63 14.74 -8.96
CA GLU A 14 6.42 14.92 -10.40
C GLU A 14 5.58 13.79 -10.98
N GLN A 15 5.62 12.64 -10.33
CA GLN A 15 4.88 11.47 -10.78
C GLN A 15 3.41 11.81 -11.01
N LEU A 16 2.78 12.36 -9.97
CA LEU A 16 1.38 12.75 -10.05
C LEU A 16 1.14 13.76 -11.16
N LYS A 17 2.09 14.68 -11.31
CA LYS A 17 2.00 15.71 -12.34
C LYS A 17 1.86 15.10 -13.73
N SER A 18 2.28 13.84 -13.85
CA SER A 18 2.20 13.12 -15.12
C SER A 18 0.75 12.89 -15.53
N GLY A 19 -0.17 13.09 -14.58
CA GLY A 19 -1.57 12.89 -14.85
C GLY A 19 -2.09 11.58 -14.32
N THR A 20 -1.36 11.00 -13.36
CA THR A 20 -1.75 9.74 -12.76
C THR A 20 -0.97 9.49 -11.46
N ALA A 21 -1.71 9.15 -10.40
CA ALA A 21 -1.08 8.89 -9.11
C ALA A 21 -0.88 7.38 -8.90
N SER A 22 0.31 7.01 -8.46
CA SER A 22 0.63 5.60 -8.23
C SER A 22 1.18 5.40 -6.82
N VAL A 23 0.46 4.63 -6.01
CA VAL A 23 0.87 4.35 -4.65
C VAL A 23 1.71 3.08 -4.56
N VAL A 24 2.73 3.11 -3.72
CA VAL A 24 3.62 1.96 -3.55
C VAL A 24 3.69 1.54 -2.09
N CYS A 25 3.72 0.23 -1.86
CA CYS A 25 3.80 -0.31 -0.50
C CYS A 25 4.90 -1.34 -0.39
N LEU A 26 5.70 -1.23 0.67
CA LEU A 26 6.80 -2.16 0.89
C LEU A 26 6.42 -3.22 1.93
N LEU A 27 6.63 -4.48 1.58
CA LEU A 27 6.31 -5.59 2.48
C LEU A 27 7.58 -6.17 3.10
N ASN A 28 7.48 -6.55 4.37
CA ASN A 28 8.62 -7.12 5.09
C ASN A 28 8.56 -8.65 5.08
N ASN A 29 9.69 -9.28 5.38
CA ASN A 29 9.77 -10.73 5.40
C ASN A 29 8.55 -11.33 6.11
N PHE A 30 7.68 -11.96 5.33
CA PHE A 30 6.47 -12.57 5.88
C PHE A 30 6.70 -14.06 6.16
N TYR A 31 5.78 -14.66 6.90
CA TYR A 31 5.88 -16.07 7.25
C TYR A 31 5.24 -16.94 6.19
N PRO A 32 3.90 -16.94 6.15
CA PRO A 32 3.13 -17.73 5.18
C PRO A 32 3.26 -17.18 3.76
N ARG A 33 3.40 -18.09 2.79
CA ARG A 33 3.54 -17.71 1.40
C ARG A 33 2.26 -17.05 0.89
N GLU A 34 1.19 -17.15 1.67
CA GLU A 34 -0.08 -16.56 1.30
C GLU A 34 -0.22 -15.15 1.86
N ALA A 35 0.90 -14.44 1.92
CA ALA A 35 0.90 -13.07 2.44
C ALA A 35 0.60 -12.06 1.34
N LYS A 36 -0.53 -11.37 1.48
CA LYS A 36 -0.94 -10.37 0.49
C LYS A 36 -1.15 -9.02 1.15
N VAL A 37 -0.87 -7.95 0.40
CA VAL A 37 -1.04 -6.60 0.91
C VAL A 37 -2.35 -5.99 0.45
N GLN A 38 -2.99 -5.23 1.33
CA GLN A 38 -4.27 -4.60 1.02
C GLN A 38 -4.09 -3.09 0.78
N TRP A 39 -4.73 -2.58 -0.26
CA TRP A 39 -4.64 -1.16 -0.59
C TRP A 39 -5.78 -0.39 0.05
N LYS A 40 -5.45 0.76 0.64
CA LYS A 40 -6.44 1.61 1.29
C LYS A 40 -6.08 3.08 1.13
N VAL A 41 -7.00 3.85 0.56
CA VAL A 41 -6.79 5.28 0.37
C VAL A 41 -8.00 6.10 0.81
N ASP A 42 -7.77 7.03 1.73
CA ASP A 42 -8.85 7.87 2.25
C ASP A 42 -10.06 7.03 2.65
N ASN A 43 -9.79 5.89 3.28
CA ASN A 43 -10.86 5.00 3.72
C ASN A 43 -11.52 4.32 2.53
N ALA A 44 -10.75 4.13 1.45
CA ALA A 44 -11.27 3.48 0.25
C ALA A 44 -10.31 2.41 -0.26
N LEU A 45 -10.77 1.17 -0.26
CA LEU A 45 -9.95 0.05 -0.72
C LEU A 45 -9.72 0.14 -2.22
N GLN A 46 -8.49 -0.14 -2.64
CA GLN A 46 -8.13 -0.10 -4.05
C GLN A 46 -8.04 -1.50 -4.64
N SER A 47 -9.15 -1.98 -5.17
CA SER A 47 -9.21 -3.32 -5.76
C SER A 47 -9.26 -3.25 -7.28
N GLY A 48 -8.38 -3.99 -7.94
CA GLY A 48 -8.35 -4.00 -9.39
C GLY A 48 -7.37 -2.98 -9.95
N ASN A 49 -7.12 -1.91 -9.19
CA ASN A 49 -6.21 -0.86 -9.61
C ASN A 49 -4.82 -1.08 -9.02
N SER A 50 -4.43 -2.34 -8.90
CA SER A 50 -3.12 -2.69 -8.36
C SER A 50 -2.58 -3.97 -9.01
N GLN A 51 -1.30 -3.93 -9.40
CA GLN A 51 -0.67 -5.07 -10.03
C GLN A 51 0.85 -5.01 -9.88
N GLU A 52 1.42 -6.00 -9.21
CA GLU A 52 2.87 -6.05 -9.00
C GLU A 52 3.40 -7.46 -9.19
N SER A 53 4.70 -7.58 -9.40
CA SER A 53 5.33 -8.88 -9.60
C SER A 53 5.89 -9.43 -8.28
N VAL A 54 6.24 -10.70 -8.29
CA VAL A 54 6.79 -11.35 -7.11
C VAL A 54 8.31 -11.22 -7.06
N THR A 55 8.82 -10.69 -5.95
CA THR A 55 10.25 -10.51 -5.78
C THR A 55 10.93 -11.82 -5.40
N GLU A 56 12.07 -12.09 -6.02
CA GLU A 56 12.82 -13.31 -5.75
C GLU A 56 13.48 -13.26 -4.37
N GLN A 57 13.56 -14.40 -3.72
CA GLN A 57 14.16 -14.48 -2.39
C GLN A 57 15.59 -13.95 -2.42
N ASP A 58 15.96 -13.23 -1.36
CA ASP A 58 17.30 -12.67 -1.26
C ASP A 58 18.36 -13.75 -1.33
N SER A 59 19.62 -13.36 -1.19
CA SER A 59 20.73 -14.30 -1.24
C SER A 59 21.60 -14.19 0.01
N LYS A 60 21.86 -12.95 0.43
CA LYS A 60 22.68 -12.70 1.61
C LYS A 60 22.17 -13.48 2.81
N ASP A 61 20.84 -13.52 2.96
CA ASP A 61 20.22 -14.24 4.07
C ASP A 61 19.03 -15.05 3.58
N SER A 62 18.86 -15.12 2.26
CA SER A 62 17.75 -15.86 1.67
C SER A 62 16.43 -15.47 2.33
N THR A 63 16.25 -14.18 2.59
CA THR A 63 15.04 -13.68 3.22
C THR A 63 13.91 -13.53 2.20
N TYR A 64 12.74 -13.13 2.67
CA TYR A 64 11.59 -12.94 1.79
C TYR A 64 11.14 -11.48 1.79
N SER A 65 10.54 -11.06 0.68
CA SER A 65 10.06 -9.68 0.54
C SER A 65 9.14 -9.55 -0.66
N LEU A 66 8.16 -8.66 -0.55
CA LEU A 66 7.20 -8.43 -1.63
C LEU A 66 6.85 -6.95 -1.74
N SER A 67 6.42 -6.54 -2.92
CA SER A 67 6.05 -5.15 -3.16
C SER A 67 4.79 -5.07 -4.03
N SER A 68 3.97 -4.04 -3.77
CA SER A 68 2.74 -3.85 -4.53
C SER A 68 2.75 -2.51 -5.26
N THR A 69 2.21 -2.50 -6.47
CA THR A 69 2.16 -1.28 -7.27
C THR A 69 0.73 -0.84 -7.52
N LEU A 70 0.36 0.32 -6.98
CA LEU A 70 -0.99 0.85 -7.12
C LEU A 70 -1.05 1.85 -8.27
N THR A 71 -2.01 1.67 -9.17
CA THR A 71 -2.18 2.56 -10.31
C THR A 71 -3.50 3.32 -10.23
N LEU A 72 -3.41 4.63 -9.99
CA LEU A 72 -4.60 5.47 -9.90
C LEU A 72 -4.48 6.70 -10.79
N SER A 73 -5.62 7.27 -11.16
CA SER A 73 -5.63 8.45 -12.03
C SER A 73 -5.36 9.72 -11.21
N LYS A 74 -4.94 10.77 -11.90
CA LYS A 74 -4.63 12.04 -11.25
C LYS A 74 -5.84 12.55 -10.47
N ALA A 75 -7.02 12.50 -11.09
CA ALA A 75 -8.24 12.94 -10.44
C ALA A 75 -8.67 11.98 -9.33
N ASP A 76 -8.44 10.69 -9.56
CA ASP A 76 -8.79 9.66 -8.58
C ASP A 76 -8.09 9.93 -7.24
N TYR A 77 -6.80 10.19 -7.31
CA TYR A 77 -6.01 10.46 -6.10
C TYR A 77 -6.31 11.85 -5.55
N GLU A 78 -6.69 12.76 -6.44
CA GLU A 78 -7.00 14.13 -6.04
C GLU A 78 -8.11 14.15 -5.00
N LYS A 79 -9.06 13.22 -5.12
CA LYS A 79 -10.17 13.13 -4.18
C LYS A 79 -9.72 12.52 -2.86
N HIS A 80 -8.58 11.84 -2.89
CA HIS A 80 -8.03 11.20 -1.70
C HIS A 80 -6.83 11.97 -1.18
N LYS A 81 -6.29 11.52 -0.05
CA LYS A 81 -5.13 12.15 0.56
C LYS A 81 -4.43 11.21 1.53
N VAL A 82 -5.20 10.30 2.12
CA VAL A 82 -4.66 9.33 3.07
C VAL A 82 -4.22 8.06 2.36
N TYR A 83 -3.07 7.51 2.79
CA TYR A 83 -2.54 6.29 2.19
C TYR A 83 -2.11 5.31 3.27
N ALA A 84 -2.62 4.08 3.17
CA ALA A 84 -2.28 3.04 4.14
C ALA A 84 -2.28 1.67 3.48
N CYS A 85 -1.47 0.76 4.03
CA CYS A 85 -1.38 -0.60 3.50
C CYS A 85 -1.12 -1.60 4.62
N GLU A 86 -1.89 -2.68 4.62
CA GLU A 86 -1.75 -3.72 5.64
C GLU A 86 -1.78 -5.11 5.01
N VAL A 87 -1.07 -6.05 5.62
CA VAL A 87 -1.02 -7.41 5.12
C VAL A 87 -2.18 -8.23 5.64
N THR A 88 -2.80 -9.01 4.75
CA THR A 88 -3.93 -9.85 5.12
C THR A 88 -3.73 -11.29 4.64
N HIS A 89 -4.32 -12.23 5.38
CA HIS A 89 -4.20 -13.64 5.04
C HIS A 89 -5.08 -14.50 5.94
N GLN A 90 -5.04 -15.81 5.74
CA GLN A 90 -5.83 -16.73 6.54
C GLN A 90 -5.62 -16.49 8.03
N GLY A 91 -4.44 -15.99 8.38
CA GLY A 91 -4.13 -15.72 9.78
C GLY A 91 -5.07 -14.70 10.39
N LEU A 92 -4.57 -13.49 10.61
CA LEU A 92 -5.37 -12.43 11.21
C LEU A 92 -5.84 -11.44 10.13
N SER A 93 -6.97 -10.77 10.41
CA SER A 93 -7.52 -9.81 9.48
C SER A 93 -6.46 -8.79 9.04
N SER A 94 -5.80 -8.18 10.03
CA SER A 94 -4.77 -7.19 9.74
C SER A 94 -3.91 -6.95 10.99
N PRO A 95 -2.58 -6.95 10.78
CA PRO A 95 -1.61 -6.74 11.86
C PRO A 95 -1.63 -5.30 12.37
N VAL A 96 -0.84 -4.44 11.75
CA VAL A 96 -0.76 -3.04 12.14
C VAL A 96 -1.07 -2.13 10.96
N THR A 97 -2.12 -1.32 11.10
CA THR A 97 -2.54 -0.40 10.06
C THR A 97 -1.74 0.91 10.13
N LYS A 98 -0.93 1.15 9.11
CA LYS A 98 -0.11 2.35 9.05
C LYS A 98 -0.57 3.27 7.91
N SER A 99 -1.13 4.42 8.26
CA SER A 99 -1.61 5.37 7.27
C SER A 99 -1.01 6.76 7.52
N PHE A 100 -1.07 7.61 6.50
CA PHE A 100 -0.55 8.97 6.61
C PHE A 100 -1.27 9.92 5.66
N ASN A 101 -1.49 11.15 6.11
CA ASN A 101 -2.19 12.15 5.31
C ASN A 101 -1.19 12.98 4.52
N ARG A 102 -1.51 13.25 3.25
CA ARG A 102 -0.64 14.03 2.39
C ARG A 102 -1.18 15.45 2.22
N GLY A 103 -2.51 15.57 2.21
CA GLY A 103 -3.14 16.88 2.06
C GLY A 103 -3.54 17.49 3.39
N GLU A 104 -4.49 16.85 4.06
CA GLU A 104 -4.96 17.35 5.36
C GLU A 104 -5.41 16.19 6.24
N SER A 105 -5.70 16.50 7.50
CA SER A 105 -6.14 15.50 8.46
C SER A 105 -7.54 14.98 8.12
N GLU A 106 -7.90 13.83 8.67
CA GLU A 106 -9.21 13.23 8.41
C GLU A 106 -10.18 13.58 9.53
N ASN A 107 -10.07 14.81 10.05
CA ASN A 107 -10.94 15.26 11.13
C ASN A 107 -11.70 16.51 10.72
N LEU A 108 -12.14 16.54 9.46
CA LEU A 108 -12.88 17.68 8.95
C LEU A 108 -14.19 17.23 8.30
N TYR A 109 -15.02 18.19 7.91
CA TYR A 109 -16.30 17.89 7.27
C TYR A 109 -16.11 17.56 5.79
N PHE A 110 -17.17 17.07 5.16
CA PHE A 110 -17.11 16.71 3.75
C PHE A 110 -16.58 17.87 2.92
N GLN A 111 -15.72 17.54 1.95
CA GLN A 111 -15.13 18.56 1.08
C GLN A 111 -14.23 17.93 0.04
#